data_3MGV
#
_entry.id   3MGV
#
_cell.length_a   136.046
_cell.length_b   136.046
_cell.length_c   218.431
_cell.angle_alpha   90.00
_cell.angle_beta   90.00
_cell.angle_gamma   120.00
#
_symmetry.space_group_name_H-M   'P 32 2 1'
#
loop_
_entity.id
_entity.type
_entity.pdbx_description
1 polymer 'Recombinase cre'
2 polymer "DNA (5'-D(*TP*AP*TP*AP*AP*CP*TP*TP*CP*GP*TP*AP*TP*AP*G)-3')"
3 polymer "DNA (5'-D(*CP*AP*TP*AP*TP*GP*CP*TP*AP*TP*AP*CP*GP*AP*AP*GP*TP*TP*AP*T)-3')"
4 non-polymer 'VANADATE ION'
5 water water
#
loop_
_entity_poly.entity_id
_entity_poly.type
_entity_poly.pdbx_seq_one_letter_code
_entity_poly.pdbx_strand_id
1 'polypeptide(L)'
;MSNLLTVHQNLPALPVDATSDEVRKNLMDMFRDRQAFSEHTWKMLLSVCRSWAAWCKLNNRKWFPAEPEDVRDYLLYLQA
RGLAVKTIQQHLGQLNMLHRRSGLPRPSDSNAVSLVMRRIRKENVDAGERAKQALAFERTDFDQVRSLMENSDRCQDIRN
LAFLGIAYNTLLRIAEIARIRVKDISRTDGGRMLIHIGRTKTLVSTAGVEKALSLGVTKLVERWISVSGVADDPNNYLFC
RVRKNGVAAPSATSQLSTRALEGIFEATHRLIYGAKDDSGQRYLAWSGHSARVGAARDMARAGVSIPEIMQAGGWTNVNI
VMNYIRNLDSETGAMVRLLEDGD
;
A,B,C,D
2 'polydeoxyribonucleotide' (DT)(DA)(DT)(DA)(DA)(DC)(DT)(DT)(DC)(DG)(DT)(DA)(DT)(DA)(DG) E,G,I,L
3 'polydeoxyribonucleotide' (DC)(DA)(DT)(DA)(DT)(DG)(DC)(DT)(DA)(DT)(DA)(DC)(DG)(DA)(DA)(DG)(DT)(DT)(DA)(DT) F,H,K,M
#
loop_
_chem_comp.id
_chem_comp.type
_chem_comp.name
_chem_comp.formula
DA DNA linking 2'-DEOXYADENOSINE-5'-MONOPHOSPHATE 'C10 H14 N5 O6 P'
DC DNA linking 2'-DEOXYCYTIDINE-5'-MONOPHOSPHATE 'C9 H14 N3 O7 P'
DG DNA linking 2'-DEOXYGUANOSINE-5'-MONOPHOSPHATE 'C10 H14 N5 O7 P'
DT DNA linking THYMIDINE-5'-MONOPHOSPHATE 'C10 H15 N2 O8 P'
VO4 non-polymer 'VANADATE ION' 'O4 V -3'
#
# COMPACT_ATOMS: atom_id res chain seq x y z
N SER A 20 35.27 17.71 -18.35
CA SER A 20 35.19 19.20 -18.30
C SER A 20 34.61 19.80 -19.58
N ASP A 21 34.82 19.10 -20.70
CA ASP A 21 34.13 19.42 -21.93
C ASP A 21 32.76 18.72 -21.98
N GLU A 22 32.67 17.55 -21.35
CA GLU A 22 31.39 16.84 -21.19
C GLU A 22 30.41 17.68 -20.36
N VAL A 23 30.86 18.17 -19.19
CA VAL A 23 30.06 19.06 -18.34
C VAL A 23 29.60 20.32 -19.08
N ARG A 24 30.54 20.92 -19.83
CA ARG A 24 30.25 22.09 -20.67
C ARG A 24 29.17 21.82 -21.73
N LYS A 25 29.26 20.66 -22.41
CA LYS A 25 28.23 20.20 -23.34
C LYS A 25 26.89 19.93 -22.64
N ASN A 26 26.96 19.24 -21.51
CA ASN A 26 25.78 18.93 -20.67
C ASN A 26 25.00 20.18 -20.28
N LEU A 27 25.71 21.23 -19.85
CA LEU A 27 25.09 22.51 -19.51
C LEU A 27 24.52 23.24 -20.72
N MET A 28 25.23 23.17 -21.86
CA MET A 28 24.76 23.77 -23.10
C MET A 28 23.45 23.09 -23.51
N ASP A 29 23.42 21.75 -23.40
CA ASP A 29 22.20 20.96 -23.66
C ASP A 29 21.05 21.40 -22.78
N MET A 30 21.37 21.71 -21.52
CA MET A 30 20.39 22.21 -20.57
C MET A 30 19.85 23.57 -21.02
N PHE A 31 20.76 24.44 -21.47
CA PHE A 31 20.34 25.74 -22.02
C PHE A 31 19.46 25.60 -23.26
N ARG A 32 19.91 24.78 -24.22
CA ARG A 32 19.16 24.61 -25.45
C ARG A 32 17.71 24.19 -25.18
N ASP A 33 17.54 23.19 -24.32
CA ASP A 33 16.20 22.73 -23.97
C ASP A 33 15.71 23.29 -22.64
N ARG A 34 15.93 24.59 -22.48
CA ARG A 34 15.44 25.44 -21.38
C ARG A 34 14.02 25.04 -20.94
N GLN A 35 13.15 24.90 -21.94
CA GLN A 35 11.73 24.76 -21.72
C GLN A 35 11.34 23.38 -21.20
N ALA A 36 12.33 22.54 -20.92
CA ALA A 36 12.10 21.26 -20.25
C ALA A 36 11.64 21.48 -18.81
N PHE A 37 11.95 22.64 -18.25
CA PHE A 37 11.56 23.00 -16.89
C PHE A 37 10.73 24.27 -16.84
N SER A 38 9.83 24.34 -15.86
CA SER A 38 9.01 25.55 -15.59
C SER A 38 9.92 26.73 -15.30
N GLU A 39 9.49 27.93 -15.69
CA GLU A 39 10.17 29.17 -15.28
C GLU A 39 10.36 29.24 -13.77
N HIS A 40 9.42 28.68 -13.02
CA HIS A 40 9.47 28.67 -11.55
C HIS A 40 10.57 27.77 -11.03
N THR A 41 10.83 26.65 -11.74
CA THR A 41 11.95 25.75 -11.44
C THR A 41 13.29 26.47 -11.67
N TRP A 42 13.49 27.06 -12.86
CA TRP A 42 14.70 27.87 -13.13
C TRP A 42 14.96 29.00 -12.13
N LYS A 43 13.89 29.71 -11.76
CA LYS A 43 13.98 30.82 -10.81
C LYS A 43 14.57 30.33 -9.46
N MET A 44 14.13 29.16 -9.02
CA MET A 44 14.63 28.51 -7.81
C MET A 44 16.06 27.97 -7.97
N LEU A 45 16.37 27.41 -9.13
CA LEU A 45 17.74 26.95 -9.39
C LEU A 45 18.71 28.10 -9.25
N LEU A 46 18.34 29.24 -9.81
CA LEU A 46 19.25 30.40 -9.83
C LEU A 46 19.36 30.99 -8.45
N SER A 47 18.23 31.07 -7.76
CA SER A 47 18.18 31.58 -6.42
C SER A 47 19.06 30.76 -5.46
N VAL A 48 18.99 29.44 -5.59
CA VAL A 48 19.77 28.57 -4.72
C VAL A 48 21.26 28.71 -5.08
N CYS A 49 21.56 28.69 -6.38
CA CYS A 49 22.95 28.94 -6.85
C CYS A 49 23.56 30.23 -6.33
N ARG A 50 22.81 31.34 -6.37
CA ARG A 50 23.25 32.59 -5.72
C ARG A 50 23.57 32.42 -4.26
N SER A 51 22.66 31.80 -3.51
CA SER A 51 22.88 31.60 -2.09
C SER A 51 24.09 30.70 -1.89
N TRP A 52 24.19 29.62 -2.65
CA TRP A 52 25.26 28.64 -2.44
C TRP A 52 26.60 29.24 -2.82
N ALA A 53 26.65 29.93 -3.96
CA ALA A 53 27.91 30.57 -4.40
C ALA A 53 28.33 31.72 -3.46
N ALA A 54 27.39 32.52 -2.96
CA ALA A 54 27.72 33.56 -1.97
C ALA A 54 28.35 32.98 -0.71
N TRP A 55 27.74 31.92 -0.15
CA TRP A 55 28.27 31.22 1.00
C TRP A 55 29.66 30.58 0.74
N CYS A 56 29.85 30.05 -0.47
CA CYS A 56 31.15 29.47 -0.87
C CYS A 56 32.25 30.53 -0.91
N LYS A 57 31.95 31.68 -1.53
CA LYS A 57 32.92 32.80 -1.57
C LYS A 57 33.31 33.22 -0.16
N LEU A 58 32.33 33.29 0.72
CA LEU A 58 32.60 33.69 2.09
C LEU A 58 33.44 32.67 2.82
N ASN A 59 33.20 31.40 2.55
CA ASN A 59 33.85 30.34 3.30
C ASN A 59 35.00 29.72 2.54
N ASN A 60 35.33 30.34 1.41
CA ASN A 60 36.47 29.95 0.59
C ASN A 60 36.36 28.49 0.14
N ARG A 61 35.19 28.12 -0.38
CA ARG A 61 34.97 26.78 -0.91
C ARG A 61 34.72 26.89 -2.40
N LYS A 62 35.02 25.83 -3.13
CA LYS A 62 34.75 25.76 -4.55
C LYS A 62 33.25 25.46 -4.73
N TRP A 63 32.55 26.32 -5.47
CA TRP A 63 31.10 26.17 -5.66
C TRP A 63 30.68 25.08 -6.69
N PHE A 64 31.57 24.76 -7.63
CA PHE A 64 31.24 23.82 -8.68
C PHE A 64 32.53 23.17 -9.18
N PRO A 65 32.62 21.84 -9.15
CA PRO A 65 31.65 20.92 -8.54
C PRO A 65 31.57 21.10 -7.02
N ALA A 66 30.41 20.81 -6.46
CA ALA A 66 30.18 20.98 -5.04
C ALA A 66 30.67 19.73 -4.33
N GLU A 67 31.51 19.91 -3.32
CA GLU A 67 31.98 18.82 -2.51
C GLU A 67 31.08 18.60 -1.31
N PRO A 68 30.81 17.33 -0.98
CA PRO A 68 29.97 16.89 0.13
C PRO A 68 30.25 17.56 1.47
N GLU A 69 31.50 17.75 1.84
CA GLU A 69 31.82 18.41 3.12
C GLU A 69 31.35 19.86 3.13
N ASP A 70 31.48 20.51 1.98
CA ASP A 70 31.07 21.89 1.83
C ASP A 70 29.54 22.03 1.83
N VAL A 71 28.85 21.17 1.06
CA VAL A 71 27.38 21.16 1.04
C VAL A 71 26.84 20.91 2.47
N ARG A 72 27.46 19.97 3.18
CA ARG A 72 27.11 19.73 4.57
C ARG A 72 27.17 20.99 5.44
N ASP A 73 28.31 21.68 5.43
CA ASP A 73 28.45 22.92 6.19
C ASP A 73 27.37 23.95 5.76
N TYR A 74 27.16 24.09 4.44
CA TYR A 74 26.10 24.94 3.90
C TYR A 74 24.70 24.60 4.46
N LEU A 75 24.36 23.32 4.47
CA LEU A 75 23.04 22.91 4.95
C LEU A 75 22.89 23.23 6.43
N LEU A 76 23.97 23.08 7.19
CA LEU A 76 23.93 23.43 8.62
C LEU A 76 23.75 24.95 8.79
N TYR A 77 24.32 25.72 7.86
CA TYR A 77 24.16 27.15 7.83
C TYR A 77 22.69 27.51 7.54
N LEU A 78 22.06 26.83 6.59
CA LEU A 78 20.63 27.07 6.31
C LEU A 78 19.75 26.75 7.50
N GLN A 79 20.11 25.70 8.24
CA GLN A 79 19.35 25.34 9.45
C GLN A 79 19.46 26.44 10.50
N ALA A 80 20.69 26.93 10.71
CA ALA A 80 20.94 27.98 11.69
C ALA A 80 20.24 29.27 11.34
N ARG A 81 20.00 29.48 10.06
CA ARG A 81 19.35 30.67 9.59
C ARG A 81 17.87 30.64 9.99
N GLY A 82 17.34 29.47 10.31
CA GLY A 82 15.92 29.31 10.64
C GLY A 82 15.02 28.91 9.46
N LEU A 83 15.63 28.52 8.35
CA LEU A 83 14.90 28.03 7.18
C LEU A 83 14.19 26.70 7.46
N ALA A 84 13.03 26.51 6.83
CA ALA A 84 12.22 25.30 7.07
C ALA A 84 12.85 24.11 6.39
N VAL A 85 12.51 22.92 6.88
CA VAL A 85 13.04 21.67 6.36
C VAL A 85 12.86 21.61 4.84
N LYS A 86 11.67 21.97 4.41
CA LYS A 86 11.33 21.93 3.00
C LYS A 86 12.18 22.95 2.18
N THR A 87 12.51 24.09 2.78
CA THR A 87 13.42 25.01 2.14
C THR A 87 14.83 24.41 2.02
N ILE A 88 15.31 23.83 3.10
CA ILE A 88 16.63 23.17 3.08
C ILE A 88 16.65 22.08 2.01
N GLN A 89 15.54 21.34 1.87
CA GLN A 89 15.45 20.32 0.83
C GLN A 89 15.45 20.90 -0.57
N GLN A 90 14.81 22.06 -0.75
CA GLN A 90 14.84 22.76 -2.01
C GLN A 90 16.28 23.11 -2.40
N HIS A 91 17.08 23.56 -1.43
CA HIS A 91 18.47 23.95 -1.72
C HIS A 91 19.27 22.73 -2.15
N LEU A 92 19.15 21.63 -1.38
CA LEU A 92 19.78 20.35 -1.70
C LEU A 92 19.31 19.82 -3.05
N GLY A 93 17.98 19.76 -3.23
CA GLY A 93 17.38 19.32 -4.50
C GLY A 93 17.91 20.07 -5.72
N GLN A 94 18.12 21.37 -5.61
CA GLN A 94 18.57 22.16 -6.76
C GLN A 94 20.04 21.95 -7.06
N LEU A 95 20.85 21.81 -6.01
CA LEU A 95 22.24 21.40 -6.20
C LEU A 95 22.29 20.03 -6.83
N ASN A 96 21.49 19.09 -6.32
CA ASN A 96 21.34 17.78 -6.94
C ASN A 96 21.05 17.80 -8.45
N MET A 97 20.02 18.55 -8.85
CA MET A 97 19.64 18.64 -10.27
C MET A 97 20.78 19.21 -11.09
N LEU A 98 21.36 20.31 -10.63
CA LEU A 98 22.46 20.94 -11.35
C LEU A 98 23.60 19.93 -11.58
N HIS A 99 23.96 19.20 -10.52
CA HIS A 99 25.00 18.17 -10.63
C HIS A 99 24.60 16.98 -11.53
N ARG A 100 23.42 16.41 -11.31
CA ARG A 100 22.94 15.32 -12.18
C ARG A 100 22.87 15.72 -13.68
N ARG A 101 22.28 16.88 -14.01
CA ARG A 101 22.21 17.28 -15.41
C ARG A 101 23.54 17.75 -15.95
N SER A 102 24.53 17.94 -15.08
CA SER A 102 25.91 18.21 -15.46
C SER A 102 26.70 16.91 -15.69
N GLY A 103 26.21 15.79 -15.16
CA GLY A 103 26.94 14.52 -15.22
C GLY A 103 27.89 14.32 -14.05
N LEU A 104 27.58 14.95 -12.92
CA LEU A 104 28.46 14.98 -11.77
C LEU A 104 27.88 14.22 -10.60
N PRO A 105 28.74 13.81 -9.63
CA PRO A 105 28.17 13.23 -8.44
C PRO A 105 27.22 14.21 -7.74
N ARG A 106 26.06 13.70 -7.33
CA ARG A 106 25.10 14.49 -6.60
C ARG A 106 25.51 14.60 -5.12
N PRO A 107 25.51 15.82 -4.57
CA PRO A 107 25.80 16.03 -3.15
C PRO A 107 25.03 15.05 -2.24
N SER A 108 23.76 14.82 -2.55
CA SER A 108 22.89 13.85 -1.83
C SER A 108 23.41 12.43 -1.77
N ASP A 109 24.14 12.00 -2.81
CA ASP A 109 24.71 10.65 -2.86
C ASP A 109 25.99 10.48 -2.03
N SER A 110 26.13 11.24 -0.94
CA SER A 110 27.34 11.15 -0.14
C SER A 110 26.93 10.95 1.29
N ASN A 111 27.80 10.27 2.03
CA ASN A 111 27.60 9.99 3.45
C ASN A 111 27.34 11.27 4.27
N ALA A 112 28.21 12.26 4.08
CA ALA A 112 28.14 13.46 4.88
C ALA A 112 26.79 14.16 4.72
N VAL A 113 26.33 14.28 3.47
CA VAL A 113 25.07 15.00 3.21
C VAL A 113 23.86 14.20 3.71
N SER A 114 23.86 12.90 3.42
CA SER A 114 22.83 11.99 3.93
C SER A 114 22.63 12.10 5.43
N LEU A 115 23.74 12.05 6.17
CA LEU A 115 23.71 12.10 7.62
C LEU A 115 23.17 13.43 8.14
N VAL A 116 23.70 14.59 7.67
CA VAL A 116 23.18 15.88 8.20
C VAL A 116 21.71 16.14 7.92
N MET A 117 21.22 15.72 6.74
CA MET A 117 19.81 15.98 6.37
C MET A 117 18.94 15.25 7.36
N ARG A 118 19.34 14.01 7.65
CA ARG A 118 18.67 13.17 8.64
C ARG A 118 18.72 13.85 10.00
N ARG A 119 19.90 14.31 10.39
CA ARG A 119 20.04 15.09 11.63
C ARG A 119 19.21 16.39 11.64
N ILE A 120 19.28 17.17 10.57
CA ILE A 120 18.55 18.44 10.51
C ILE A 120 17.02 18.21 10.66
N ARG A 121 16.49 17.28 9.88
CA ARG A 121 15.08 16.89 9.96
C ARG A 121 14.62 16.60 11.39
N LYS A 122 15.39 15.77 12.11
CA LYS A 122 15.06 15.41 13.48
C LYS A 122 15.09 16.59 14.42
N GLU A 123 16.18 17.35 14.39
CA GLU A 123 16.33 18.49 15.27
C GLU A 123 15.27 19.57 15.01
N ASN A 124 14.93 19.82 13.76
CA ASN A 124 13.93 20.86 13.52
C ASN A 124 12.55 20.46 14.05
N VAL A 125 12.15 19.21 13.78
CA VAL A 125 10.90 18.66 14.28
C VAL A 125 10.88 18.71 15.80
N ASP A 126 11.97 18.27 16.44
CA ASP A 126 12.14 18.38 17.90
C ASP A 126 12.15 19.80 18.49
N ALA A 127 12.65 20.77 17.74
CA ALA A 127 12.57 22.17 18.15
C ALA A 127 11.14 22.72 18.00
N GLY A 128 10.26 21.94 17.40
CA GLY A 128 8.87 22.37 17.22
C GLY A 128 8.54 23.03 15.87
N GLU A 129 9.39 22.86 14.86
CA GLU A 129 9.07 23.40 13.54
C GLU A 129 7.78 22.76 13.05
N ARG A 130 6.84 23.59 12.61
CA ARG A 130 5.61 23.08 12.06
C ARG A 130 5.37 23.61 10.65
N ALA A 131 5.02 22.72 9.73
CA ALA A 131 4.60 23.10 8.40
C ALA A 131 3.33 23.94 8.49
N LYS A 132 3.25 24.98 7.66
CA LYS A 132 2.09 25.88 7.67
C LYS A 132 1.08 25.53 6.59
N GLN A 133 -0.08 26.14 6.68
CA GLN A 133 -1.20 25.82 5.81
C GLN A 133 -2.03 27.09 5.61
N ALA A 134 -2.54 27.30 4.40
CA ALA A 134 -3.37 28.45 4.10
C ALA A 134 -4.56 28.57 5.09
N LEU A 135 -4.88 29.79 5.50
CA LEU A 135 -6.07 30.07 6.33
C LEU A 135 -7.23 29.71 5.46
N ALA A 136 -8.15 28.93 6.00
CA ALA A 136 -9.31 28.48 5.24
C ALA A 136 -10.27 29.65 4.89
N PHE A 137 -10.70 29.70 3.64
CA PHE A 137 -11.77 30.58 3.16
C PHE A 137 -12.94 29.64 2.89
N GLU A 138 -13.86 29.54 3.83
CA GLU A 138 -14.93 28.55 3.77
C GLU A 138 -16.26 29.20 3.37
N ARG A 139 -17.30 28.39 3.28
CA ARG A 139 -18.61 28.81 2.87
C ARG A 139 -19.08 29.99 3.73
N THR A 140 -18.77 29.94 5.03
CA THR A 140 -19.23 30.95 5.97
C THR A 140 -18.51 32.27 5.73
N ASP A 141 -17.28 32.21 5.24
CA ASP A 141 -16.50 33.40 4.90
C ASP A 141 -17.04 33.96 3.59
N PHE A 142 -17.36 33.06 2.67
CA PHE A 142 -17.83 33.47 1.35
C PHE A 142 -19.19 34.19 1.44
N ASP A 143 -20.09 33.62 2.22
CA ASP A 143 -21.41 34.18 2.49
C ASP A 143 -21.27 35.52 3.18
N GLN A 144 -20.44 35.57 4.21
CA GLN A 144 -20.20 36.80 4.94
C GLN A 144 -19.65 37.90 4.03
N VAL A 145 -18.66 37.57 3.20
CA VAL A 145 -18.09 38.54 2.23
C VAL A 145 -19.15 39.01 1.25
N ARG A 146 -19.97 38.09 0.76
CA ARG A 146 -21.01 38.47 -0.18
C ARG A 146 -21.99 39.45 0.46
N SER A 147 -22.41 39.19 1.69
CA SER A 147 -23.41 40.05 2.28
C SER A 147 -22.81 41.41 2.71
N LEU A 148 -21.50 41.45 3.00
CA LEU A 148 -20.83 42.72 3.27
C LEU A 148 -20.59 43.58 2.03
N MET A 149 -20.45 42.95 0.86
CA MET A 149 -19.99 43.65 -0.33
C MET A 149 -21.05 43.78 -1.45
N GLU A 150 -22.16 43.06 -1.36
CA GLU A 150 -23.06 42.91 -2.52
C GLU A 150 -23.80 44.21 -2.92
N ASN A 151 -23.72 45.22 -2.05
CA ASN A 151 -24.35 46.51 -2.32
C ASN A 151 -23.40 47.43 -3.05
N SER A 152 -22.15 47.01 -3.20
CA SER A 152 -21.20 47.88 -3.87
C SER A 152 -21.43 47.88 -5.38
N ASP A 153 -21.38 49.06 -5.99
CA ASP A 153 -21.47 49.10 -7.47
C ASP A 153 -20.10 49.36 -8.12
N ARG A 154 -19.05 49.41 -7.31
CA ARG A 154 -17.67 49.56 -7.77
C ARG A 154 -17.22 48.38 -8.63
N CYS A 155 -16.60 48.71 -9.75
CA CYS A 155 -16.07 47.73 -10.68
C CYS A 155 -15.10 46.73 -9.99
N GLN A 156 -14.23 47.26 -9.14
CA GLN A 156 -13.23 46.53 -8.36
C GLN A 156 -13.90 45.47 -7.45
N ASP A 157 -14.90 45.91 -6.67
CA ASP A 157 -15.64 45.05 -5.76
C ASP A 157 -16.40 43.96 -6.48
N ILE A 158 -17.12 44.35 -7.54
CA ILE A 158 -17.80 43.39 -8.38
C ILE A 158 -16.85 42.32 -8.97
N ARG A 159 -15.66 42.74 -9.42
CA ARG A 159 -14.64 41.79 -9.90
C ARG A 159 -14.23 40.86 -8.77
N ASN A 160 -13.90 41.45 -7.63
CA ASN A 160 -13.31 40.69 -6.53
C ASN A 160 -14.28 39.63 -6.06
N LEU A 161 -15.55 39.99 -6.03
CA LEU A 161 -16.59 39.07 -5.62
C LEU A 161 -16.68 37.91 -6.58
N ALA A 162 -16.57 38.22 -7.88
CA ALA A 162 -16.66 37.19 -8.90
C ALA A 162 -15.43 36.29 -8.78
N PHE A 163 -14.29 36.88 -8.49
CA PHE A 163 -13.06 36.11 -8.34
C PHE A 163 -13.14 35.17 -7.16
N LEU A 164 -13.61 35.66 -6.02
CA LEU A 164 -13.71 34.82 -4.82
C LEU A 164 -14.70 33.67 -5.03
N GLY A 165 -15.80 33.97 -5.71
CA GLY A 165 -16.78 32.94 -6.08
C GLY A 165 -16.20 31.83 -6.94
N ILE A 166 -15.50 32.22 -8.01
CA ILE A 166 -14.83 31.22 -8.83
C ILE A 166 -13.79 30.42 -8.02
N ALA A 167 -13.01 31.12 -7.20
CA ALA A 167 -11.96 30.45 -6.41
C ALA A 167 -12.56 29.33 -5.54
N TYR A 168 -13.62 29.69 -4.84
CA TYR A 168 -14.28 28.75 -3.93
C TYR A 168 -15.06 27.64 -4.66
N ASN A 169 -15.90 28.05 -5.63
CA ASN A 169 -16.69 27.12 -6.41
C ASN A 169 -15.83 26.08 -7.16
N THR A 170 -14.74 26.53 -7.76
CA THR A 170 -14.01 25.69 -8.70
C THR A 170 -12.76 25.02 -8.14
N LEU A 171 -12.21 25.55 -7.05
CA LEU A 171 -10.93 25.07 -6.50
C LEU A 171 -9.78 25.20 -7.48
N LEU A 172 -9.88 26.07 -8.46
CA LEU A 172 -8.76 26.30 -9.37
C LEU A 172 -7.68 27.13 -8.68
N ARG A 173 -6.43 26.90 -9.08
CA ARG A 173 -5.32 27.68 -8.54
C ARG A 173 -5.39 29.09 -9.08
N ILE A 174 -4.79 30.03 -8.37
CA ILE A 174 -4.71 31.38 -8.88
C ILE A 174 -4.12 31.48 -10.30
N ALA A 175 -3.09 30.69 -10.62
CA ALA A 175 -2.49 30.82 -11.97
C ALA A 175 -3.50 30.39 -12.99
N GLU A 176 -4.31 29.40 -12.63
CA GLU A 176 -5.36 28.86 -13.51
C GLU A 176 -6.56 29.83 -13.70
N ILE A 177 -6.90 30.59 -12.63
CA ILE A 177 -7.96 31.59 -12.72
C ILE A 177 -7.53 32.81 -13.57
N ALA A 178 -6.28 33.20 -13.41
CA ALA A 178 -5.69 34.27 -14.21
C ALA A 178 -5.65 34.02 -15.74
N ARG A 179 -5.63 32.74 -16.14
CA ARG A 179 -5.54 32.31 -17.55
C ARG A 179 -6.90 32.14 -18.22
N ILE A 180 -7.97 32.04 -17.44
CA ILE A 180 -9.28 31.91 -18.05
C ILE A 180 -9.54 33.04 -19.06
N ARG A 181 -9.91 32.66 -20.28
CA ARG A 181 -10.40 33.63 -21.26
C ARG A 181 -11.92 33.56 -21.35
N VAL A 182 -12.55 34.67 -21.71
CA VAL A 182 -14.01 34.72 -21.90
C VAL A 182 -14.51 33.58 -22.78
N LYS A 183 -13.77 33.27 -23.85
CA LYS A 183 -14.16 32.17 -24.72
C LYS A 183 -14.09 30.75 -24.09
N ASP A 184 -13.55 30.64 -22.87
CA ASP A 184 -13.55 29.33 -22.18
C ASP A 184 -14.92 29.10 -21.51
N ILE A 185 -15.74 30.14 -21.48
CA ILE A 185 -17.00 30.09 -20.77
C ILE A 185 -18.15 29.80 -21.73
N SER A 186 -18.94 28.79 -21.40
CA SER A 186 -20.15 28.47 -22.14
C SER A 186 -21.26 28.22 -21.13
N ARG A 187 -22.45 27.87 -21.62
CA ARG A 187 -23.60 27.72 -20.75
C ARG A 187 -24.19 26.32 -20.84
N THR A 188 -24.56 25.76 -19.69
CA THR A 188 -25.26 24.49 -19.67
C THR A 188 -26.76 24.75 -19.85
N ASP A 189 -27.54 23.69 -20.03
CA ASP A 189 -29.00 23.82 -20.15
C ASP A 189 -29.63 24.08 -18.77
N GLY A 190 -28.79 24.08 -17.73
CA GLY A 190 -29.21 24.45 -16.38
C GLY A 190 -29.27 25.95 -16.24
N GLY A 191 -28.57 26.68 -17.12
CA GLY A 191 -28.44 28.12 -17.00
C GLY A 191 -27.10 28.50 -16.38
N ARG A 192 -26.32 27.48 -16.04
CA ARG A 192 -25.02 27.66 -15.33
C ARG A 192 -23.86 27.95 -16.27
N MET A 193 -22.92 28.77 -15.80
CA MET A 193 -21.65 28.90 -16.51
C MET A 193 -20.77 27.68 -16.30
N LEU A 194 -20.09 27.30 -17.36
CA LEU A 194 -19.17 26.16 -17.38
C LEU A 194 -17.84 26.69 -17.94
N ILE A 195 -16.79 26.61 -17.14
CA ILE A 195 -15.47 27.08 -17.55
C ILE A 195 -14.66 25.91 -18.09
N HIS A 196 -14.33 25.96 -19.38
CA HIS A 196 -13.42 25.00 -19.96
C HIS A 196 -11.99 25.34 -19.54
N ILE A 197 -11.23 24.32 -19.16
CA ILE A 197 -9.84 24.52 -18.80
C ILE A 197 -8.95 24.50 -20.04
N GLY A 198 -8.49 25.68 -20.47
CA GLY A 198 -7.72 25.80 -21.70
C GLY A 198 -6.35 25.17 -21.55
N ARG A 199 -5.72 25.37 -20.41
CA ARG A 199 -4.43 24.79 -20.14
C ARG A 199 -4.49 23.99 -18.86
N THR A 200 -4.31 22.69 -18.96
CA THR A 200 -4.31 21.86 -17.78
C THR A 200 -2.97 21.95 -17.08
N LYS A 201 -2.99 21.54 -15.84
CA LYS A 201 -1.82 21.60 -15.02
C LYS A 201 -0.81 20.54 -15.53
N THR A 202 -1.34 19.37 -15.87
CA THR A 202 -0.55 18.21 -16.27
C THR A 202 -1.19 17.60 -17.51
N LEU A 203 -0.48 16.71 -18.20
CA LEU A 203 -1.03 16.01 -19.35
C LEU A 203 -2.31 15.30 -18.95
N VAL A 204 -2.25 14.55 -17.87
CA VAL A 204 -3.39 13.85 -17.32
C VAL A 204 -3.98 14.72 -16.19
N SER A 205 -5.05 15.43 -16.52
CA SER A 205 -5.68 16.40 -15.63
C SER A 205 -6.60 15.80 -14.56
N THR A 206 -6.07 15.64 -13.35
CA THR A 206 -6.80 15.15 -12.19
C THR A 206 -8.09 15.93 -11.89
N ALA A 207 -8.07 17.24 -12.12
CA ALA A 207 -9.22 18.08 -11.84
C ALA A 207 -10.29 18.05 -12.92
N GLY A 208 -10.02 17.36 -14.04
CA GLY A 208 -10.95 17.32 -15.15
C GLY A 208 -10.60 18.39 -16.15
N VAL A 209 -11.50 18.61 -17.11
CA VAL A 209 -11.22 19.54 -18.22
C VAL A 209 -12.16 20.73 -18.19
N GLU A 210 -12.98 20.80 -17.14
CA GLU A 210 -13.96 21.87 -17.01
C GLU A 210 -14.48 22.02 -15.59
N LYS A 211 -15.00 23.20 -15.30
CA LYS A 211 -15.54 23.48 -13.97
C LYS A 211 -16.84 24.22 -14.13
N ALA A 212 -17.86 23.69 -13.49
CA ALA A 212 -19.19 24.28 -13.56
C ALA A 212 -19.39 25.25 -12.39
N LEU A 213 -20.10 26.35 -12.66
CA LEU A 213 -20.41 27.32 -11.60
C LEU A 213 -21.82 27.13 -11.09
N SER A 214 -22.04 27.33 -9.80
CA SER A 214 -23.41 27.35 -9.28
C SER A 214 -24.16 28.52 -9.92
N LEU A 215 -25.47 28.57 -9.71
CA LEU A 215 -26.29 29.62 -10.29
C LEU A 215 -25.92 30.95 -9.66
N GLY A 216 -25.72 30.93 -8.35
CA GLY A 216 -25.35 32.15 -7.62
C GLY A 216 -24.02 32.70 -8.07
N VAL A 217 -23.04 31.82 -8.25
CA VAL A 217 -21.71 32.25 -8.69
C VAL A 217 -21.73 32.62 -10.18
N THR A 218 -22.53 31.91 -10.98
CA THR A 218 -22.83 32.40 -12.35
C THR A 218 -23.28 33.87 -12.33
N LYS A 219 -24.22 34.21 -11.44
CA LYS A 219 -24.73 35.61 -11.30
C LYS A 219 -23.63 36.61 -10.96
N LEU A 220 -22.74 36.22 -10.04
CA LEU A 220 -21.60 37.07 -9.69
C LEU A 220 -20.71 37.39 -10.90
N VAL A 221 -20.48 36.36 -11.72
CA VAL A 221 -19.62 36.48 -12.91
C VAL A 221 -20.31 37.27 -14.05
N GLU A 222 -21.59 37.00 -14.29
CA GLU A 222 -22.40 37.84 -15.21
C GLU A 222 -22.32 39.32 -14.88
N ARG A 223 -22.46 39.64 -13.60
CA ARG A 223 -22.37 41.04 -13.20
C ARG A 223 -21.01 41.65 -13.56
N TRP A 224 -19.93 40.94 -13.25
CA TRP A 224 -18.59 41.42 -13.57
C TRP A 224 -18.39 41.58 -15.08
N ILE A 225 -18.79 40.57 -15.84
CA ILE A 225 -18.66 40.65 -17.30
C ILE A 225 -19.39 41.89 -17.85
N SER A 226 -20.59 42.14 -17.32
CA SER A 226 -21.42 43.25 -17.77
C SER A 226 -20.83 44.64 -17.42
N VAL A 227 -20.22 44.79 -16.25
CA VAL A 227 -19.67 46.10 -15.90
C VAL A 227 -18.28 46.38 -16.49
N SER A 228 -17.54 45.33 -16.85
CA SER A 228 -16.14 45.44 -17.24
C SER A 228 -15.96 45.55 -18.73
N GLY A 229 -16.88 44.96 -19.49
CA GLY A 229 -16.74 44.85 -20.93
C GLY A 229 -15.76 43.80 -21.44
N VAL A 230 -15.39 42.81 -20.61
CA VAL A 230 -14.44 41.78 -21.08
C VAL A 230 -14.98 40.96 -22.26
N ALA A 231 -16.31 40.86 -22.34
CA ALA A 231 -16.92 40.04 -23.39
C ALA A 231 -16.86 40.67 -24.79
N ASP A 232 -16.34 41.89 -24.90
CA ASP A 232 -16.18 42.54 -26.21
C ASP A 232 -15.35 41.71 -27.19
N ASP A 233 -14.23 41.17 -26.69
CA ASP A 233 -13.36 40.25 -27.42
C ASP A 233 -13.32 38.92 -26.66
N PRO A 234 -13.74 37.82 -27.29
CA PRO A 234 -13.75 36.55 -26.57
C PRO A 234 -12.34 36.07 -26.12
N ASN A 235 -11.28 36.60 -26.73
CA ASN A 235 -9.91 36.28 -26.35
C ASN A 235 -9.45 36.99 -25.09
N ASN A 236 -10.24 37.97 -24.64
CA ASN A 236 -9.91 38.70 -23.42
C ASN A 236 -9.86 37.73 -22.26
N TYR A 237 -8.86 37.91 -21.40
CA TYR A 237 -8.87 37.21 -20.13
C TYR A 237 -10.09 37.66 -19.34
N LEU A 238 -10.69 36.73 -18.62
CA LEU A 238 -11.88 37.04 -17.83
C LEU A 238 -11.64 38.15 -16.80
N PHE A 239 -10.54 38.06 -16.05
CA PHE A 239 -10.19 39.05 -15.05
C PHE A 239 -9.15 40.02 -15.58
N CYS A 240 -9.28 41.29 -15.20
CA CYS A 240 -8.32 42.29 -15.65
C CYS A 240 -8.14 43.30 -14.56
N ARG A 241 -7.16 44.16 -14.71
CA ARG A 241 -6.98 45.20 -13.73
C ARG A 241 -8.10 46.23 -13.81
N VAL A 242 -8.29 46.94 -12.70
CA VAL A 242 -9.23 48.03 -12.59
C VAL A 242 -8.51 49.18 -11.91
N ARG A 243 -8.29 50.26 -12.64
CA ARG A 243 -7.60 51.43 -12.12
C ARG A 243 -8.44 52.24 -11.11
N LYS A 244 -7.83 53.26 -10.50
CA LYS A 244 -8.45 53.96 -9.37
C LYS A 244 -9.74 54.70 -9.72
N ASN A 245 -9.92 55.04 -10.98
CA ASN A 245 -11.15 55.71 -11.39
C ASN A 245 -12.29 54.71 -11.64
N GLY A 246 -12.12 53.48 -11.16
CA GLY A 246 -13.10 52.41 -11.32
C GLY A 246 -13.29 51.92 -12.75
N VAL A 247 -12.33 52.20 -13.64
CA VAL A 247 -12.39 51.74 -15.04
C VAL A 247 -11.62 50.43 -15.27
N ALA A 248 -12.30 49.42 -15.82
CA ALA A 248 -11.64 48.15 -16.15
C ALA A 248 -10.86 48.27 -17.44
N ALA A 249 -9.73 47.57 -17.51
CA ALA A 249 -8.91 47.54 -18.73
C ALA A 249 -8.81 46.12 -19.31
N PRO A 250 -9.84 45.68 -20.07
CA PRO A 250 -9.78 44.34 -20.64
C PRO A 250 -8.53 44.11 -21.49
N SER A 251 -8.03 42.88 -21.49
CA SER A 251 -6.87 42.57 -22.31
C SER A 251 -6.86 41.14 -22.77
N ALA A 252 -6.34 40.92 -23.98
CA ALA A 252 -6.23 39.58 -24.53
C ALA A 252 -4.79 39.12 -24.48
N THR A 253 -3.87 40.02 -24.11
CA THR A 253 -2.45 39.67 -24.10
C THR A 253 -1.82 39.80 -22.74
N SER A 254 -2.52 40.44 -21.80
CA SER A 254 -2.01 40.63 -20.46
C SER A 254 -2.98 40.05 -19.39
N GLN A 255 -2.43 39.22 -18.51
CA GLN A 255 -3.20 38.59 -17.44
C GLN A 255 -3.10 39.48 -16.20
N LEU A 256 -4.10 39.40 -15.34
CA LEU A 256 -3.91 39.87 -13.98
C LEU A 256 -2.84 38.95 -13.34
N SER A 257 -1.86 39.52 -12.64
CA SER A 257 -0.80 38.70 -12.05
C SER A 257 -1.38 37.89 -10.88
N THR A 258 -0.74 36.77 -10.56
CA THR A 258 -1.13 35.92 -9.44
C THR A 258 -0.97 36.66 -8.13
N ARG A 259 -0.02 37.60 -8.07
CA ARG A 259 0.19 38.47 -6.94
C ARG A 259 -1.02 39.36 -6.67
N ALA A 260 -1.65 39.89 -7.72
CA ALA A 260 -2.89 40.66 -7.55
C ALA A 260 -4.04 39.80 -7.03
N LEU A 261 -4.15 38.57 -7.51
CA LEU A 261 -5.17 37.66 -6.99
C LEU A 261 -4.96 37.34 -5.50
N GLU A 262 -3.70 37.12 -5.10
CA GLU A 262 -3.40 36.97 -3.67
C GLU A 262 -3.83 38.22 -2.93
N GLY A 263 -3.50 39.39 -3.51
CA GLY A 263 -3.93 40.69 -2.96
C GLY A 263 -5.44 40.84 -2.76
N ILE A 264 -6.25 40.24 -3.61
CA ILE A 264 -7.71 40.26 -3.42
C ILE A 264 -8.08 39.53 -2.13
N PHE A 265 -7.55 38.31 -1.96
CA PHE A 265 -7.80 37.52 -0.76
C PHE A 265 -7.29 38.32 0.47
N GLU A 266 -6.07 38.84 0.35
CA GLU A 266 -5.50 39.63 1.44
C GLU A 266 -6.35 40.89 1.79
N ALA A 267 -6.70 41.69 0.79
CA ALA A 267 -7.53 42.89 1.02
C ALA A 267 -8.91 42.52 1.59
N THR A 268 -9.49 41.44 1.11
CA THR A 268 -10.79 41.03 1.65
C THR A 268 -10.69 40.70 3.15
N HIS A 269 -9.68 39.91 3.50
CA HIS A 269 -9.42 39.64 4.92
C HIS A 269 -9.18 40.94 5.72
N ARG A 270 -8.40 41.86 5.19
CA ARG A 270 -8.08 43.10 5.90
C ARG A 270 -9.35 43.95 6.16
N LEU A 271 -10.24 44.02 5.16
CA LEU A 271 -11.50 44.74 5.31
C LEU A 271 -12.28 44.27 6.56
N ILE A 272 -12.32 42.96 6.77
CA ILE A 272 -13.13 42.38 7.84
C ILE A 272 -12.44 42.39 9.22
N TYR A 273 -11.14 42.08 9.24
CA TYR A 273 -10.40 41.82 10.46
C TYR A 273 -9.35 42.88 10.69
N GLY A 274 -9.20 43.81 9.75
CA GLY A 274 -8.17 44.83 9.82
C GLY A 274 -6.75 44.32 9.58
N ALA A 275 -5.79 45.23 9.72
CA ALA A 275 -4.37 44.98 9.47
C ALA A 275 -3.86 43.76 10.20
N LYS A 276 -2.98 43.03 9.54
CA LYS A 276 -2.46 41.84 10.17
C LYS A 276 -1.35 42.17 11.16
N ASP A 277 -0.97 41.16 11.91
CA ASP A 277 0.14 41.18 12.85
C ASP A 277 1.50 41.66 12.33
N ASP A 278 2.29 42.16 13.28
CA ASP A 278 3.71 42.48 13.13
C ASP A 278 4.54 41.18 13.00
N SER A 279 4.14 40.15 13.76
CA SER A 279 4.78 38.83 13.77
C SER A 279 4.77 38.28 12.37
N GLY A 280 5.83 38.52 11.61
CA GLY A 280 5.82 38.25 10.15
C GLY A 280 5.50 36.82 9.72
N GLN A 281 4.62 36.13 10.43
CA GLN A 281 4.23 34.77 10.08
C GLN A 281 3.46 34.71 8.77
N ARG A 282 3.38 33.50 8.24
CA ARG A 282 2.66 33.28 7.00
C ARG A 282 1.23 32.91 7.31
N TYR A 283 0.34 33.32 6.43
CA TYR A 283 -1.04 32.88 6.48
C TYR A 283 -1.84 33.56 7.60
N LEU A 284 -1.51 34.81 7.89
CA LEU A 284 -2.29 35.58 8.87
C LEU A 284 -3.57 36.12 8.24
N ALA A 285 -3.56 36.20 6.91
CA ALA A 285 -4.71 36.62 6.10
C ALA A 285 -4.93 35.50 5.07
N TRP A 286 -6.08 35.50 4.40
CA TRP A 286 -6.32 34.54 3.34
C TRP A 286 -5.32 34.76 2.23
N SER A 287 -5.06 33.72 1.45
CA SER A 287 -4.13 33.81 0.34
C SER A 287 -4.62 32.94 -0.81
N GLY A 288 -3.80 32.77 -1.83
CA GLY A 288 -4.21 32.06 -3.04
C GLY A 288 -4.70 30.64 -2.87
N HIS A 289 -4.25 29.95 -1.82
CA HIS A 289 -4.68 28.56 -1.55
C HIS A 289 -5.93 28.43 -0.65
N SER A 290 -6.36 29.56 -0.08
CA SER A 290 -7.40 29.60 0.97
C SER A 290 -8.76 28.98 0.58
N ALA A 291 -9.20 29.28 -0.64
CA ALA A 291 -10.51 28.78 -1.05
C ALA A 291 -10.45 27.27 -1.32
N ARG A 292 -9.30 26.80 -1.80
CA ARG A 292 -9.09 25.37 -2.01
C ARG A 292 -9.16 24.60 -0.68
N VAL A 293 -8.49 25.12 0.34
CA VAL A 293 -8.51 24.51 1.66
C VAL A 293 -9.91 24.61 2.27
N GLY A 294 -10.55 25.77 2.09
CA GLY A 294 -11.91 25.98 2.58
C GLY A 294 -12.93 25.07 1.96
N ALA A 295 -12.91 24.96 0.64
CA ALA A 295 -13.85 24.10 -0.07
C ALA A 295 -13.65 22.62 0.26
N ALA A 296 -12.39 22.20 0.41
CA ALA A 296 -12.09 20.82 0.82
C ALA A 296 -12.74 20.51 2.18
N ARG A 297 -12.56 21.43 3.15
CA ARG A 297 -13.19 21.32 4.47
C ARG A 297 -14.72 21.29 4.45
N ASP A 298 -15.36 22.15 3.65
CA ASP A 298 -16.81 22.12 3.55
C ASP A 298 -17.34 20.82 2.95
N MET A 299 -16.57 20.28 2.01
CA MET A 299 -16.93 19.00 1.40
C MET A 299 -16.84 17.89 2.43
N ALA A 300 -15.77 17.90 3.22
CA ALA A 300 -15.63 16.88 4.25
C ALA A 300 -16.76 16.95 5.28
N ARG A 301 -17.17 18.17 5.66
CA ARG A 301 -18.26 18.40 6.60
C ARG A 301 -19.55 17.86 6.05
N ALA A 302 -19.77 18.03 4.76
CA ALA A 302 -20.96 17.48 4.15
C ALA A 302 -20.93 15.96 3.96
N GLY A 303 -19.82 15.28 4.24
CA GLY A 303 -19.74 13.83 3.96
C GLY A 303 -19.40 13.45 2.52
N VAL A 304 -18.81 14.35 1.76
CA VAL A 304 -18.27 14.02 0.46
C VAL A 304 -17.06 13.12 0.70
N SER A 305 -16.95 12.00 -0.04
CA SER A 305 -15.81 11.09 0.13
C SER A 305 -14.47 11.74 -0.24
N ILE A 306 -13.41 11.26 0.38
CA ILE A 306 -12.05 11.68 0.07
C ILE A 306 -11.71 11.69 -1.45
N PRO A 307 -12.09 10.64 -2.20
CA PRO A 307 -11.69 10.67 -3.60
C PRO A 307 -12.40 11.77 -4.38
N GLU A 308 -13.70 11.98 -4.12
CA GLU A 308 -14.41 13.08 -4.75
C GLU A 308 -13.84 14.44 -4.34
N ILE A 309 -13.47 14.59 -3.07
CA ILE A 309 -12.77 15.81 -2.65
C ILE A 309 -11.49 15.99 -3.46
N MET A 310 -10.73 14.91 -3.61
CA MET A 310 -9.44 14.98 -4.30
C MET A 310 -9.62 15.34 -5.77
N GLN A 311 -10.61 14.76 -6.45
CA GLN A 311 -10.75 15.14 -7.83
C GLN A 311 -11.37 16.53 -7.96
N ALA A 312 -12.17 16.94 -6.97
CA ALA A 312 -12.71 18.30 -7.01
C ALA A 312 -11.60 19.36 -7.00
N GLY A 313 -10.52 19.10 -6.26
CA GLY A 313 -9.40 20.05 -6.22
C GLY A 313 -8.19 19.68 -7.06
N GLY A 314 -8.31 18.59 -7.83
CA GLY A 314 -7.16 18.05 -8.58
C GLY A 314 -6.04 17.56 -7.68
N TRP A 315 -6.34 17.02 -6.50
CA TRP A 315 -5.26 16.44 -5.69
C TRP A 315 -5.10 14.96 -5.98
N THR A 316 -3.86 14.51 -5.86
CA THR A 316 -3.50 13.17 -6.24
C THR A 316 -2.96 12.42 -5.03
N ASN A 317 -2.55 13.17 -4.02
CA ASN A 317 -2.01 12.61 -2.81
C ASN A 317 -2.99 12.84 -1.65
N VAL A 318 -3.45 11.73 -1.05
CA VAL A 318 -4.50 11.74 -0.04
C VAL A 318 -4.10 12.54 1.22
N ASN A 319 -2.82 12.60 1.51
CA ASN A 319 -2.33 13.24 2.70
C ASN A 319 -2.28 14.78 2.65
N ILE A 320 -2.27 15.35 1.43
CA ILE A 320 -2.50 16.79 1.24
C ILE A 320 -3.90 17.17 1.74
N VAL A 321 -4.89 16.39 1.33
CA VAL A 321 -6.27 16.64 1.67
C VAL A 321 -6.47 16.40 3.16
N MET A 322 -5.90 15.31 3.66
CA MET A 322 -6.03 14.95 5.06
C MET A 322 -5.50 16.05 5.95
N ASN A 323 -4.40 16.69 5.52
CA ASN A 323 -3.86 17.83 6.23
C ASN A 323 -4.93 18.90 6.40
N TYR A 324 -5.73 19.12 5.37
CA TYR A 324 -6.71 20.17 5.40
C TYR A 324 -7.88 19.90 6.36
N ILE A 325 -8.25 18.61 6.52
CA ILE A 325 -9.50 18.24 7.17
C ILE A 325 -9.32 17.46 8.48
N ARG A 326 -8.06 17.18 8.81
CA ARG A 326 -7.68 16.35 9.97
C ARG A 326 -8.30 16.81 11.31
N ASN A 327 -8.74 18.06 11.43
CA ASN A 327 -9.33 18.51 12.66
C ASN A 327 -10.88 18.59 12.68
N LEU A 328 -11.52 18.01 11.67
CA LEU A 328 -12.98 17.92 11.65
C LEU A 328 -13.44 16.70 12.42
N ASP A 329 -14.57 16.85 13.12
CA ASP A 329 -15.11 15.79 13.97
C ASP A 329 -15.41 14.58 13.13
N SER A 330 -15.80 14.85 11.91
CA SER A 330 -15.99 13.79 10.95
C SER A 330 -14.73 12.91 10.70
N GLU A 331 -13.53 13.46 10.95
CA GLU A 331 -12.30 12.72 10.60
C GLU A 331 -11.54 12.18 11.82
N THR A 332 -12.24 12.09 12.94
CA THR A 332 -11.61 11.81 14.25
C THR A 332 -11.19 10.35 14.48
N GLY A 333 -11.62 9.46 13.59
CA GLY A 333 -11.13 8.09 13.62
C GLY A 333 -11.95 7.04 14.34
N ALA A 334 -11.49 5.81 14.20
CA ALA A 334 -12.20 4.64 14.69
C ALA A 334 -12.22 4.57 16.22
N MET A 335 -11.13 4.96 16.87
CA MET A 335 -11.07 4.84 18.33
C MET A 335 -12.08 5.77 18.99
N VAL A 336 -12.20 6.98 18.49
CA VAL A 336 -13.24 7.88 18.97
C VAL A 336 -14.64 7.25 18.80
N ARG A 337 -14.93 6.66 17.63
CA ARG A 337 -16.23 5.99 17.42
C ARG A 337 -16.48 4.87 18.42
N LEU A 338 -15.49 3.96 18.58
CA LEU A 338 -15.59 2.89 19.58
C LEU A 338 -15.84 3.44 20.99
N LEU A 339 -15.08 4.44 21.41
CA LEU A 339 -15.23 4.95 22.78
C LEU A 339 -16.54 5.67 23.04
N GLU A 340 -17.06 6.39 22.05
CA GLU A 340 -18.35 7.08 22.22
C GLU A 340 -19.58 6.18 22.01
N ASP A 341 -19.35 4.90 21.70
CA ASP A 341 -20.42 3.91 21.65
C ASP A 341 -20.50 3.12 22.98
N SER B 20 29.79 -5.79 -29.88
CA SER B 20 29.01 -5.84 -31.16
C SER B 20 28.44 -7.22 -31.47
N ASP B 21 29.21 -8.28 -31.22
CA ASP B 21 28.69 -9.65 -31.25
C ASP B 21 27.70 -9.80 -30.09
N GLU B 22 28.03 -9.13 -28.99
CA GLU B 22 27.24 -9.13 -27.76
C GLU B 22 25.85 -8.48 -27.94
N VAL B 23 25.81 -7.38 -28.70
CA VAL B 23 24.59 -6.67 -29.04
C VAL B 23 23.68 -7.59 -29.82
N ARG B 24 24.25 -8.26 -30.83
CA ARG B 24 23.52 -9.22 -31.64
C ARG B 24 22.93 -10.36 -30.82
N LYS B 25 23.76 -10.92 -29.94
CA LYS B 25 23.31 -11.95 -29.03
C LYS B 25 22.18 -11.40 -28.15
N ASN B 26 22.34 -10.18 -27.64
CA ASN B 26 21.31 -9.60 -26.79
C ASN B 26 19.93 -9.52 -27.49
N LEU B 27 19.89 -9.07 -28.74
CA LEU B 27 18.64 -9.00 -29.48
C LEU B 27 18.06 -10.36 -29.83
N MET B 28 18.95 -11.30 -30.14
CA MET B 28 18.58 -12.69 -30.40
C MET B 28 17.87 -13.30 -29.20
N ASP B 29 18.42 -13.05 -28.02
CA ASP B 29 17.84 -13.51 -26.77
C ASP B 29 16.49 -12.85 -26.52
N MET B 30 16.36 -11.57 -26.82
CA MET B 30 15.07 -10.92 -26.69
C MET B 30 14.03 -11.55 -27.63
N PHE B 31 14.40 -11.75 -28.89
CA PHE B 31 13.43 -12.28 -29.86
C PHE B 31 13.07 -13.75 -29.57
N ARG B 32 14.04 -14.55 -29.17
CA ARG B 32 13.81 -15.96 -28.89
C ARG B 32 12.80 -16.22 -27.74
N ASP B 33 12.78 -15.34 -26.72
CA ASP B 33 11.76 -15.37 -25.68
C ASP B 33 10.71 -14.23 -25.88
N ARG B 34 10.42 -13.98 -27.15
CA ARG B 34 9.52 -12.90 -27.57
C ARG B 34 8.20 -12.96 -26.79
N GLN B 35 7.77 -14.17 -26.46
CA GLN B 35 6.55 -14.39 -25.68
C GLN B 35 6.61 -13.83 -24.24
N ALA B 36 7.80 -13.46 -23.75
CA ALA B 36 7.90 -12.77 -22.46
C ALA B 36 7.12 -11.45 -22.45
N PHE B 37 6.99 -10.87 -23.64
CA PHE B 37 6.40 -9.56 -23.83
C PHE B 37 5.04 -9.71 -24.48
N SER B 38 4.23 -8.67 -24.37
CA SER B 38 2.93 -8.67 -24.98
C SER B 38 3.06 -8.54 -26.49
N GLU B 39 2.18 -9.22 -27.21
CA GLU B 39 2.06 -9.03 -28.66
C GLU B 39 1.99 -7.53 -29.00
N HIS B 40 1.40 -6.74 -28.10
CA HIS B 40 1.17 -5.31 -28.37
C HIS B 40 2.43 -4.50 -28.24
N THR B 41 3.32 -4.95 -27.37
CA THR B 41 4.66 -4.36 -27.22
C THR B 41 5.49 -4.57 -28.50
N TRP B 42 5.56 -5.81 -29.00
CA TRP B 42 6.20 -6.12 -30.29
C TRP B 42 5.56 -5.31 -31.42
N LYS B 43 4.23 -5.28 -31.45
CA LYS B 43 3.52 -4.55 -32.49
C LYS B 43 3.97 -3.09 -32.54
N MET B 44 4.08 -2.47 -31.36
CA MET B 44 4.48 -1.05 -31.29
C MET B 44 5.98 -0.83 -31.48
N LEU B 45 6.81 -1.76 -31.01
CA LEU B 45 8.26 -1.72 -31.33
C LEU B 45 8.46 -1.67 -32.85
N LEU B 46 7.84 -2.60 -33.56
CA LEU B 46 7.97 -2.62 -35.02
C LEU B 46 7.42 -1.36 -35.67
N SER B 47 6.26 -0.91 -35.23
CA SER B 47 5.69 0.31 -35.77
C SER B 47 6.58 1.54 -35.58
N VAL B 48 7.23 1.65 -34.41
CA VAL B 48 8.09 2.79 -34.12
C VAL B 48 9.39 2.68 -34.96
N CYS B 49 9.97 1.48 -35.01
CA CYS B 49 11.19 1.26 -35.76
C CYS B 49 11.05 1.65 -37.23
N ARG B 50 9.95 1.24 -37.86
CA ARG B 50 9.80 1.67 -39.25
C ARG B 50 9.59 3.18 -39.43
N SER B 51 8.86 3.81 -38.52
CA SER B 51 8.75 5.26 -38.54
C SER B 51 10.14 5.95 -38.40
N TRP B 52 10.91 5.50 -37.42
CA TRP B 52 12.22 6.03 -37.13
C TRP B 52 13.24 5.73 -38.23
N ALA B 53 13.31 4.45 -38.64
CA ALA B 53 14.16 4.05 -39.75
C ALA B 53 13.83 4.80 -41.05
N ALA B 54 12.54 5.02 -41.33
CA ALA B 54 12.14 5.74 -42.54
C ALA B 54 12.53 7.22 -42.46
N TRP B 55 12.38 7.81 -41.27
CA TRP B 55 12.78 9.19 -41.05
C TRP B 55 14.30 9.28 -41.17
N CYS B 56 15.00 8.30 -40.61
CA CYS B 56 16.45 8.24 -40.70
C CYS B 56 16.93 8.21 -42.16
N LYS B 57 16.39 7.28 -42.94
CA LYS B 57 16.68 7.12 -44.37
C LYS B 57 16.55 8.45 -45.10
N LEU B 58 15.42 9.10 -44.90
CA LEU B 58 15.12 10.36 -45.57
C LEU B 58 16.02 11.52 -45.11
N ASN B 59 16.61 11.39 -43.93
CA ASN B 59 17.44 12.46 -43.35
C ASN B 59 18.93 12.11 -43.22
N ASN B 60 19.34 11.00 -43.86
CA ASN B 60 20.73 10.53 -43.84
C ASN B 60 21.25 10.35 -42.43
N ARG B 61 20.49 9.64 -41.61
CA ARG B 61 20.98 9.30 -40.30
C ARG B 61 21.07 7.80 -40.18
N LYS B 62 21.84 7.33 -39.21
CA LYS B 62 21.97 5.93 -38.94
C LYS B 62 20.90 5.48 -37.93
N TRP B 63 20.07 4.53 -38.31
CA TRP B 63 18.94 4.18 -37.48
C TRP B 63 19.36 3.42 -36.21
N PHE B 64 20.51 2.76 -36.22
CA PHE B 64 20.95 1.94 -35.09
C PHE B 64 22.45 1.65 -35.09
N PRO B 65 23.13 1.88 -33.94
CA PRO B 65 22.59 2.54 -32.74
C PRO B 65 22.13 3.95 -33.04
N ALA B 66 21.11 4.42 -32.33
CA ALA B 66 20.57 5.75 -32.56
C ALA B 66 21.40 6.79 -31.80
N GLU B 67 21.92 7.76 -32.53
CA GLU B 67 22.65 8.89 -31.95
C GLU B 67 21.65 9.89 -31.34
N PRO B 68 21.92 10.37 -30.11
CA PRO B 68 21.09 11.33 -29.36
C PRO B 68 20.61 12.56 -30.13
N GLU B 69 21.48 13.21 -30.90
CA GLU B 69 21.07 14.40 -31.66
C GLU B 69 20.06 14.06 -32.75
N ASP B 70 20.11 12.84 -33.29
CA ASP B 70 19.18 12.42 -34.32
C ASP B 70 17.82 12.07 -33.72
N VAL B 71 17.83 11.39 -32.57
CA VAL B 71 16.60 11.09 -31.84
C VAL B 71 15.91 12.39 -31.43
N ARG B 72 16.67 13.33 -30.89
CA ARG B 72 16.12 14.65 -30.57
C ARG B 72 15.47 15.28 -31.81
N ASP B 73 16.17 15.29 -32.94
CA ASP B 73 15.60 15.82 -34.18
C ASP B 73 14.29 15.10 -34.55
N TYR B 74 14.29 13.78 -34.41
CA TYR B 74 13.12 12.95 -34.71
C TYR B 74 11.90 13.27 -33.81
N LEU B 75 12.17 13.38 -32.50
CA LEU B 75 11.13 13.74 -31.57
C LEU B 75 10.49 15.08 -31.89
N LEU B 76 11.33 16.06 -32.21
CA LEU B 76 10.83 17.40 -32.60
C LEU B 76 9.99 17.34 -33.88
N TYR B 77 10.36 16.45 -34.81
CA TYR B 77 9.59 16.23 -36.04
C TYR B 77 8.26 15.57 -35.67
N LEU B 78 8.29 14.58 -34.78
CA LEU B 78 7.00 14.03 -34.34
C LEU B 78 6.09 15.13 -33.75
N GLN B 79 6.70 16.05 -33.00
CA GLN B 79 5.97 17.15 -32.41
C GLN B 79 5.34 18.03 -33.49
N ALA B 80 6.13 18.40 -34.50
CA ALA B 80 5.66 19.25 -35.59
C ALA B 80 4.59 18.57 -36.43
N ARG B 81 4.61 17.24 -36.46
CA ARG B 81 3.57 16.49 -37.13
C ARG B 81 2.26 16.60 -36.36
N GLY B 82 2.29 17.23 -35.20
CA GLY B 82 1.07 17.43 -34.41
C GLY B 82 0.64 16.20 -33.63
N LEU B 83 1.54 15.24 -33.46
CA LEU B 83 1.24 14.04 -32.70
C LEU B 83 1.13 14.31 -31.18
N ALA B 84 0.39 13.43 -30.49
CA ALA B 84 0.13 13.53 -29.04
C ALA B 84 1.39 13.31 -28.22
N VAL B 85 1.40 13.83 -27.00
CA VAL B 85 2.57 13.67 -26.14
C VAL B 85 2.80 12.20 -25.83
N LYS B 86 1.71 11.48 -25.57
CA LYS B 86 1.77 10.05 -25.25
C LYS B 86 2.34 9.21 -26.40
N THR B 87 2.02 9.62 -27.64
CA THR B 87 2.52 9.02 -28.88
C THR B 87 4.02 9.21 -29.02
N ILE B 88 4.45 10.45 -28.87
CA ILE B 88 5.86 10.77 -28.92
C ILE B 88 6.65 10.02 -27.83
N GLN B 89 6.06 9.89 -26.66
CA GLN B 89 6.66 9.09 -25.58
C GLN B 89 6.74 7.62 -25.92
N GLN B 90 5.74 7.14 -26.68
CA GLN B 90 5.74 5.77 -27.13
C GLN B 90 6.94 5.53 -28.08
N HIS B 91 7.18 6.48 -28.99
CA HIS B 91 8.29 6.35 -29.93
C HIS B 91 9.64 6.36 -29.20
N LEU B 92 9.85 7.34 -28.32
CA LEU B 92 11.02 7.40 -27.49
C LEU B 92 11.18 6.10 -26.72
N GLY B 93 10.09 5.66 -26.09
CA GLY B 93 10.15 4.49 -25.23
C GLY B 93 10.57 3.23 -25.96
N GLN B 94 10.04 3.04 -27.16
CA GLN B 94 10.40 1.90 -27.97
C GLN B 94 11.90 1.89 -28.38
N LEU B 95 12.42 3.05 -28.78
CA LEU B 95 13.86 3.21 -29.01
C LEU B 95 14.70 2.89 -27.76
N ASN B 96 14.27 3.41 -26.61
CA ASN B 96 14.93 3.10 -25.33
C ASN B 96 15.00 1.62 -25.04
N MET B 97 13.91 0.91 -25.32
CA MET B 97 13.88 -0.50 -25.02
C MET B 97 14.82 -1.23 -25.97
N LEU B 98 14.77 -0.86 -27.25
CA LEU B 98 15.61 -1.51 -28.24
C LEU B 98 17.06 -1.41 -27.79
N HIS B 99 17.46 -0.22 -27.40
CA HIS B 99 18.83 -0.01 -26.93
C HIS B 99 19.17 -0.68 -25.61
N ARG B 100 18.32 -0.49 -24.60
CA ARG B 100 18.58 -1.10 -23.29
C ARG B 100 18.66 -2.63 -23.40
N ARG B 101 17.82 -3.25 -24.21
CA ARG B 101 17.88 -4.72 -24.32
C ARG B 101 18.93 -5.24 -25.31
N SER B 102 19.57 -4.32 -26.03
CA SER B 102 20.82 -4.55 -26.77
C SER B 102 22.03 -4.52 -25.86
N GLY B 103 21.87 -3.88 -24.70
CA GLY B 103 23.00 -3.65 -23.80
C GLY B 103 23.70 -2.35 -24.14
N LEU B 104 23.07 -1.55 -25.00
CA LEU B 104 23.58 -0.22 -25.35
C LEU B 104 22.98 0.86 -24.45
N PRO B 105 23.64 2.05 -24.38
CA PRO B 105 23.04 3.20 -23.72
C PRO B 105 21.73 3.59 -24.38
N ARG B 106 20.70 3.92 -23.59
CA ARG B 106 19.44 4.42 -24.13
C ARG B 106 19.62 5.83 -24.69
N PRO B 107 18.86 6.17 -25.74
CA PRO B 107 18.76 7.58 -26.12
C PRO B 107 18.49 8.51 -24.91
N SER B 108 17.61 8.08 -24.01
CA SER B 108 17.23 8.87 -22.84
C SER B 108 18.30 9.01 -21.78
N ASP B 109 19.44 8.36 -21.98
CA ASP B 109 20.62 8.55 -21.11
C ASP B 109 21.37 9.84 -21.41
N SER B 110 21.00 10.52 -22.48
CA SER B 110 21.62 11.78 -22.80
C SER B 110 20.65 12.92 -22.47
N ASN B 111 21.21 14.07 -22.15
CA ASN B 111 20.42 15.26 -21.87
C ASN B 111 19.64 15.72 -23.06
N ALA B 112 20.24 15.66 -24.24
CA ALA B 112 19.59 16.13 -25.45
C ALA B 112 18.21 15.50 -25.61
N VAL B 113 18.10 14.24 -25.22
CA VAL B 113 16.86 13.49 -25.42
C VAL B 113 15.89 13.57 -24.25
N SER B 114 16.36 13.30 -23.03
CA SER B 114 15.45 13.32 -21.90
C SER B 114 14.88 14.73 -21.76
N LEU B 115 15.73 15.72 -22.00
CA LEU B 115 15.32 17.14 -21.92
C LEU B 115 14.30 17.52 -22.97
N VAL B 116 14.54 17.14 -24.23
CA VAL B 116 13.59 17.48 -25.28
C VAL B 116 12.24 16.76 -25.07
N MET B 117 12.26 15.56 -24.50
CA MET B 117 11.02 14.90 -24.18
C MET B 117 10.21 15.74 -23.16
N ARG B 118 10.82 16.16 -22.05
CA ARG B 118 10.13 17.02 -21.08
C ARG B 118 9.65 18.27 -21.73
N ARG B 119 10.52 18.87 -22.55
CA ARG B 119 10.16 20.10 -23.28
C ARG B 119 8.92 19.93 -24.17
N ILE B 120 8.88 18.83 -24.92
CA ILE B 120 7.81 18.63 -25.89
C ILE B 120 6.49 18.50 -25.12
N ARG B 121 6.56 17.80 -24.00
CA ARG B 121 5.39 17.54 -23.23
C ARG B 121 4.90 18.84 -22.57
N LYS B 122 5.84 19.62 -22.07
CA LYS B 122 5.51 20.90 -21.46
C LYS B 122 4.91 21.85 -22.46
N GLU B 123 5.53 21.97 -23.63
CA GLU B 123 5.02 22.89 -24.65
C GLU B 123 3.62 22.50 -25.11
N ASN B 124 3.42 21.21 -25.41
CA ASN B 124 2.12 20.74 -25.85
C ASN B 124 1.02 20.93 -24.81
N VAL B 125 1.32 20.67 -23.54
CA VAL B 125 0.35 20.89 -22.45
C VAL B 125 0.07 22.40 -22.33
N ASP B 126 1.13 23.20 -22.24
CA ASP B 126 1.01 24.66 -22.23
C ASP B 126 0.13 25.15 -23.36
N ALA B 127 0.11 24.42 -24.48
CA ALA B 127 -0.67 24.83 -25.65
C ALA B 127 -2.08 24.23 -25.69
N GLY B 128 -2.45 23.49 -24.65
CA GLY B 128 -3.84 23.03 -24.54
C GLY B 128 -4.07 21.53 -24.57
N GLU B 129 -3.01 20.77 -24.86
CA GLU B 129 -3.12 19.31 -24.92
C GLU B 129 -3.41 18.69 -23.54
N ARG B 130 -4.44 17.85 -23.48
CA ARG B 130 -4.61 16.98 -22.31
C ARG B 130 -4.99 15.58 -22.77
N ALA B 131 -4.59 14.56 -22.01
CA ALA B 131 -4.98 13.17 -22.31
C ALA B 131 -6.49 12.99 -22.25
N LYS B 132 -7.04 12.35 -23.26
CA LYS B 132 -8.46 12.10 -23.36
C LYS B 132 -8.84 10.82 -22.58
N GLN B 133 -10.14 10.54 -22.48
CA GLN B 133 -10.64 9.40 -21.76
C GLN B 133 -11.94 8.90 -22.38
N ALA B 134 -12.17 7.58 -22.32
CA ALA B 134 -13.42 7.04 -22.81
C ALA B 134 -14.63 7.72 -22.18
N LEU B 135 -15.65 7.95 -22.99
CA LEU B 135 -16.94 8.43 -22.54
C LEU B 135 -17.56 7.44 -21.54
N ALA B 136 -17.99 7.92 -20.38
CA ALA B 136 -18.47 7.02 -19.34
C ALA B 136 -19.73 6.24 -19.75
N PHE B 137 -19.75 4.94 -19.44
CA PHE B 137 -20.96 4.11 -19.52
C PHE B 137 -21.24 3.78 -18.06
N GLU B 138 -22.29 4.38 -17.52
CA GLU B 138 -22.55 4.33 -16.08
C GLU B 138 -23.81 3.54 -15.80
N ARG B 139 -24.14 3.41 -14.53
CA ARG B 139 -25.34 2.73 -14.07
C ARG B 139 -26.59 3.23 -14.79
N THR B 140 -26.79 4.55 -14.85
CA THR B 140 -27.97 5.10 -15.55
C THR B 140 -28.03 4.63 -17.02
N ASP B 141 -26.88 4.59 -17.69
CA ASP B 141 -26.80 4.08 -19.08
C ASP B 141 -27.14 2.60 -19.16
N PHE B 142 -26.53 1.79 -18.30
CA PHE B 142 -26.88 0.36 -18.22
C PHE B 142 -28.38 0.08 -17.98
N ASP B 143 -28.97 0.71 -16.96
CA ASP B 143 -30.42 0.57 -16.71
C ASP B 143 -31.24 0.93 -17.95
N GLN B 144 -30.87 2.01 -18.61
CA GLN B 144 -31.57 2.45 -19.78
C GLN B 144 -31.50 1.42 -20.92
N VAL B 145 -30.31 0.88 -21.17
CA VAL B 145 -30.10 -0.09 -22.23
C VAL B 145 -30.81 -1.39 -21.91
N ARG B 146 -30.67 -1.84 -20.66
CA ARG B 146 -31.39 -2.99 -20.19
C ARG B 146 -32.89 -2.79 -20.41
N SER B 147 -33.45 -1.68 -19.93
CA SER B 147 -34.89 -1.43 -20.07
C SER B 147 -35.32 -1.54 -21.55
N LEU B 148 -34.54 -0.96 -22.45
CA LEU B 148 -34.75 -1.05 -23.91
C LEU B 148 -34.60 -2.45 -24.56
N MET B 149 -33.62 -3.23 -24.11
CA MET B 149 -33.21 -4.44 -24.83
C MET B 149 -33.60 -5.77 -24.18
N GLU B 150 -33.94 -5.74 -22.89
CA GLU B 150 -34.13 -6.99 -22.16
C GLU B 150 -35.26 -7.88 -22.73
N ASN B 151 -36.16 -7.29 -23.51
CA ASN B 151 -37.28 -8.05 -24.10
C ASN B 151 -36.98 -8.66 -25.45
N SER B 152 -35.87 -8.26 -26.06
CA SER B 152 -35.49 -8.77 -27.36
C SER B 152 -35.18 -10.27 -27.34
N ASP B 153 -35.45 -10.93 -28.47
CA ASP B 153 -35.20 -12.36 -28.63
C ASP B 153 -34.13 -12.60 -29.68
N ARG B 154 -33.59 -11.52 -30.25
CA ARG B 154 -32.48 -11.66 -31.19
C ARG B 154 -31.23 -12.08 -30.40
N CYS B 155 -30.58 -13.11 -30.91
CA CYS B 155 -29.35 -13.61 -30.33
C CYS B 155 -28.32 -12.49 -30.14
N GLN B 156 -28.20 -11.63 -31.14
CA GLN B 156 -27.27 -10.52 -31.18
C GLN B 156 -27.51 -9.55 -30.00
N ASP B 157 -28.77 -9.26 -29.68
CA ASP B 157 -29.11 -8.40 -28.56
C ASP B 157 -28.87 -9.03 -27.20
N ILE B 158 -29.21 -10.31 -27.09
CA ILE B 158 -29.05 -11.06 -25.84
C ILE B 158 -27.56 -11.11 -25.51
N ARG B 159 -26.73 -11.29 -26.54
CA ARG B 159 -25.28 -11.34 -26.38
C ARG B 159 -24.81 -10.00 -25.85
N ASN B 160 -25.17 -8.96 -26.59
CA ASN B 160 -24.67 -7.63 -26.37
C ASN B 160 -25.04 -7.11 -24.99
N LEU B 161 -26.24 -7.45 -24.54
CA LEU B 161 -26.68 -7.08 -23.20
C LEU B 161 -25.87 -7.80 -22.13
N ALA B 162 -25.59 -9.09 -22.34
CA ALA B 162 -24.76 -9.86 -21.41
C ALA B 162 -23.34 -9.29 -21.33
N PHE B 163 -22.83 -8.86 -22.48
CA PHE B 163 -21.52 -8.26 -22.59
C PHE B 163 -21.40 -6.95 -21.81
N LEU B 164 -22.35 -6.03 -22.03
CA LEU B 164 -22.37 -4.76 -21.33
C LEU B 164 -22.53 -4.95 -19.82
N GLY B 165 -23.35 -5.93 -19.42
CA GLY B 165 -23.53 -6.28 -18.01
C GLY B 165 -22.20 -6.72 -17.40
N ILE B 166 -21.53 -7.69 -18.02
CA ILE B 166 -20.21 -8.08 -17.54
C ILE B 166 -19.24 -6.89 -17.52
N ALA B 167 -19.16 -6.16 -18.62
CA ALA B 167 -18.23 -5.04 -18.71
C ALA B 167 -18.38 -4.06 -17.51
N TYR B 168 -19.64 -3.78 -17.15
CA TYR B 168 -19.96 -2.79 -16.12
C TYR B 168 -19.81 -3.36 -14.71
N ASN B 169 -20.37 -4.54 -14.49
CA ASN B 169 -20.30 -5.23 -13.22
C ASN B 169 -18.84 -5.59 -12.77
N THR B 170 -17.95 -5.92 -13.71
CA THR B 170 -16.62 -6.46 -13.41
C THR B 170 -15.48 -5.51 -13.71
N LEU B 171 -15.76 -4.50 -14.53
CA LEU B 171 -14.78 -3.50 -15.04
C LEU B 171 -13.70 -4.14 -15.90
N LEU B 172 -13.87 -5.40 -16.28
CA LEU B 172 -12.81 -6.07 -17.02
C LEU B 172 -12.51 -5.33 -18.34
N ARG B 173 -11.23 -5.24 -18.70
CA ARG B 173 -10.86 -4.72 -19.99
C ARG B 173 -11.42 -5.66 -21.06
N ILE B 174 -11.61 -5.17 -22.28
CA ILE B 174 -12.22 -6.01 -23.32
C ILE B 174 -11.43 -7.26 -23.70
N ALA B 175 -10.09 -7.19 -23.68
CA ALA B 175 -9.27 -8.39 -23.96
C ALA B 175 -9.50 -9.48 -22.92
N GLU B 176 -9.69 -9.08 -21.66
CA GLU B 176 -9.94 -10.02 -20.59
C GLU B 176 -11.34 -10.63 -20.77
N ILE B 177 -12.29 -9.82 -21.23
CA ILE B 177 -13.64 -10.32 -21.49
C ILE B 177 -13.62 -11.28 -22.68
N ALA B 178 -12.86 -10.93 -23.72
CA ALA B 178 -12.73 -11.81 -24.88
C ALA B 178 -12.12 -13.19 -24.55
N ARG B 179 -11.26 -13.27 -23.53
CA ARG B 179 -10.60 -14.55 -23.16
C ARG B 179 -11.40 -15.48 -22.24
N ILE B 180 -12.47 -14.98 -21.64
CA ILE B 180 -13.31 -15.80 -20.76
C ILE B 180 -13.80 -17.03 -21.51
N ARG B 181 -13.55 -18.21 -20.94
CA ARG B 181 -14.11 -19.47 -21.44
C ARG B 181 -15.21 -19.97 -20.52
N VAL B 182 -16.09 -20.79 -21.05
CA VAL B 182 -17.22 -21.33 -20.29
C VAL B 182 -16.78 -21.99 -18.97
N LYS B 183 -15.67 -22.71 -19.02
CA LYS B 183 -15.14 -23.38 -17.84
C LYS B 183 -14.64 -22.43 -16.74
N ASP B 184 -14.45 -21.15 -17.06
CA ASP B 184 -13.95 -20.17 -16.09
C ASP B 184 -15.09 -19.64 -15.21
N ILE B 185 -16.30 -20.14 -15.47
CA ILE B 185 -17.53 -19.65 -14.85
C ILE B 185 -17.95 -20.65 -13.80
N SER B 186 -18.19 -20.17 -12.58
CA SER B 186 -18.77 -21.01 -11.54
C SER B 186 -19.92 -20.24 -10.85
N ARG B 187 -20.37 -20.74 -9.69
CA ARG B 187 -21.47 -20.11 -8.96
C ARG B 187 -21.19 -19.97 -7.47
N THR B 188 -21.81 -18.98 -6.85
CA THR B 188 -21.79 -18.84 -5.40
C THR B 188 -22.95 -19.67 -4.85
N ASP B 189 -22.93 -19.98 -3.56
CA ASP B 189 -24.09 -20.68 -2.94
C ASP B 189 -25.43 -19.98 -3.19
N GLY B 190 -25.41 -18.64 -3.24
CA GLY B 190 -26.64 -17.89 -3.43
C GLY B 190 -27.04 -17.78 -4.90
N GLY B 191 -26.22 -18.33 -5.77
CA GLY B 191 -26.60 -18.44 -7.19
C GLY B 191 -25.94 -17.42 -8.10
N ARG B 192 -25.14 -16.52 -7.56
CA ARG B 192 -24.44 -15.53 -8.39
C ARG B 192 -23.31 -16.14 -9.20
N MET B 193 -23.20 -15.73 -10.45
CA MET B 193 -22.07 -16.15 -11.30
C MET B 193 -20.74 -15.56 -10.89
N LEU B 194 -19.70 -16.38 -11.03
CA LEU B 194 -18.31 -15.98 -10.80
C LEU B 194 -17.46 -16.26 -12.03
N ILE B 195 -16.57 -15.34 -12.34
CA ILE B 195 -15.75 -15.52 -13.50
C ILE B 195 -14.31 -15.50 -13.10
N HIS B 196 -13.62 -16.62 -13.36
CA HIS B 196 -12.20 -16.68 -13.09
C HIS B 196 -11.43 -15.99 -14.21
N ILE B 197 -10.48 -15.15 -13.84
CA ILE B 197 -9.64 -14.45 -14.81
C ILE B 197 -8.20 -14.68 -14.39
N GLY B 198 -7.36 -15.14 -15.30
CA GLY B 198 -5.97 -15.51 -14.92
C GLY B 198 -4.98 -14.48 -15.38
N ARG B 199 -5.28 -13.86 -16.51
CA ARG B 199 -4.41 -12.88 -17.10
C ARG B 199 -5.18 -11.59 -17.35
N THR B 200 -4.63 -10.50 -16.82
CA THR B 200 -5.08 -9.15 -17.10
C THR B 200 -3.87 -8.37 -17.57
N LYS B 201 -4.10 -7.14 -18.01
CA LYS B 201 -3.01 -6.25 -18.35
C LYS B 201 -1.82 -6.29 -17.34
N THR B 202 -2.13 -6.44 -16.04
CA THR B 202 -1.20 -6.21 -14.93
C THR B 202 -0.97 -7.45 -14.06
N LEU B 203 -1.67 -8.53 -14.36
CA LEU B 203 -1.55 -9.72 -13.56
C LEU B 203 -1.47 -10.96 -14.43
N VAL B 204 -0.44 -11.76 -14.18
CA VAL B 204 -0.32 -13.07 -14.79
C VAL B 204 -0.12 -14.06 -13.66
N SER B 205 -1.16 -14.83 -13.33
CA SER B 205 -1.13 -15.62 -12.12
C SER B 205 -1.98 -16.85 -12.30
N THR B 206 -1.48 -18.01 -11.85
CA THR B 206 -2.30 -19.23 -11.79
C THR B 206 -3.38 -19.16 -10.69
N ALA B 207 -3.21 -18.25 -9.73
CA ALA B 207 -4.25 -17.99 -8.72
C ALA B 207 -5.36 -17.15 -9.35
N GLY B 208 -4.94 -16.09 -10.02
CA GLY B 208 -5.85 -15.24 -10.76
C GLY B 208 -6.83 -14.53 -9.85
N VAL B 209 -8.00 -14.25 -10.38
CA VAL B 209 -8.93 -13.40 -9.69
C VAL B 209 -10.33 -13.89 -10.04
N GLU B 210 -11.26 -13.71 -9.12
CA GLU B 210 -12.65 -14.10 -9.34
C GLU B 210 -13.56 -12.88 -9.39
N LYS B 211 -14.39 -12.78 -10.41
CA LYS B 211 -15.24 -11.59 -10.60
C LYS B 211 -16.68 -12.01 -10.46
N ALA B 212 -17.34 -11.46 -9.46
CA ALA B 212 -18.71 -11.81 -9.14
C ALA B 212 -19.71 -10.98 -9.97
N LEU B 213 -20.83 -11.59 -10.33
CA LEU B 213 -21.88 -10.85 -11.05
C LEU B 213 -23.12 -10.72 -10.17
N SER B 214 -23.82 -9.60 -10.25
CA SER B 214 -25.12 -9.50 -9.58
C SER B 214 -26.09 -10.57 -10.09
N LEU B 215 -27.21 -10.72 -9.40
CA LEU B 215 -28.25 -11.65 -9.80
C LEU B 215 -28.82 -11.27 -11.17
N GLY B 216 -29.08 -9.97 -11.36
CA GLY B 216 -29.58 -9.47 -12.63
C GLY B 216 -28.61 -9.72 -13.76
N VAL B 217 -27.33 -9.39 -13.55
CA VAL B 217 -26.35 -9.62 -14.63
C VAL B 217 -26.21 -11.11 -14.87
N THR B 218 -26.23 -11.90 -13.79
CA THR B 218 -26.08 -13.34 -13.89
C THR B 218 -27.16 -13.89 -14.82
N LYS B 219 -28.39 -13.42 -14.63
CA LYS B 219 -29.53 -13.82 -15.43
C LYS B 219 -29.43 -13.43 -16.93
N LEU B 220 -28.78 -12.32 -17.21
CA LEU B 220 -28.48 -11.93 -18.58
C LEU B 220 -27.48 -12.86 -19.24
N VAL B 221 -26.44 -13.27 -18.50
CA VAL B 221 -25.44 -14.15 -19.05
C VAL B 221 -26.02 -15.54 -19.28
N GLU B 222 -26.84 -16.02 -18.34
CA GLU B 222 -27.55 -17.29 -18.49
C GLU B 222 -28.42 -17.32 -19.73
N ARG B 223 -29.08 -16.20 -20.02
CA ARG B 223 -29.88 -16.15 -21.22
C ARG B 223 -28.98 -16.28 -22.42
N TRP B 224 -27.85 -15.57 -22.41
CA TRP B 224 -26.91 -15.70 -23.52
C TRP B 224 -26.41 -17.13 -23.67
N ILE B 225 -26.08 -17.77 -22.56
CA ILE B 225 -25.53 -19.11 -22.63
C ILE B 225 -26.56 -20.04 -23.23
N SER B 226 -27.81 -19.94 -22.79
CA SER B 226 -28.84 -20.85 -23.30
C SER B 226 -29.19 -20.67 -24.79
N VAL B 227 -29.26 -19.42 -25.27
CA VAL B 227 -29.59 -19.21 -26.69
C VAL B 227 -28.43 -19.49 -27.67
N SER B 228 -27.20 -19.42 -27.15
CA SER B 228 -25.99 -19.52 -27.98
C SER B 228 -25.45 -20.94 -28.14
N GLY B 229 -25.63 -21.74 -27.09
CA GLY B 229 -25.05 -23.08 -27.01
C GLY B 229 -23.57 -23.11 -26.69
N VAL B 230 -23.00 -21.99 -26.22
CA VAL B 230 -21.56 -21.99 -25.89
C VAL B 230 -21.20 -23.05 -24.87
N ALA B 231 -22.16 -23.47 -24.07
CA ALA B 231 -21.95 -24.49 -23.03
C ALA B 231 -21.72 -25.94 -23.54
N ASP B 232 -21.85 -26.17 -24.84
CA ASP B 232 -21.56 -27.47 -25.47
C ASP B 232 -20.14 -27.96 -25.18
N ASP B 233 -19.19 -27.04 -25.19
CA ASP B 233 -17.80 -27.35 -24.90
C ASP B 233 -17.30 -26.33 -23.86
N PRO B 234 -16.94 -26.81 -22.63
CA PRO B 234 -16.48 -25.93 -21.54
C PRO B 234 -15.25 -25.13 -21.92
N ASN B 235 -14.64 -25.50 -23.05
CA ASN B 235 -13.50 -24.77 -23.59
C ASN B 235 -13.87 -23.64 -24.56
N ASN B 236 -15.14 -23.58 -24.96
CA ASN B 236 -15.62 -22.45 -25.77
C ASN B 236 -15.42 -21.14 -25.02
N TYR B 237 -15.04 -20.10 -25.75
CA TYR B 237 -15.11 -18.75 -25.24
C TYR B 237 -16.56 -18.39 -24.93
N LEU B 238 -16.79 -17.65 -23.84
CA LEU B 238 -18.15 -17.23 -23.48
C LEU B 238 -18.86 -16.42 -24.58
N PHE B 239 -18.16 -15.43 -25.13
CA PHE B 239 -18.70 -14.63 -26.23
C PHE B 239 -18.16 -15.11 -27.56
N CYS B 240 -19.03 -15.06 -28.57
CA CYS B 240 -18.70 -15.48 -29.93
C CYS B 240 -19.48 -14.66 -30.94
N ARG B 241 -19.07 -14.75 -32.19
CA ARG B 241 -19.77 -14.04 -33.25
C ARG B 241 -21.19 -14.57 -33.45
N VAL B 242 -22.09 -13.71 -33.90
CA VAL B 242 -23.45 -14.11 -34.21
C VAL B 242 -23.69 -13.64 -35.63
N ARG B 243 -23.92 -14.57 -36.54
CA ARG B 243 -24.08 -14.22 -37.96
C ARG B 243 -25.45 -13.63 -38.31
N LYS B 244 -25.53 -13.10 -39.54
CA LYS B 244 -26.75 -12.67 -40.24
C LYS B 244 -28.04 -13.36 -39.82
N ASN B 245 -28.03 -14.69 -39.80
CA ASN B 245 -29.27 -15.44 -39.53
C ASN B 245 -29.71 -15.50 -38.05
N GLY B 246 -28.97 -14.83 -37.16
CA GLY B 246 -29.27 -14.87 -35.73
C GLY B 246 -28.73 -16.11 -35.04
N VAL B 247 -27.77 -16.80 -35.66
CA VAL B 247 -27.21 -18.05 -35.10
C VAL B 247 -25.79 -17.79 -34.56
N ALA B 248 -25.57 -18.12 -33.29
CA ALA B 248 -24.25 -18.00 -32.69
C ALA B 248 -23.32 -19.09 -33.24
N ALA B 249 -22.04 -18.75 -33.42
CA ALA B 249 -21.01 -19.71 -33.82
C ALA B 249 -19.92 -19.91 -32.74
N PRO B 250 -20.24 -20.66 -31.65
CA PRO B 250 -19.33 -20.94 -30.56
C PRO B 250 -18.00 -21.46 -31.05
N SER B 251 -16.93 -21.12 -30.35
CA SER B 251 -15.60 -21.62 -30.70
C SER B 251 -14.67 -21.66 -29.49
N ALA B 252 -13.77 -22.66 -29.46
CA ALA B 252 -12.75 -22.82 -28.42
C ALA B 252 -11.41 -22.35 -28.95
N THR B 253 -11.44 -21.90 -30.19
CA THR B 253 -10.26 -21.58 -30.97
C THR B 253 -10.15 -20.08 -31.31
N SER B 254 -11.27 -19.44 -31.64
CA SER B 254 -11.20 -18.01 -31.89
C SER B 254 -12.13 -17.16 -31.01
N GLN B 255 -11.51 -16.14 -30.42
CA GLN B 255 -12.17 -15.20 -29.54
C GLN B 255 -12.92 -14.23 -30.43
N LEU B 256 -14.03 -13.71 -29.93
CA LEU B 256 -14.60 -12.50 -30.49
C LEU B 256 -13.53 -11.43 -30.33
N SER B 257 -13.19 -10.75 -31.42
CA SER B 257 -12.12 -9.74 -31.36
C SER B 257 -12.47 -8.58 -30.44
N THR B 258 -11.45 -7.97 -29.86
CA THR B 258 -11.61 -6.73 -29.09
C THR B 258 -12.20 -5.60 -29.97
N ARG B 259 -11.97 -5.66 -31.28
CA ARG B 259 -12.55 -4.70 -32.20
C ARG B 259 -14.06 -4.79 -32.28
N ALA B 260 -14.57 -6.02 -32.36
CA ALA B 260 -15.99 -6.26 -32.31
C ALA B 260 -16.58 -5.84 -30.95
N LEU B 261 -15.84 -6.05 -29.86
CA LEU B 261 -16.36 -5.67 -28.53
C LEU B 261 -16.50 -4.13 -28.38
N GLU B 262 -15.53 -3.41 -28.95
CA GLU B 262 -15.65 -1.97 -29.11
C GLU B 262 -16.91 -1.63 -29.93
N GLY B 263 -17.21 -2.46 -30.93
CA GLY B 263 -18.36 -2.28 -31.81
C GLY B 263 -19.68 -2.43 -31.09
N ILE B 264 -19.78 -3.37 -30.15
CA ILE B 264 -20.97 -3.46 -29.32
C ILE B 264 -21.21 -2.12 -28.58
N PHE B 265 -20.19 -1.58 -27.93
CA PHE B 265 -20.29 -0.28 -27.26
C PHE B 265 -20.73 0.85 -28.20
N GLU B 266 -20.06 0.94 -29.36
CA GLU B 266 -20.34 2.01 -30.32
C GLU B 266 -21.80 1.88 -30.84
N ALA B 267 -22.21 0.67 -31.23
CA ALA B 267 -23.59 0.38 -31.67
C ALA B 267 -24.66 0.64 -30.64
N THR B 268 -24.36 0.36 -29.37
CA THR B 268 -25.28 0.59 -28.27
C THR B 268 -25.42 2.08 -28.03
N HIS B 269 -24.34 2.82 -28.26
CA HIS B 269 -24.39 4.25 -28.15
C HIS B 269 -25.26 4.86 -29.28
N ARG B 270 -25.06 4.35 -30.51
CA ARG B 270 -25.86 4.75 -31.66
C ARG B 270 -27.34 4.47 -31.43
N LEU B 271 -27.66 3.30 -30.87
CA LEU B 271 -29.03 3.00 -30.52
C LEU B 271 -29.68 4.11 -29.67
N ILE B 272 -28.92 4.72 -28.76
CA ILE B 272 -29.55 5.68 -27.85
C ILE B 272 -29.41 7.12 -28.29
N TYR B 273 -28.28 7.46 -28.91
CA TYR B 273 -27.97 8.85 -29.28
C TYR B 273 -27.71 9.05 -30.76
N GLY B 274 -28.00 8.06 -31.59
CA GLY B 274 -27.77 8.19 -33.05
C GLY B 274 -26.30 8.38 -33.41
N ALA B 275 -26.07 8.88 -34.62
CA ALA B 275 -24.70 8.94 -35.15
C ALA B 275 -23.87 9.95 -34.37
N LYS B 276 -22.61 9.61 -34.14
CA LYS B 276 -21.68 10.57 -33.55
C LYS B 276 -21.32 11.59 -34.59
N ASP B 277 -20.96 12.79 -34.16
CA ASP B 277 -20.58 13.85 -35.11
C ASP B 277 -19.23 13.57 -35.78
N ASP B 278 -18.82 14.45 -36.70
CA ASP B 278 -17.62 14.25 -37.53
C ASP B 278 -16.48 15.21 -37.12
N SER B 279 -15.95 14.98 -35.93
CA SER B 279 -14.86 15.77 -35.38
C SER B 279 -13.53 15.12 -35.71
N GLY B 280 -13.59 13.82 -36.02
CA GLY B 280 -12.39 12.98 -36.07
C GLY B 280 -11.89 12.63 -34.67
N GLN B 281 -12.38 13.36 -33.67
CA GLN B 281 -12.04 13.16 -32.27
C GLN B 281 -12.42 11.76 -31.77
N ARG B 282 -11.63 11.28 -30.82
CA ARG B 282 -11.88 9.98 -30.21
C ARG B 282 -12.94 10.14 -29.13
N TYR B 283 -13.59 9.04 -28.79
CA TYR B 283 -14.50 9.01 -27.65
C TYR B 283 -15.82 9.81 -27.80
N LEU B 284 -16.33 9.96 -29.03
CA LEU B 284 -17.63 10.63 -29.24
C LEU B 284 -18.78 9.73 -28.85
N ALA B 285 -18.50 8.42 -28.88
CA ALA B 285 -19.46 7.38 -28.60
C ALA B 285 -18.82 6.50 -27.53
N TRP B 286 -19.58 5.58 -26.93
CA TRP B 286 -18.94 4.62 -26.00
C TRP B 286 -17.92 3.77 -26.71
N SER B 287 -16.89 3.35 -25.99
CA SER B 287 -15.88 2.44 -26.53
C SER B 287 -15.54 1.37 -25.52
N GLY B 288 -14.46 0.62 -25.78
CA GLY B 288 -14.02 -0.50 -24.95
C GLY B 288 -13.84 -0.24 -23.46
N HIS B 289 -13.34 0.95 -23.13
CA HIS B 289 -13.05 1.31 -21.76
C HIS B 289 -14.17 2.05 -21.03
N SER B 290 -15.29 2.25 -21.73
CA SER B 290 -16.39 3.09 -21.23
C SER B 290 -17.02 2.64 -19.94
N ALA B 291 -17.29 1.34 -19.81
CA ALA B 291 -17.87 0.80 -18.56
C ALA B 291 -16.87 0.72 -17.41
N ARG B 292 -15.59 0.52 -17.73
CA ARG B 292 -14.55 0.52 -16.70
C ARG B 292 -14.48 1.93 -16.08
N VAL B 293 -14.46 2.94 -16.93
CA VAL B 293 -14.50 4.33 -16.48
C VAL B 293 -15.81 4.66 -15.73
N GLY B 294 -16.96 4.25 -16.28
CA GLY B 294 -18.23 4.57 -15.68
C GLY B 294 -18.46 3.89 -14.32
N ALA B 295 -18.09 2.62 -14.22
CA ALA B 295 -18.16 1.95 -12.94
C ALA B 295 -17.29 2.65 -11.89
N ALA B 296 -16.10 3.11 -12.29
CA ALA B 296 -15.18 3.73 -11.33
C ALA B 296 -15.84 4.98 -10.78
N ARG B 297 -16.36 5.77 -11.70
CA ARG B 297 -17.08 6.99 -11.36
C ARG B 297 -18.31 6.73 -10.46
N ASP B 298 -19.14 5.73 -10.78
CA ASP B 298 -20.30 5.46 -9.94
C ASP B 298 -19.84 5.09 -8.54
N MET B 299 -18.76 4.31 -8.45
CA MET B 299 -18.25 3.91 -7.12
C MET B 299 -17.76 5.11 -6.32
N ALA B 300 -17.04 6.01 -6.97
CA ALA B 300 -16.58 7.22 -6.29
C ALA B 300 -17.79 7.96 -5.72
N ARG B 301 -18.77 8.23 -6.60
CA ARG B 301 -19.95 8.99 -6.23
C ARG B 301 -20.79 8.34 -5.13
N ALA B 302 -20.76 7.02 -5.06
CA ALA B 302 -21.55 6.30 -4.06
C ALA B 302 -20.83 6.24 -2.70
N GLY B 303 -19.58 6.68 -2.64
CA GLY B 303 -18.81 6.63 -1.39
C GLY B 303 -18.17 5.27 -1.10
N VAL B 304 -17.98 4.47 -2.12
CA VAL B 304 -17.24 3.22 -1.94
C VAL B 304 -15.83 3.54 -1.44
N SER B 305 -15.31 2.75 -0.50
CA SER B 305 -13.97 3.02 0.05
C SER B 305 -12.92 2.76 -1.03
N ILE B 306 -11.81 3.48 -0.95
CA ILE B 306 -10.71 3.32 -1.87
C ILE B 306 -10.23 1.85 -2.05
N PRO B 307 -10.08 1.10 -0.95
CA PRO B 307 -9.77 -0.31 -1.14
C PRO B 307 -10.80 -1.10 -1.96
N GLU B 308 -12.07 -0.77 -1.80
CA GLU B 308 -13.11 -1.51 -2.51
C GLU B 308 -13.14 -1.16 -3.99
N ILE B 309 -12.89 0.11 -4.29
CA ILE B 309 -12.72 0.56 -5.66
C ILE B 309 -11.52 -0.16 -6.30
N MET B 310 -10.43 -0.21 -5.53
CA MET B 310 -9.19 -0.86 -5.98
C MET B 310 -9.42 -2.34 -6.30
N GLN B 311 -10.13 -3.04 -5.41
CA GLN B 311 -10.48 -4.44 -5.63
C GLN B 311 -11.31 -4.62 -6.91
N ALA B 312 -12.28 -3.72 -7.13
CA ALA B 312 -13.18 -3.79 -8.28
C ALA B 312 -12.42 -3.69 -9.60
N GLY B 313 -11.52 -2.72 -9.68
CA GLY B 313 -10.72 -2.50 -10.89
C GLY B 313 -9.46 -3.36 -11.01
N GLY B 314 -9.11 -4.04 -9.92
CA GLY B 314 -7.82 -4.72 -9.77
C GLY B 314 -6.66 -3.74 -9.83
N TRP B 315 -6.85 -2.57 -9.22
CA TRP B 315 -5.84 -1.52 -9.09
C TRP B 315 -5.09 -1.64 -7.76
N THR B 316 -3.82 -1.19 -7.76
CA THR B 316 -2.95 -1.37 -6.58
C THR B 316 -2.68 -0.09 -5.81
N ASN B 317 -3.11 1.06 -6.34
CA ASN B 317 -2.79 2.37 -5.78
C ASN B 317 -3.88 3.44 -6.04
N VAL B 318 -3.77 4.57 -5.34
CA VAL B 318 -4.79 5.63 -5.45
C VAL B 318 -4.64 6.45 -6.71
N ASN B 319 -3.41 6.66 -7.19
CA ASN B 319 -3.21 7.50 -8.39
C ASN B 319 -3.90 6.94 -9.64
N ILE B 320 -3.81 5.63 -9.85
CA ILE B 320 -4.54 5.01 -10.97
C ILE B 320 -6.06 5.17 -10.78
N VAL B 321 -6.56 5.06 -9.54
CA VAL B 321 -7.98 5.33 -9.27
C VAL B 321 -8.34 6.77 -9.68
N MET B 322 -7.51 7.74 -9.32
CA MET B 322 -7.75 9.14 -9.71
C MET B 322 -7.70 9.33 -11.23
N ASN B 323 -6.83 8.59 -11.89
CA ASN B 323 -6.80 8.59 -13.35
C ASN B 323 -8.19 8.26 -13.91
N TYR B 324 -8.86 7.29 -13.30
CA TYR B 324 -10.17 6.82 -13.78
C TYR B 324 -11.33 7.75 -13.46
N ILE B 325 -11.27 8.40 -12.30
CA ILE B 325 -12.38 9.27 -11.87
C ILE B 325 -12.18 10.74 -12.19
N ARG B 326 -11.11 11.08 -12.89
CA ARG B 326 -10.70 12.48 -13.08
C ARG B 326 -11.71 13.40 -13.79
N ASN B 327 -12.60 12.81 -14.59
CA ASN B 327 -13.58 13.59 -15.35
C ASN B 327 -15.00 13.52 -14.78
N LEU B 328 -15.11 13.21 -13.49
CA LEU B 328 -16.40 13.26 -12.79
C LEU B 328 -17.13 14.56 -13.16
N ASP B 329 -18.42 14.45 -13.46
CA ASP B 329 -19.19 15.59 -13.94
C ASP B 329 -19.21 16.70 -12.87
N SER B 330 -18.80 17.92 -13.22
CA SER B 330 -18.80 18.97 -12.19
C SER B 330 -20.16 19.65 -11.99
N GLU B 331 -20.96 19.78 -13.04
CA GLU B 331 -22.32 20.33 -12.91
C GLU B 331 -23.18 19.64 -11.87
N THR B 332 -23.02 18.33 -11.73
CA THR B 332 -23.70 17.58 -10.66
C THR B 332 -22.71 17.19 -9.58
N GLY B 333 -21.55 17.86 -9.56
CA GLY B 333 -20.50 17.59 -8.57
C GLY B 333 -20.78 18.20 -7.22
N ALA B 334 -19.81 18.04 -6.32
CA ALA B 334 -20.01 18.33 -4.92
C ALA B 334 -20.16 19.82 -4.66
N MET B 335 -19.37 20.62 -5.38
CA MET B 335 -19.34 22.04 -5.11
C MET B 335 -20.63 22.75 -5.54
N VAL B 336 -21.08 22.46 -6.76
CA VAL B 336 -22.35 23.01 -7.22
C VAL B 336 -23.49 22.66 -6.25
N ARG B 337 -23.54 21.39 -5.82
CA ARG B 337 -24.59 20.92 -4.92
C ARG B 337 -24.50 21.64 -3.58
N LEU B 338 -23.30 21.75 -3.02
CA LEU B 338 -23.10 22.48 -1.75
C LEU B 338 -23.55 23.93 -1.81
N LEU B 339 -23.14 24.63 -2.86
CA LEU B 339 -23.47 26.04 -3.05
C LEU B 339 -24.96 26.30 -3.33
N GLU B 340 -25.65 25.35 -3.94
CA GLU B 340 -27.07 25.53 -4.23
C GLU B 340 -27.94 25.02 -3.07
N ASP B 341 -27.32 24.49 -2.03
CA ASP B 341 -28.06 24.21 -0.80
C ASP B 341 -28.07 25.45 0.11
N SER C 20 36.66 -20.03 -6.07
CA SER C 20 38.00 -20.67 -6.10
C SER C 20 38.01 -21.83 -5.08
N ASP C 21 38.81 -21.64 -4.01
CA ASP C 21 38.72 -22.44 -2.79
C ASP C 21 37.69 -21.77 -1.88
N GLU C 22 37.34 -20.52 -2.22
CA GLU C 22 36.23 -19.80 -1.61
C GLU C 22 34.92 -20.59 -1.66
N VAL C 23 34.57 -21.19 -2.79
CA VAL C 23 33.28 -21.89 -2.89
C VAL C 23 33.27 -23.12 -1.99
N ARG C 24 34.41 -23.82 -1.98
CA ARG C 24 34.59 -24.98 -1.12
C ARG C 24 34.42 -24.59 0.35
N LYS C 25 35.00 -23.47 0.76
CA LYS C 25 34.83 -23.02 2.15
C LYS C 25 33.37 -22.63 2.43
N ASN C 26 32.77 -21.88 1.51
CA ASN C 26 31.35 -21.51 1.61
C ASN C 26 30.45 -22.74 1.81
N LEU C 27 30.72 -23.81 1.07
CA LEU C 27 29.94 -25.05 1.20
C LEU C 27 30.15 -25.76 2.53
N MET C 28 31.38 -25.75 3.04
CA MET C 28 31.64 -26.27 4.40
C MET C 28 30.86 -25.52 5.48
N ASP C 29 30.83 -24.18 5.38
CA ASP C 29 30.05 -23.34 6.29
C ASP C 29 28.55 -23.71 6.25
N MET C 30 28.04 -23.95 5.05
CA MET C 30 26.67 -24.44 4.86
C MET C 30 26.42 -25.76 5.58
N PHE C 31 27.33 -26.70 5.42
CA PHE C 31 27.22 -27.97 6.09
C PHE C 31 27.30 -27.81 7.61
N ARG C 32 28.28 -27.06 8.05
CA ARG C 32 28.52 -26.92 9.49
C ARG C 32 27.30 -26.35 10.21
N ASP C 33 26.72 -25.31 9.61
CA ASP C 33 25.54 -24.66 10.14
C ASP C 33 24.29 -25.02 9.33
N ARG C 34 24.17 -26.28 8.96
CA ARG C 34 23.04 -26.76 8.17
C ARG C 34 21.69 -26.61 8.87
N GLN C 35 21.71 -26.44 10.18
CA GLN C 35 20.48 -26.22 10.92
C GLN C 35 19.91 -24.82 10.72
N ALA C 36 20.57 -24.01 9.91
CA ALA C 36 20.07 -22.71 9.45
C ALA C 36 18.82 -22.89 8.58
N PHE C 37 18.61 -24.08 8.03
CA PHE C 37 17.46 -24.35 7.16
C PHE C 37 16.70 -25.53 7.66
N SER C 38 15.40 -25.49 7.47
CA SER C 38 14.55 -26.62 7.75
C SER C 38 14.98 -27.88 6.97
N GLU C 39 14.73 -29.01 7.59
CA GLU C 39 14.85 -30.32 7.00
C GLU C 39 14.08 -30.38 5.68
N HIS C 40 12.93 -29.71 5.63
CA HIS C 40 12.10 -29.66 4.43
C HIS C 40 12.77 -28.89 3.31
N THR C 41 13.54 -27.86 3.67
CA THR C 41 14.30 -27.06 2.70
C THR C 41 15.44 -27.90 2.08
N TRP C 42 16.26 -28.53 2.92
CA TRP C 42 17.31 -29.43 2.45
C TRP C 42 16.80 -30.51 1.51
N LYS C 43 15.71 -31.17 1.88
CA LYS C 43 15.13 -32.25 1.05
C LYS C 43 14.75 -31.74 -0.34
N MET C 44 14.18 -30.53 -0.42
CA MET C 44 13.88 -29.94 -1.71
C MET C 44 15.14 -29.51 -2.47
N LEU C 45 16.16 -28.98 -1.77
CA LEU C 45 17.42 -28.62 -2.43
C LEU C 45 18.03 -29.86 -3.11
N LEU C 46 18.09 -30.97 -2.38
CA LEU C 46 18.67 -32.21 -2.90
C LEU C 46 17.84 -32.75 -4.03
N SER C 47 16.52 -32.70 -3.88
CA SER C 47 15.63 -33.18 -4.94
C SER C 47 15.80 -32.35 -6.23
N VAL C 48 15.84 -31.03 -6.11
CA VAL C 48 16.12 -30.18 -7.27
C VAL C 48 17.54 -30.44 -7.85
N CYS C 49 18.53 -30.53 -6.99
CA CYS C 49 19.89 -30.90 -7.43
C CYS C 49 19.99 -32.22 -8.17
N ARG C 50 19.26 -33.26 -7.74
CA ARG C 50 19.28 -34.51 -8.48
C ARG C 50 18.68 -34.35 -9.87
N SER C 51 17.52 -33.68 -9.95
CA SER C 51 16.87 -33.42 -11.24
C SER C 51 17.76 -32.60 -12.19
N TRP C 52 18.36 -31.53 -11.67
CA TRP C 52 19.20 -30.65 -12.47
C TRP C 52 20.48 -31.34 -12.93
N ALA C 53 21.14 -32.06 -12.02
CA ALA C 53 22.33 -32.84 -12.38
C ALA C 53 22.03 -33.98 -13.38
N ALA C 54 20.96 -34.73 -13.14
CA ALA C 54 20.55 -35.75 -14.10
C ALA C 54 20.35 -35.13 -15.48
N TRP C 55 19.57 -34.04 -15.57
CA TRP C 55 19.35 -33.36 -16.86
C TRP C 55 20.65 -32.84 -17.50
N CYS C 56 21.51 -32.27 -16.67
CA CYS C 56 22.80 -31.77 -17.13
C CYS C 56 23.65 -32.90 -17.71
N LYS C 57 23.76 -34.01 -16.98
CA LYS C 57 24.54 -35.17 -17.46
C LYS C 57 24.01 -35.66 -18.79
N LEU C 58 22.70 -35.70 -18.91
CA LEU C 58 22.07 -36.08 -20.15
C LEU C 58 22.32 -35.12 -21.31
N ASN C 59 22.45 -33.83 -21.02
CA ASN C 59 22.57 -32.85 -22.08
C ASN C 59 24.00 -32.30 -22.26
N ASN C 60 24.96 -32.93 -21.59
CA ASN C 60 26.37 -32.51 -21.67
C ASN C 60 26.54 -31.04 -21.25
N ARG C 61 25.99 -30.71 -20.08
CA ARG C 61 26.15 -29.35 -19.55
C ARG C 61 26.82 -29.44 -18.18
N LYS C 62 27.61 -28.45 -17.81
CA LYS C 62 28.19 -28.44 -16.46
C LYS C 62 27.12 -28.02 -15.46
N TRP C 63 26.95 -28.82 -14.40
CA TRP C 63 25.88 -28.59 -13.43
C TRP C 63 26.22 -27.56 -12.35
N PHE C 64 27.50 -27.29 -12.15
CA PHE C 64 27.92 -26.37 -11.09
C PHE C 64 29.30 -25.82 -11.38
N PRO C 65 29.43 -24.48 -11.54
CA PRO C 65 28.36 -23.46 -11.52
C PRO C 65 27.39 -23.58 -12.69
N ALA C 66 26.11 -23.35 -12.43
CA ALA C 66 25.08 -23.34 -13.49
C ALA C 66 25.25 -22.15 -14.43
N GLU C 67 25.31 -22.42 -15.72
CA GLU C 67 25.40 -21.40 -16.75
C GLU C 67 23.98 -20.99 -17.23
N PRO C 68 23.73 -19.68 -17.40
CA PRO C 68 22.40 -19.13 -17.75
C PRO C 68 21.67 -19.83 -18.88
N GLU C 69 22.35 -20.06 -20.00
CA GLU C 69 21.73 -20.71 -21.15
C GLU C 69 21.23 -22.10 -20.78
N ASP C 70 21.97 -22.79 -19.92
CA ASP C 70 21.66 -24.18 -19.54
C ASP C 70 20.47 -24.23 -18.60
N VAL C 71 20.46 -23.30 -17.65
CA VAL C 71 19.32 -23.17 -16.72
C VAL C 71 18.04 -22.88 -17.51
N ARG C 72 18.17 -22.00 -18.49
CA ARG C 72 17.06 -21.65 -19.36
C ARG C 72 16.49 -22.88 -20.03
N ASP C 73 17.33 -23.70 -20.67
CA ASP C 73 16.85 -24.93 -21.29
C ASP C 73 16.23 -25.90 -20.29
N TYR C 74 16.83 -26.00 -19.12
CA TYR C 74 16.30 -26.86 -18.07
C TYR C 74 14.90 -26.42 -17.69
N LEU C 75 14.70 -25.12 -17.53
CA LEU C 75 13.38 -24.59 -17.14
C LEU C 75 12.33 -24.86 -18.22
N LEU C 76 12.72 -24.75 -19.49
CA LEU C 76 11.84 -25.07 -20.60
C LEU C 76 11.47 -26.55 -20.58
N TYR C 77 12.43 -27.39 -20.20
CA TYR C 77 12.18 -28.82 -20.05
C TYR C 77 11.21 -29.10 -18.89
N LEU C 78 11.34 -28.37 -17.78
CA LEU C 78 10.37 -28.51 -16.68
C LEU C 78 8.94 -28.13 -17.13
N GLN C 79 8.84 -27.07 -17.93
CA GLN C 79 7.54 -26.68 -18.50
C GLN C 79 6.97 -27.79 -19.37
N ALA C 80 7.81 -28.25 -20.31
CA ALA C 80 7.42 -29.36 -21.22
C ALA C 80 6.99 -30.57 -20.46
N ARG C 81 7.56 -30.81 -19.30
CA ARG C 81 7.18 -31.95 -18.48
C ARG C 81 5.76 -31.85 -17.92
N GLY C 82 5.23 -30.63 -17.83
CA GLY C 82 3.90 -30.38 -17.31
C GLY C 82 3.91 -29.92 -15.86
N LEU C 83 5.08 -29.51 -15.37
CA LEU C 83 5.19 -29.05 -13.99
C LEU C 83 4.55 -27.66 -13.80
N ALA C 84 3.97 -27.42 -12.63
CA ALA C 84 3.30 -26.14 -12.33
C ALA C 84 4.32 -24.99 -12.28
N VAL C 85 3.83 -23.77 -12.55
CA VAL C 85 4.68 -22.58 -12.47
C VAL C 85 5.43 -22.53 -11.14
N LYS C 86 4.70 -22.69 -10.04
CA LYS C 86 5.27 -22.72 -8.71
C LYS C 86 6.30 -23.86 -8.49
N THR C 87 6.14 -25.01 -9.16
CA THR C 87 7.20 -26.03 -9.15
C THR C 87 8.46 -25.55 -9.85
N ILE C 88 8.28 -24.88 -10.97
CA ILE C 88 9.38 -24.40 -11.75
C ILE C 88 10.14 -23.34 -10.94
N GLN C 89 9.39 -22.46 -10.24
CA GLN C 89 9.97 -21.46 -9.33
C GLN C 89 10.81 -22.10 -8.21
N GLN C 90 10.32 -23.21 -7.67
CA GLN C 90 11.06 -23.97 -6.67
C GLN C 90 12.46 -24.42 -7.18
N HIS C 91 12.51 -24.99 -8.39
CA HIS C 91 13.78 -25.41 -9.01
C HIS C 91 14.70 -24.22 -9.21
N LEU C 92 14.19 -23.12 -9.76
CA LEU C 92 15.00 -21.92 -9.92
C LEU C 92 15.50 -21.42 -8.54
N GLY C 93 14.58 -21.35 -7.58
CA GLY C 93 14.87 -20.83 -6.25
C GLY C 93 15.94 -21.65 -5.56
N GLN C 94 15.90 -22.96 -5.76
CA GLN C 94 16.85 -23.83 -5.10
C GLN C 94 18.23 -23.66 -5.72
N LEU C 95 18.30 -23.60 -7.05
CA LEU C 95 19.56 -23.29 -7.73
C LEU C 95 20.09 -21.92 -7.35
N ASN C 96 19.21 -20.93 -7.29
CA ASN C 96 19.61 -19.60 -6.79
C ASN C 96 20.26 -19.66 -5.39
N MET C 97 19.64 -20.39 -4.46
CA MET C 97 20.19 -20.51 -3.10
C MET C 97 21.56 -21.19 -3.06
N LEU C 98 21.72 -22.31 -3.77
CA LEU C 98 23.01 -23.00 -3.84
C LEU C 98 24.08 -22.03 -4.32
N HIS C 99 23.77 -21.27 -5.37
CA HIS C 99 24.71 -20.31 -5.90
C HIS C 99 25.00 -19.14 -4.96
N ARG C 100 23.96 -18.51 -4.43
CA ARG C 100 24.16 -17.39 -3.50
C ARG C 100 25.05 -17.82 -2.31
N ARG C 101 24.72 -18.95 -1.69
CA ARG C 101 25.48 -19.46 -0.55
C ARG C 101 26.87 -20.03 -0.91
N SER C 102 27.12 -20.17 -2.21
CA SER C 102 28.44 -20.56 -2.73
C SER C 102 29.29 -19.33 -3.01
N GLY C 103 28.68 -18.14 -3.00
CA GLY C 103 29.34 -16.93 -3.45
C GLY C 103 29.46 -16.84 -4.97
N LEU C 104 28.54 -17.48 -5.68
CA LEU C 104 28.55 -17.48 -7.15
C LEU C 104 27.35 -16.71 -7.69
N PRO C 105 27.37 -16.37 -8.99
CA PRO C 105 26.22 -15.65 -9.57
C PRO C 105 24.95 -16.51 -9.60
N ARG C 106 23.80 -15.91 -9.30
CA ARG C 106 22.51 -16.63 -9.37
C ARG C 106 22.04 -16.77 -10.82
N PRO C 107 21.49 -17.95 -11.19
CA PRO C 107 20.84 -18.10 -12.50
C PRO C 107 19.76 -17.03 -12.76
N SER C 108 18.93 -16.73 -11.76
CA SER C 108 17.92 -15.66 -11.85
C SER C 108 18.44 -14.29 -12.26
N ASP C 109 19.71 -14.01 -11.95
CA ASP C 109 20.27 -12.70 -12.26
C ASP C 109 20.74 -12.53 -13.72
N SER C 110 20.27 -13.40 -14.62
CA SER C 110 20.66 -13.31 -16.01
C SER C 110 19.47 -12.96 -16.84
N ASN C 111 19.77 -12.35 -17.99
CA ASN C 111 18.80 -11.98 -18.98
C ASN C 111 18.03 -13.20 -19.48
N ALA C 112 18.74 -14.26 -19.85
CA ALA C 112 18.12 -15.48 -20.39
C ALA C 112 17.09 -16.09 -19.45
N VAL C 113 17.43 -16.21 -18.16
CA VAL C 113 16.55 -16.89 -17.22
C VAL C 113 15.34 -16.00 -16.90
N SER C 114 15.61 -14.72 -16.72
CA SER C 114 14.58 -13.74 -16.43
C SER C 114 13.52 -13.73 -17.53
N LEU C 115 13.96 -13.72 -18.78
CA LEU C 115 13.04 -13.71 -19.91
C LEU C 115 12.25 -15.00 -19.99
N VAL C 116 12.91 -16.12 -19.81
CA VAL C 116 12.24 -17.38 -20.03
C VAL C 116 11.18 -17.63 -18.96
N MET C 117 11.41 -17.16 -17.73
CA MET C 117 10.40 -17.31 -16.64
C MET C 117 9.16 -16.49 -16.92
N ARG C 118 9.37 -15.31 -17.51
CA ARG C 118 8.31 -14.41 -17.86
C ARG C 118 7.44 -15.07 -18.92
N ARG C 119 8.10 -15.61 -19.94
CA ARG C 119 7.46 -16.40 -21.00
C ARG C 119 6.68 -17.60 -20.46
N ILE C 120 7.33 -18.39 -19.60
CA ILE C 120 6.71 -19.61 -19.10
C ILE C 120 5.44 -19.33 -18.28
N ARG C 121 5.50 -18.33 -17.41
CA ARG C 121 4.36 -17.95 -16.60
C ARG C 121 3.18 -17.61 -17.53
N LYS C 122 3.47 -16.82 -18.55
CA LYS C 122 2.45 -16.30 -19.43
C LYS C 122 1.79 -17.42 -20.20
N GLU C 123 2.62 -18.30 -20.79
CA GLU C 123 2.15 -19.43 -21.57
C GLU C 123 1.33 -20.41 -20.74
N ASN C 124 1.80 -20.74 -19.53
CA ASN C 124 1.04 -21.65 -18.67
C ASN C 124 -0.30 -21.09 -18.22
N VAL C 125 -0.34 -19.79 -17.91
CA VAL C 125 -1.60 -19.17 -17.51
C VAL C 125 -2.60 -19.18 -18.68
N ASP C 126 -2.19 -18.72 -19.86
CA ASP C 126 -3.03 -18.79 -21.09
C ASP C 126 -3.46 -20.21 -21.44
N ALA C 127 -2.59 -21.18 -21.19
CA ALA C 127 -2.95 -22.58 -21.41
C ALA C 127 -3.97 -23.06 -20.37
N GLY C 128 -4.27 -22.24 -19.39
CA GLY C 128 -5.32 -22.56 -18.41
C GLY C 128 -4.82 -23.25 -17.15
N GLU C 129 -3.51 -23.15 -16.86
CA GLU C 129 -3.00 -23.72 -15.60
C GLU C 129 -3.61 -22.99 -14.42
N ARG C 130 -4.10 -23.76 -13.45
CA ARG C 130 -4.66 -23.14 -12.26
C ARG C 130 -4.05 -23.64 -10.95
N ALA C 131 -3.72 -22.69 -10.08
CA ALA C 131 -3.35 -23.03 -8.69
C ALA C 131 -4.55 -23.68 -8.00
N LYS C 132 -4.31 -24.75 -7.25
CA LYS C 132 -5.40 -25.45 -6.56
C LYS C 132 -5.34 -25.16 -5.07
N GLN C 133 -6.45 -25.46 -4.39
CA GLN C 133 -6.42 -25.38 -2.94
C GLN C 133 -7.25 -26.53 -2.38
N ALA C 134 -7.05 -26.79 -1.10
CA ALA C 134 -7.65 -27.91 -0.44
C ALA C 134 -9.17 -27.82 -0.53
N LEU C 135 -9.80 -28.94 -0.77
CA LEU C 135 -11.26 -29.04 -0.70
C LEU C 135 -11.65 -28.66 0.73
N ALA C 136 -12.62 -27.77 0.87
CA ALA C 136 -12.98 -27.22 2.15
C ALA C 136 -13.65 -28.28 3.05
N PHE C 137 -13.21 -28.37 4.32
CA PHE C 137 -13.90 -29.17 5.31
C PHE C 137 -14.59 -28.18 6.21
N GLU C 138 -15.91 -28.04 6.03
CA GLU C 138 -16.67 -26.97 6.67
C GLU C 138 -17.57 -27.46 7.80
N ARG C 139 -18.24 -26.53 8.45
CA ARG C 139 -19.12 -26.84 9.58
C ARG C 139 -20.18 -27.88 9.20
N THR C 140 -20.80 -27.70 8.04
CA THR C 140 -21.77 -28.68 7.53
C THR C 140 -21.14 -30.06 7.38
N ASP C 141 -19.88 -30.11 6.96
CA ASP C 141 -19.17 -31.39 6.85
C ASP C 141 -18.86 -31.96 8.21
N PHE C 142 -18.44 -31.09 9.12
CA PHE C 142 -18.05 -31.53 10.44
C PHE C 142 -19.26 -32.12 11.18
N ASP C 143 -20.38 -31.42 11.10
CA ASP C 143 -21.68 -31.86 11.66
C ASP C 143 -22.14 -33.19 11.10
N GLN C 144 -22.08 -33.33 9.78
CA GLN C 144 -22.48 -34.57 9.12
C GLN C 144 -21.66 -35.76 9.65
N VAL C 145 -20.34 -35.60 9.66
CA VAL C 145 -19.38 -36.60 10.19
C VAL C 145 -19.62 -36.87 11.69
N ARG C 146 -19.88 -35.83 12.47
CA ARG C 146 -20.24 -35.97 13.88
C ARG C 146 -21.44 -36.93 14.00
N SER C 147 -22.53 -36.56 13.32
CA SER C 147 -23.79 -37.31 13.39
C SER C 147 -23.66 -38.76 12.91
N LEU C 148 -22.69 -39.02 12.03
CA LEU C 148 -22.40 -40.37 11.57
C LEU C 148 -21.47 -41.16 12.49
N MET C 149 -20.61 -40.48 13.25
CA MET C 149 -19.51 -41.16 13.93
C MET C 149 -19.50 -41.06 15.45
N GLU C 150 -20.23 -40.09 16.01
CA GLU C 150 -20.08 -39.72 17.44
C GLU C 150 -20.41 -40.87 18.38
N ASN C 151 -21.25 -41.79 17.89
CA ASN C 151 -21.69 -42.94 18.66
C ASN C 151 -20.81 -44.15 18.43
N SER C 152 -19.97 -44.07 17.40
CA SER C 152 -19.11 -45.20 17.08
C SER C 152 -18.38 -45.65 18.32
N ASP C 153 -18.29 -46.96 18.44
CA ASP C 153 -17.60 -47.60 19.53
C ASP C 153 -16.08 -47.52 19.30
N ARG C 154 -15.69 -47.68 18.03
CA ARG C 154 -14.30 -47.83 17.59
C ARG C 154 -13.35 -46.74 18.08
N CYS C 155 -12.24 -47.21 18.60
CA CYS C 155 -11.18 -46.36 19.09
C CYS C 155 -10.66 -45.45 17.96
N GLN C 156 -10.47 -46.06 16.80
CA GLN C 156 -10.07 -45.42 15.56
C GLN C 156 -10.98 -44.24 15.24
N ASP C 157 -12.30 -44.44 15.36
CA ASP C 157 -13.27 -43.39 15.08
C ASP C 157 -13.29 -42.30 16.13
N ILE C 158 -13.06 -42.68 17.38
CA ILE C 158 -13.06 -41.71 18.46
C ILE C 158 -11.86 -40.79 18.33
N ARG C 159 -10.73 -41.37 17.90
CA ARG C 159 -9.53 -40.57 17.63
C ARG C 159 -9.76 -39.58 16.51
N ASN C 160 -10.29 -40.11 15.40
CA ASN C 160 -10.37 -39.39 14.16
C ASN C 160 -11.32 -38.23 14.27
N LEU C 161 -12.41 -38.41 15.03
CA LEU C 161 -13.38 -37.33 15.26
C LEU C 161 -12.73 -36.21 16.07
N ALA C 162 -11.92 -36.60 17.06
CA ALA C 162 -11.27 -35.62 17.92
C ALA C 162 -10.22 -34.83 17.11
N PHE C 163 -9.44 -35.53 16.29
CA PHE C 163 -8.58 -34.89 15.29
C PHE C 163 -9.33 -33.88 14.42
N LEU C 164 -10.42 -34.30 13.80
CA LEU C 164 -11.11 -33.41 12.88
C LEU C 164 -11.67 -32.20 13.61
N GLY C 165 -12.17 -32.43 14.84
CA GLY C 165 -12.68 -31.34 15.70
C GLY C 165 -11.59 -30.34 16.06
N ILE C 166 -10.42 -30.85 16.47
CA ILE C 166 -9.29 -29.97 16.75
C ILE C 166 -8.84 -29.23 15.48
N ALA C 167 -8.76 -29.96 14.37
CA ALA C 167 -8.34 -29.36 13.11
C ALA C 167 -9.26 -28.17 12.75
N TYR C 168 -10.56 -28.40 12.80
CA TYR C 168 -11.51 -27.36 12.40
C TYR C 168 -11.56 -26.23 13.43
N ASN C 169 -11.59 -26.60 14.71
CA ASN C 169 -11.66 -25.62 15.80
C ASN C 169 -10.43 -24.70 15.88
N THR C 170 -9.24 -25.24 15.71
CA THR C 170 -8.04 -24.46 16.02
C THR C 170 -7.34 -23.89 14.77
N LEU C 171 -7.56 -24.48 13.61
CA LEU C 171 -6.84 -24.13 12.38
C LEU C 171 -5.32 -24.35 12.48
N LEU C 172 -4.91 -25.22 13.41
CA LEU C 172 -3.50 -25.61 13.44
C LEU C 172 -3.20 -26.46 12.23
N ARG C 173 -1.96 -26.41 11.78
CA ARG C 173 -1.55 -27.24 10.66
C ARG C 173 -1.33 -28.63 11.20
N ILE C 174 -1.35 -29.62 10.31
CA ILE C 174 -1.17 -31.02 10.72
C ILE C 174 0.11 -31.29 11.50
N ALA C 175 1.20 -30.62 11.13
CA ALA C 175 2.46 -30.87 11.83
C ALA C 175 2.36 -30.38 13.27
N GLU C 176 1.58 -29.32 13.48
CA GLU C 176 1.44 -28.72 14.81
C GLU C 176 0.49 -29.56 15.66
N ILE C 177 -0.55 -30.12 15.03
CA ILE C 177 -1.46 -31.05 15.72
C ILE C 177 -0.74 -32.32 16.15
N ALA C 178 0.15 -32.81 15.30
CA ALA C 178 0.97 -33.99 15.57
C ALA C 178 1.93 -33.79 16.72
N ARG C 179 2.31 -32.54 16.96
CA ARG C 179 3.24 -32.13 18.01
C ARG C 179 2.60 -31.95 19.38
N ILE C 180 1.28 -31.78 19.44
CA ILE C 180 0.61 -31.49 20.71
C ILE C 180 0.87 -32.62 21.71
N ARG C 181 1.27 -32.25 22.92
CA ARG C 181 1.43 -33.22 23.99
C ARG C 181 0.34 -32.99 25.02
N VAL C 182 0.00 -34.05 25.75
CA VAL C 182 -1.01 -34.01 26.80
C VAL C 182 -0.74 -32.86 27.78
N LYS C 183 0.50 -32.72 28.20
CA LYS C 183 0.89 -31.62 29.08
C LYS C 183 0.62 -30.21 28.52
N ASP C 184 0.38 -30.07 27.20
CA ASP C 184 0.10 -28.74 26.61
C ASP C 184 -1.37 -28.34 26.87
N ILE C 185 -2.17 -29.28 27.34
CA ILE C 185 -3.59 -29.04 27.55
C ILE C 185 -3.91 -28.64 28.99
N SER C 186 -4.70 -27.59 29.14
CA SER C 186 -5.19 -27.18 30.45
C SER C 186 -6.67 -26.82 30.31
N ARG C 187 -7.31 -26.41 31.40
CA ARG C 187 -8.73 -26.07 31.38
C ARG C 187 -8.98 -24.63 31.67
N THR C 188 -9.88 -24.02 30.90
CA THR C 188 -10.30 -22.66 31.18
C THR C 188 -11.31 -22.66 32.33
N ASP C 189 -11.51 -21.50 32.94
CA ASP C 189 -12.56 -21.34 33.97
C ASP C 189 -13.95 -21.72 33.42
N GLY C 190 -14.15 -21.50 32.12
CA GLY C 190 -15.36 -21.92 31.42
C GLY C 190 -15.50 -23.42 31.24
N GLY C 191 -14.48 -24.18 31.65
CA GLY C 191 -14.49 -25.63 31.46
C GLY C 191 -13.99 -26.13 30.10
N ARG C 192 -13.53 -25.22 29.26
CA ARG C 192 -13.02 -25.56 27.94
C ARG C 192 -11.57 -26.06 28.00
N MET C 193 -11.16 -26.87 27.02
CA MET C 193 -9.74 -27.17 26.90
C MET C 193 -9.02 -26.05 26.20
N LEU C 194 -7.83 -25.75 26.70
CA LEU C 194 -6.96 -24.74 26.12
C LEU C 194 -5.63 -25.41 25.73
N ILE C 195 -5.22 -25.28 24.47
CA ILE C 195 -3.99 -25.94 24.00
C ILE C 195 -2.91 -24.92 23.81
N HIS C 196 -1.87 -25.05 24.62
CA HIS C 196 -0.72 -24.19 24.48
C HIS C 196 0.10 -24.69 23.30
N ILE C 197 0.65 -23.77 22.53
CA ILE C 197 1.54 -24.16 21.44
C ILE C 197 2.96 -24.29 21.99
N GLY C 198 3.42 -25.55 22.10
CA GLY C 198 4.76 -25.85 22.62
C GLY C 198 5.84 -25.27 21.72
N ARG C 199 5.68 -25.47 20.43
CA ARG C 199 6.62 -24.96 19.44
C ARG C 199 5.86 -24.16 18.40
N THR C 200 6.20 -22.88 18.27
CA THR C 200 5.50 -22.03 17.31
C THR C 200 6.19 -22.18 15.95
N LYS C 201 5.51 -21.80 14.88
CA LYS C 201 6.08 -22.02 13.56
C LYS C 201 7.23 -21.06 13.32
N THR C 202 7.09 -19.84 13.86
CA THR C 202 8.11 -18.80 13.74
C THR C 202 8.26 -18.13 15.10
N LEU C 203 9.27 -17.29 15.23
CA LEU C 203 9.57 -16.57 16.46
C LEU C 203 8.39 -15.66 16.86
N VAL C 204 7.83 -14.97 15.88
CA VAL C 204 6.66 -14.13 16.12
C VAL C 204 5.48 -14.94 15.59
N SER C 205 4.70 -15.49 16.51
CA SER C 205 3.67 -16.46 16.17
C SER C 205 2.36 -15.75 15.86
N THR C 206 2.08 -15.61 14.57
CA THR C 206 0.94 -14.84 14.12
C THR C 206 -0.40 -15.44 14.60
N ALA C 207 -0.41 -16.74 14.86
CA ALA C 207 -1.60 -17.45 15.35
C ALA C 207 -1.76 -17.44 16.88
N GLY C 208 -0.81 -16.82 17.59
CA GLY C 208 -0.85 -16.82 19.04
C GLY C 208 -0.04 -17.95 19.65
N VAL C 209 -0.22 -18.15 20.96
CA VAL C 209 0.52 -19.14 21.74
C VAL C 209 -0.41 -20.18 22.36
N GLU C 210 -1.69 -20.09 22.02
CA GLU C 210 -2.68 -21.03 22.56
C GLU C 210 -3.96 -21.11 21.74
N LYS C 211 -4.62 -22.25 21.83
CA LYS C 211 -5.85 -22.48 21.07
C LYS C 211 -6.89 -23.08 21.97
N ALA C 212 -8.01 -22.39 22.06
CA ALA C 212 -9.11 -22.81 22.91
C ALA C 212 -10.09 -23.65 22.10
N LEU C 213 -10.60 -24.68 22.74
CA LEU C 213 -11.55 -25.58 22.10
C LEU C 213 -12.93 -25.26 22.64
N SER C 214 -13.93 -25.32 21.79
CA SER C 214 -15.32 -25.12 22.19
C SER C 214 -15.73 -26.21 23.17
N LEU C 215 -16.87 -26.06 23.81
CA LEU C 215 -17.38 -27.13 24.71
C LEU C 215 -17.58 -28.48 24.01
N GLY C 216 -18.20 -28.47 22.84
CA GLY C 216 -18.39 -29.68 22.03
C GLY C 216 -17.10 -30.37 21.59
N VAL C 217 -16.11 -29.62 21.13
CA VAL C 217 -14.84 -30.23 20.70
C VAL C 217 -14.02 -30.72 21.89
N THR C 218 -14.13 -30.00 23.02
CA THR C 218 -13.56 -30.44 24.29
C THR C 218 -14.07 -31.85 24.65
N LYS C 219 -15.38 -32.07 24.52
CA LYS C 219 -15.97 -33.40 24.75
C LYS C 219 -15.38 -34.50 23.86
N LEU C 220 -15.26 -34.22 22.56
CA LEU C 220 -14.63 -35.16 21.62
C LEU C 220 -13.20 -35.52 22.04
N VAL C 221 -12.46 -34.53 22.50
CA VAL C 221 -11.07 -34.72 22.88
C VAL C 221 -10.98 -35.48 24.22
N GLU C 222 -11.79 -35.06 25.19
CA GLU C 222 -11.88 -35.80 26.46
C GLU C 222 -12.15 -37.27 26.20
N ARG C 223 -13.09 -37.54 25.32
CA ARG C 223 -13.42 -38.92 24.93
C ARG C 223 -12.21 -39.71 24.41
N TRP C 224 -11.46 -39.08 23.51
CA TRP C 224 -10.26 -39.72 22.97
C TRP C 224 -9.22 -39.95 24.05
N ILE C 225 -9.06 -38.97 24.94
CA ILE C 225 -8.05 -39.09 26.00
C ILE C 225 -8.41 -40.27 26.93
N SER C 226 -9.68 -40.39 27.30
CA SER C 226 -10.04 -41.39 28.27
C SER C 226 -9.94 -42.80 27.68
N VAL C 227 -10.35 -42.93 26.41
CA VAL C 227 -10.32 -44.21 25.70
C VAL C 227 -8.91 -44.64 25.26
N SER C 228 -8.03 -43.69 25.03
CA SER C 228 -6.72 -43.98 24.48
C SER C 228 -5.71 -44.31 25.56
N GLY C 229 -5.92 -43.76 26.75
CA GLY C 229 -4.93 -43.80 27.83
C GLY C 229 -3.71 -42.87 27.67
N VAL C 230 -3.78 -41.90 26.74
CA VAL C 230 -2.62 -41.03 26.52
C VAL C 230 -2.29 -40.20 27.74
N ALA C 231 -3.27 -39.92 28.60
CA ALA C 231 -3.01 -39.10 29.79
C ALA C 231 -2.26 -39.83 30.90
N ASP C 232 -2.02 -41.13 30.73
CA ASP C 232 -1.26 -41.86 31.75
C ASP C 232 0.09 -41.19 31.95
N ASP C 233 0.54 -40.45 30.93
CA ASP C 233 1.82 -39.74 30.97
C ASP C 233 1.70 -38.41 30.23
N PRO C 234 1.87 -37.29 30.97
CA PRO C 234 1.82 -35.90 30.45
C PRO C 234 2.72 -35.66 29.21
N ASN C 235 3.84 -36.35 29.14
CA ASN C 235 4.74 -36.17 28.02
C ASN C 235 4.26 -36.81 26.72
N ASN C 236 3.27 -37.69 26.81
CA ASN C 236 2.73 -38.35 25.63
C ASN C 236 2.16 -37.34 24.64
N TYR C 237 2.35 -37.61 23.35
CA TYR C 237 1.62 -36.87 22.34
C TYR C 237 0.13 -37.14 22.47
N LEU C 238 -0.68 -36.12 22.23
CA LEU C 238 -2.12 -36.24 22.28
C LEU C 238 -2.61 -37.34 21.33
N PHE C 239 -2.08 -37.32 20.10
CA PHE C 239 -2.48 -38.30 19.09
C PHE C 239 -1.47 -39.42 18.88
N CYS C 240 -1.98 -40.64 18.72
CA CYS C 240 -1.12 -41.82 18.54
C CYS C 240 -1.75 -42.80 17.58
N ARG C 241 -0.97 -43.77 17.14
CA ARG C 241 -1.53 -44.76 16.24
C ARG C 241 -2.47 -45.72 16.97
N VAL C 242 -3.40 -46.29 16.21
CA VAL C 242 -4.35 -47.26 16.73
C VAL C 242 -4.31 -48.46 15.78
N ARG C 243 -3.84 -49.59 16.29
CA ARG C 243 -3.65 -50.83 15.51
C ARG C 243 -4.97 -51.54 15.19
N LYS C 244 -4.92 -52.54 14.32
CA LYS C 244 -6.13 -53.24 13.83
C LYS C 244 -7.04 -53.76 14.94
N ASN C 245 -6.47 -54.09 16.08
CA ASN C 245 -7.27 -54.58 17.20
C ASN C 245 -7.95 -53.48 18.01
N GLY C 246 -7.77 -52.22 17.59
CA GLY C 246 -8.40 -51.08 18.25
C GLY C 246 -7.74 -50.70 19.56
N VAL C 247 -6.48 -51.08 19.71
CA VAL C 247 -5.72 -50.67 20.88
C VAL C 247 -4.81 -49.50 20.50
N ALA C 248 -4.91 -48.41 21.25
CA ALA C 248 -4.06 -47.26 21.06
C ALA C 248 -2.67 -47.51 21.66
N ALA C 249 -1.64 -46.93 21.04
CA ALA C 249 -0.27 -47.04 21.53
C ALA C 249 0.32 -45.65 21.88
N PRO C 250 -0.02 -45.11 23.05
CA PRO C 250 0.53 -43.81 23.46
C PRO C 250 2.06 -43.79 23.46
N SER C 251 2.66 -42.61 23.25
CA SER C 251 4.11 -42.46 23.14
C SER C 251 4.53 -41.02 23.37
N ALA C 252 5.63 -40.84 24.07
CA ALA C 252 6.25 -39.53 24.24
C ALA C 252 7.39 -39.30 23.22
N THR C 253 7.73 -40.32 22.44
CA THR C 253 8.92 -40.22 21.58
C THR C 253 8.54 -40.27 20.09
N SER C 254 7.43 -40.92 19.79
CA SER C 254 6.98 -41.03 18.43
C SER C 254 5.64 -40.26 18.25
N GLN C 255 5.62 -39.33 17.29
CA GLN C 255 4.37 -38.66 16.90
C GLN C 255 3.71 -39.48 15.83
N LEU C 256 2.38 -39.39 15.74
CA LEU C 256 1.69 -39.82 14.55
C LEU C 256 2.23 -38.99 13.39
N SER C 257 2.47 -39.63 12.24
CA SER C 257 3.00 -38.92 11.08
C SER C 257 1.95 -37.94 10.49
N THR C 258 2.42 -36.84 9.89
CA THR C 258 1.54 -35.94 9.15
C THR C 258 0.84 -36.70 8.02
N ARG C 259 1.53 -37.68 7.43
CA ARG C 259 0.94 -38.60 6.47
C ARG C 259 -0.34 -39.29 6.98
N ALA C 260 -0.27 -39.88 8.17
CA ALA C 260 -1.46 -40.50 8.78
C ALA C 260 -2.59 -39.48 9.01
N LEU C 261 -2.22 -38.27 9.44
CA LEU C 261 -3.24 -37.24 9.66
C LEU C 261 -3.96 -36.86 8.35
N GLU C 262 -3.21 -36.74 7.25
CA GLU C 262 -3.81 -36.60 5.92
C GLU C 262 -4.71 -37.81 5.59
N GLY C 263 -4.24 -39.01 5.94
CA GLY C 263 -5.05 -40.23 5.72
C GLY C 263 -6.39 -40.18 6.44
N ILE C 264 -6.44 -39.53 7.60
CA ILE C 264 -7.71 -39.38 8.34
C ILE C 264 -8.68 -38.51 7.55
N PHE C 265 -8.16 -37.42 6.99
CA PHE C 265 -9.01 -36.54 6.18
C PHE C 265 -9.52 -37.31 4.98
N GLU C 266 -8.62 -38.05 4.33
CA GLU C 266 -9.00 -38.78 3.14
C GLU C 266 -9.98 -39.94 3.46
N ALA C 267 -9.72 -40.67 4.54
CA ALA C 267 -10.59 -41.79 4.92
C ALA C 267 -12.01 -41.31 5.28
N THR C 268 -12.09 -40.17 5.98
CA THR C 268 -13.36 -39.54 6.31
C THR C 268 -14.13 -39.12 5.05
N HIS C 269 -13.42 -38.59 4.06
CA HIS C 269 -14.08 -38.23 2.81
C HIS C 269 -14.62 -39.48 2.09
N ARG C 270 -13.80 -40.53 2.06
CA ARG C 270 -14.16 -41.79 1.43
C ARG C 270 -15.42 -42.37 2.09
N LEU C 271 -15.49 -42.33 3.42
CA LEU C 271 -16.71 -42.73 4.15
C LEU C 271 -18.01 -42.11 3.59
N ILE C 272 -17.99 -40.84 3.25
CA ILE C 272 -19.23 -40.16 2.81
C ILE C 272 -19.46 -40.14 1.29
N TYR C 273 -18.39 -40.13 0.50
CA TYR C 273 -18.51 -39.92 -0.95
C TYR C 273 -17.97 -41.08 -1.78
N GLY C 274 -17.41 -42.07 -1.10
CA GLY C 274 -16.79 -43.22 -1.75
C GLY C 274 -15.43 -42.91 -2.33
N ALA C 275 -14.93 -43.82 -3.16
CA ALA C 275 -13.58 -43.74 -3.73
C ALA C 275 -13.37 -42.52 -4.61
N LYS C 276 -12.12 -42.07 -4.67
CA LYS C 276 -11.71 -40.94 -5.50
C LYS C 276 -12.03 -41.17 -6.97
N ASP C 277 -12.51 -40.12 -7.62
CA ASP C 277 -12.47 -40.01 -9.08
C ASP C 277 -11.04 -40.36 -9.57
N ASP C 278 -10.89 -40.74 -10.84
CA ASP C 278 -9.60 -41.26 -11.33
C ASP C 278 -8.70 -40.26 -12.09
N SER C 279 -9.16 -39.01 -12.21
CA SER C 279 -8.43 -37.94 -12.93
C SER C 279 -7.00 -37.70 -12.44
N GLY C 280 -6.66 -38.22 -11.25
CA GLY C 280 -5.34 -38.06 -10.66
C GLY C 280 -5.07 -36.66 -10.15
N GLN C 281 -6.10 -35.81 -10.12
CA GLN C 281 -5.99 -34.47 -9.58
C GLN C 281 -5.71 -34.45 -8.08
N ARG C 282 -5.16 -33.33 -7.62
CA ARG C 282 -5.01 -33.08 -6.20
C ARG C 282 -6.31 -32.54 -5.63
N TYR C 283 -6.57 -32.90 -4.38
CA TYR C 283 -7.64 -32.31 -3.61
C TYR C 283 -9.02 -32.86 -4.02
N LEU C 284 -9.08 -34.12 -4.41
CA LEU C 284 -10.38 -34.74 -4.71
C LEU C 284 -11.11 -35.16 -3.45
N ALA C 285 -10.32 -35.37 -2.37
CA ALA C 285 -10.83 -35.66 -1.04
C ALA C 285 -10.24 -34.61 -0.09
N TRP C 286 -10.70 -34.61 1.17
CA TRP C 286 -10.15 -33.67 2.15
C TRP C 286 -8.69 -34.02 2.37
N SER C 287 -7.89 -33.00 2.73
CA SER C 287 -6.48 -33.20 3.01
C SER C 287 -6.05 -32.34 4.23
N GLY C 288 -4.74 -32.28 4.51
CA GLY C 288 -4.23 -31.63 5.71
C GLY C 288 -4.70 -30.21 5.90
N HIS C 289 -4.88 -29.51 4.78
CA HIS C 289 -5.27 -28.11 4.79
C HIS C 289 -6.78 -27.85 4.79
N SER C 290 -7.57 -28.90 4.68
CA SER C 290 -9.00 -28.75 4.42
C SER C 290 -9.78 -28.06 5.55
N ALA C 291 -9.39 -28.29 6.80
CA ALA C 291 -10.18 -27.69 7.89
C ALA C 291 -9.83 -26.20 8.09
N ARG C 292 -8.61 -25.82 7.72
CA ARG C 292 -8.24 -24.40 7.78
C ARG C 292 -8.97 -23.59 6.71
N VAL C 293 -9.12 -24.18 5.52
CA VAL C 293 -9.87 -23.51 4.44
C VAL C 293 -11.35 -23.38 4.78
N GLY C 294 -11.92 -24.48 5.31
CA GLY C 294 -13.30 -24.52 5.77
C GLY C 294 -13.63 -23.53 6.87
N ALA C 295 -12.82 -23.53 7.92
CA ALA C 295 -13.05 -22.60 9.01
C ALA C 295 -12.96 -21.15 8.53
N ALA C 296 -11.99 -20.85 7.67
CA ALA C 296 -11.88 -19.51 7.12
C ALA C 296 -13.18 -19.12 6.40
N ARG C 297 -13.72 -20.05 5.62
CA ARG C 297 -14.99 -19.85 4.89
C ARG C 297 -16.16 -19.66 5.82
N ASP C 298 -16.28 -20.50 6.84
CA ASP C 298 -17.35 -20.33 7.82
C ASP C 298 -17.30 -19.00 8.57
N MET C 299 -16.10 -18.50 8.82
CA MET C 299 -15.93 -17.22 9.50
C MET C 299 -16.37 -16.09 8.57
N ALA C 300 -15.92 -16.14 7.32
CA ALA C 300 -16.38 -15.18 6.33
C ALA C 300 -17.93 -15.18 6.24
N ARG C 301 -18.53 -16.36 6.04
CA ARG C 301 -20.01 -16.45 5.97
C ARG C 301 -20.65 -15.74 7.14
N ALA C 302 -20.03 -15.83 8.32
CA ALA C 302 -20.60 -15.20 9.51
C ALA C 302 -20.22 -13.73 9.64
N GLY C 303 -19.52 -13.17 8.67
CA GLY C 303 -19.15 -11.76 8.73
C GLY C 303 -17.96 -11.41 9.63
N VAL C 304 -17.18 -12.42 10.03
CA VAL C 304 -15.90 -12.18 10.72
C VAL C 304 -14.99 -11.34 9.81
N SER C 305 -14.39 -10.26 10.35
CA SER C 305 -13.53 -9.43 9.50
C SER C 305 -12.25 -10.18 9.08
N ILE C 306 -11.68 -9.77 7.95
CA ILE C 306 -10.51 -10.41 7.37
C ILE C 306 -9.30 -10.55 8.32
N PRO C 307 -8.98 -9.48 9.09
CA PRO C 307 -7.84 -9.59 10.04
C PRO C 307 -8.09 -10.62 11.12
N GLU C 308 -9.33 -10.76 11.55
CA GLU C 308 -9.69 -11.78 12.52
C GLU C 308 -9.55 -13.17 11.93
N ILE C 309 -9.99 -13.34 10.68
CA ILE C 309 -9.88 -14.63 10.02
C ILE C 309 -8.40 -14.99 9.93
N MET C 310 -7.60 -13.99 9.57
CA MET C 310 -6.18 -14.19 9.35
C MET C 310 -5.42 -14.61 10.59
N GLN C 311 -5.67 -13.99 11.75
CA GLN C 311 -4.99 -14.44 12.95
C GLN C 311 -5.52 -15.74 13.52
N ALA C 312 -6.79 -16.04 13.26
CA ALA C 312 -7.37 -17.33 13.67
C ALA C 312 -6.61 -18.48 13.02
N GLY C 313 -6.20 -18.30 11.76
CA GLY C 313 -5.45 -19.32 11.08
C GLY C 313 -3.96 -19.02 10.95
N GLY C 314 -3.53 -17.88 11.47
CA GLY C 314 -2.11 -17.53 11.45
C GLY C 314 -1.61 -17.04 10.11
N TRP C 315 -2.50 -16.48 9.28
CA TRP C 315 -2.08 -15.95 7.97
C TRP C 315 -1.61 -14.48 8.07
N THR C 316 -0.65 -14.11 7.24
CA THR C 316 -0.13 -12.71 7.21
C THR C 316 -0.30 -12.06 5.83
N ASN C 317 -0.64 -12.88 4.85
CA ASN C 317 -0.88 -12.45 3.51
C ASN C 317 -2.39 -12.48 3.26
N VAL C 318 -2.95 -11.29 3.02
CA VAL C 318 -4.38 -11.12 2.74
C VAL C 318 -4.87 -12.02 1.60
N ASN C 319 -4.08 -12.13 0.54
CA ASN C 319 -4.49 -12.85 -0.64
C ASN C 319 -4.58 -14.37 -0.47
N ILE C 320 -3.83 -14.93 0.47
CA ILE C 320 -4.00 -16.34 0.85
C ILE C 320 -5.44 -16.60 1.30
N VAL C 321 -5.92 -15.79 2.23
CA VAL C 321 -7.26 -15.92 2.75
C VAL C 321 -8.31 -15.59 1.69
N MET C 322 -8.06 -14.55 0.89
CA MET C 322 -8.99 -14.18 -0.20
C MET C 322 -9.21 -15.33 -1.16
N ASN C 323 -8.14 -16.04 -1.52
CA ASN C 323 -8.28 -17.21 -2.38
C ASN C 323 -9.31 -18.18 -1.83
N TYR C 324 -9.40 -18.31 -0.51
CA TYR C 324 -10.29 -19.28 0.10
C TYR C 324 -11.74 -18.79 0.11
N ILE C 325 -11.93 -17.49 0.23
CA ILE C 325 -13.26 -16.99 0.55
C ILE C 325 -13.93 -16.22 -0.61
N ARG C 326 -13.21 -16.06 -1.71
CA ARG C 326 -13.64 -15.16 -2.80
C ARG C 326 -14.88 -15.64 -3.58
N ASN C 327 -15.29 -16.89 -3.39
CA ASN C 327 -16.51 -17.34 -4.04
C ASN C 327 -17.72 -17.31 -3.09
N LEU C 328 -17.59 -16.60 -1.96
CA LEU C 328 -18.69 -16.47 -1.03
C LEU C 328 -19.50 -15.23 -1.31
N ASP C 329 -20.83 -15.34 -1.26
CA ASP C 329 -21.68 -14.15 -1.48
C ASP C 329 -21.31 -12.96 -0.61
N SER C 330 -20.95 -13.19 0.64
CA SER C 330 -20.53 -12.09 1.50
C SER C 330 -19.28 -11.36 1.00
N GLU C 331 -18.60 -11.91 -0.01
CA GLU C 331 -17.32 -11.35 -0.48
C GLU C 331 -17.36 -10.93 -1.94
N THR C 332 -18.57 -10.71 -2.47
CA THR C 332 -18.73 -10.46 -3.89
C THR C 332 -18.34 -9.06 -4.32
N GLY C 333 -18.21 -8.12 -3.36
CA GLY C 333 -17.65 -6.80 -3.67
C GLY C 333 -18.64 -5.67 -3.93
N ALA C 334 -18.12 -4.46 -4.12
CA ALA C 334 -18.95 -3.25 -4.21
C ALA C 334 -19.91 -3.17 -5.42
N MET C 335 -19.49 -3.69 -6.57
CA MET C 335 -20.30 -3.56 -7.77
C MET C 335 -21.59 -4.35 -7.65
N VAL C 336 -21.48 -5.57 -7.15
CA VAL C 336 -22.66 -6.41 -6.93
C VAL C 336 -23.59 -5.70 -5.96
N ARG C 337 -23.03 -5.20 -4.86
CA ARG C 337 -23.83 -4.52 -3.87
C ARG C 337 -24.52 -3.29 -4.50
N LEU C 338 -23.77 -2.51 -5.26
CA LEU C 338 -24.29 -1.38 -5.97
C LEU C 338 -25.44 -1.74 -6.93
N LEU C 339 -25.31 -2.83 -7.67
CA LEU C 339 -26.31 -3.23 -8.65
C LEU C 339 -27.59 -3.80 -8.03
N GLU C 340 -27.43 -4.51 -6.91
CA GLU C 340 -28.54 -5.18 -6.23
C GLU C 340 -29.30 -4.24 -5.28
N ASP C 341 -28.74 -3.05 -5.06
CA ASP C 341 -29.45 -1.91 -4.47
C ASP C 341 -30.42 -1.29 -5.49
N SER D 20 42.14 2.48 6.05
CA SER D 20 42.37 2.63 7.52
C SER D 20 42.22 4.06 8.01
N ASP D 21 42.80 5.03 7.27
CA ASP D 21 42.49 6.44 7.54
C ASP D 21 41.02 6.71 7.18
N GLU D 22 40.58 6.13 6.06
CA GLU D 22 39.19 6.15 5.61
C GLU D 22 38.22 5.64 6.68
N VAL D 23 38.57 4.51 7.31
CA VAL D 23 37.77 3.91 8.37
C VAL D 23 37.55 4.91 9.50
N ARG D 24 38.65 5.49 9.98
CA ARG D 24 38.59 6.52 11.02
C ARG D 24 37.76 7.74 10.61
N LYS D 25 37.94 8.22 9.39
CA LYS D 25 37.09 9.25 8.78
C LYS D 25 35.61 8.84 8.87
N ASN D 26 35.30 7.64 8.38
CA ASN D 26 33.93 7.15 8.33
C ASN D 26 33.26 7.11 9.71
N LEU D 27 33.97 6.57 10.70
CA LEU D 27 33.46 6.58 12.09
C LEU D 27 33.30 7.99 12.64
N MET D 28 34.27 8.85 12.42
CA MET D 28 34.15 10.25 12.85
C MET D 28 32.97 10.99 12.22
N ASP D 29 32.74 10.77 10.92
CA ASP D 29 31.61 11.37 10.23
C ASP D 29 30.32 10.89 10.84
N MET D 30 30.24 9.60 11.14
CA MET D 30 29.10 9.04 11.85
C MET D 30 28.90 9.69 13.24
N PHE D 31 29.98 9.81 14.01
CA PHE D 31 29.90 10.42 15.34
C PHE D 31 29.52 11.91 15.30
N ARG D 32 30.14 12.65 14.39
CA ARG D 32 29.83 14.05 14.14
C ARG D 32 28.33 14.32 13.95
N ASP D 33 27.66 13.47 13.18
CA ASP D 33 26.24 13.63 12.92
C ASP D 33 25.41 12.60 13.74
N ARG D 34 25.93 12.33 14.92
CA ARG D 34 25.26 11.66 16.05
C ARG D 34 23.72 11.70 16.05
N GLN D 35 23.18 12.92 15.97
CA GLN D 35 21.74 13.16 16.07
C GLN D 35 20.95 12.70 14.84
N ALA D 36 21.64 12.20 13.83
CA ALA D 36 20.94 11.51 12.75
C ALA D 36 20.27 10.22 13.29
N PHE D 37 20.80 9.66 14.38
CA PHE D 37 20.33 8.39 14.90
C PHE D 37 19.58 8.65 16.15
N SER D 38 18.66 7.75 16.49
CA SER D 38 18.06 7.77 17.77
C SER D 38 19.12 7.57 18.87
N GLU D 39 18.92 8.29 19.99
CA GLU D 39 19.76 8.13 21.16
C GLU D 39 19.70 6.66 21.66
N HIS D 40 18.62 5.95 21.33
CA HIS D 40 18.50 4.53 21.70
C HIS D 40 19.31 3.64 20.78
N THR D 41 19.50 4.08 19.54
CA THR D 41 20.40 3.38 18.63
C THR D 41 21.84 3.46 19.18
N TRP D 42 22.29 4.67 19.51
CA TRP D 42 23.61 4.85 20.17
C TRP D 42 23.78 4.08 21.44
N LYS D 43 22.78 4.13 22.31
CA LYS D 43 22.86 3.42 23.56
C LYS D 43 23.10 1.91 23.38
N MET D 44 22.41 1.30 22.40
CA MET D 44 22.55 -0.11 22.12
C MET D 44 23.83 -0.43 21.33
N LEU D 45 24.24 0.47 20.44
CA LEU D 45 25.54 0.32 19.80
C LEU D 45 26.60 0.17 20.88
N LEU D 46 26.60 1.10 21.82
CA LEU D 46 27.64 1.12 22.84
C LEU D 46 27.52 -0.07 23.77
N SER D 47 26.28 -0.42 24.15
CA SER D 47 26.03 -1.58 24.99
C SER D 47 26.55 -2.87 24.33
N VAL D 48 26.28 -3.01 23.03
CA VAL D 48 26.72 -4.19 22.32
C VAL D 48 28.25 -4.20 22.16
N CYS D 49 28.83 -3.05 21.78
CA CYS D 49 30.30 -2.95 21.67
C CYS D 49 31.03 -3.33 22.96
N ARG D 50 30.49 -2.87 24.09
CA ARG D 50 30.99 -3.17 25.42
C ARG D 50 30.92 -4.69 25.64
N SER D 51 29.77 -5.29 25.33
CA SER D 51 29.61 -6.73 25.53
C SER D 51 30.56 -7.48 24.61
N TRP D 52 30.66 -7.07 23.35
CA TRP D 52 31.50 -7.77 22.38
C TRP D 52 32.99 -7.60 22.70
N ALA D 53 33.43 -6.36 22.96
CA ALA D 53 34.82 -6.10 23.37
C ALA D 53 35.23 -6.84 24.66
N ALA D 54 34.35 -6.90 25.66
CA ALA D 54 34.65 -7.64 26.90
C ALA D 54 34.84 -9.11 26.58
N TRP D 55 33.92 -9.67 25.80
CA TRP D 55 34.07 -11.06 25.39
C TRP D 55 35.37 -11.29 24.56
N CYS D 56 35.69 -10.36 23.67
CA CYS D 56 36.95 -10.46 22.89
C CYS D 56 38.22 -10.50 23.76
N LYS D 57 38.28 -9.58 24.71
CA LYS D 57 39.39 -9.49 25.65
C LYS D 57 39.55 -10.81 26.40
N LEU D 58 38.46 -11.34 26.96
CA LEU D 58 38.56 -12.60 27.69
C LEU D 58 38.84 -13.83 26.83
N ASN D 59 38.62 -13.73 25.52
CA ASN D 59 38.78 -14.88 24.63
C ASN D 59 39.92 -14.69 23.63
N ASN D 60 40.72 -13.65 23.88
CA ASN D 60 41.90 -13.33 23.07
C ASN D 60 41.57 -13.06 21.60
N ARG D 61 40.55 -12.24 21.33
CA ARG D 61 40.21 -11.96 19.92
C ARG D 61 40.33 -10.48 19.68
N LYS D 62 40.44 -10.06 18.42
CA LYS D 62 40.54 -8.64 18.11
C LYS D 62 39.11 -8.11 17.93
N TRP D 63 38.74 -7.07 18.68
CA TRP D 63 37.36 -6.60 18.65
C TRP D 63 37.01 -5.85 17.35
N PHE D 64 38.01 -5.26 16.72
CA PHE D 64 37.76 -4.46 15.52
C PHE D 64 38.97 -4.36 14.60
N PRO D 65 38.79 -4.61 13.29
CA PRO D 65 37.59 -5.12 12.61
C PRO D 65 37.26 -6.50 13.14
N ALA D 66 35.97 -6.87 13.11
CA ALA D 66 35.58 -8.15 13.66
C ALA D 66 35.73 -9.27 12.61
N GLU D 67 36.35 -10.38 13.00
CA GLU D 67 36.46 -11.54 12.12
C GLU D 67 35.23 -12.42 12.19
N PRO D 68 34.75 -12.90 11.04
CA PRO D 68 33.51 -13.70 11.01
C PRO D 68 33.48 -14.89 11.97
N GLU D 69 34.59 -15.65 12.03
CA GLU D 69 34.65 -16.80 12.94
C GLU D 69 34.53 -16.37 14.41
N ASP D 70 35.06 -15.20 14.74
CA ASP D 70 34.98 -14.66 16.11
C ASP D 70 33.55 -14.23 16.45
N VAL D 71 32.91 -13.55 15.49
CA VAL D 71 31.51 -13.17 15.64
C VAL D 71 30.68 -14.43 15.79
N ARG D 72 30.93 -15.41 14.93
CA ARG D 72 30.18 -16.66 15.03
C ARG D 72 30.27 -17.22 16.45
N ASP D 73 31.50 -17.30 16.97
CA ASP D 73 31.72 -17.83 18.31
C ASP D 73 30.98 -16.99 19.36
N TYR D 74 31.05 -15.66 19.23
CA TYR D 74 30.37 -14.75 20.14
C TYR D 74 28.84 -14.96 20.16
N LEU D 75 28.22 -15.11 18.96
CA LEU D 75 26.77 -15.35 18.89
C LEU D 75 26.39 -16.71 19.54
N LEU D 76 27.26 -17.69 19.35
CA LEU D 76 27.05 -18.99 19.95
C LEU D 76 27.13 -18.90 21.48
N TYR D 77 28.05 -18.08 21.97
CA TYR D 77 28.13 -17.75 23.41
C TYR D 77 26.87 -17.04 23.93
N LEU D 78 26.33 -16.08 23.18
CA LEU D 78 25.05 -15.46 23.61
C LEU D 78 23.91 -16.45 23.67
N GLN D 79 23.83 -17.34 22.67
CA GLN D 79 22.83 -18.40 22.70
C GLN D 79 22.99 -19.29 23.92
N ALA D 80 24.21 -19.72 24.23
CA ALA D 80 24.44 -20.57 25.42
C ALA D 80 24.16 -19.86 26.74
N ARG D 81 24.29 -18.53 26.78
CA ARG D 81 23.82 -17.76 27.92
C ARG D 81 22.27 -17.78 28.06
N GLY D 82 21.57 -18.27 27.04
CA GLY D 82 20.10 -18.34 27.08
C GLY D 82 19.41 -17.01 26.75
N LEU D 83 20.11 -16.10 26.11
CA LEU D 83 19.53 -14.83 25.66
C LEU D 83 18.47 -15.08 24.58
N ALA D 84 17.55 -14.14 24.39
CA ALA D 84 16.48 -14.25 23.37
C ALA D 84 17.04 -14.14 21.97
N VAL D 85 16.39 -14.77 21.00
CA VAL D 85 16.79 -14.64 19.59
C VAL D 85 16.92 -13.18 19.21
N LYS D 86 15.96 -12.37 19.63
CA LYS D 86 15.97 -10.96 19.28
C LYS D 86 17.14 -10.17 19.90
N THR D 87 17.50 -10.54 21.13
CA THR D 87 18.72 -10.03 21.74
C THR D 87 19.93 -10.36 20.88
N ILE D 88 20.03 -11.61 20.47
CA ILE D 88 21.24 -12.03 19.73
C ILE D 88 21.25 -11.28 18.40
N GLN D 89 20.08 -11.07 17.81
CA GLN D 89 20.00 -10.35 16.52
C GLN D 89 20.43 -8.90 16.67
N GLN D 90 20.06 -8.32 17.80
CA GLN D 90 20.44 -6.96 18.13
C GLN D 90 21.97 -6.81 18.25
N HIS D 91 22.61 -7.75 18.96
CA HIS D 91 24.08 -7.77 18.99
C HIS D 91 24.69 -7.88 17.59
N LEU D 92 24.27 -8.86 16.80
CA LEU D 92 24.73 -8.98 15.42
C LEU D 92 24.51 -7.69 14.64
N GLY D 93 23.30 -7.15 14.73
CA GLY D 93 22.91 -5.96 13.98
C GLY D 93 23.74 -4.74 14.29
N GLN D 94 24.01 -4.49 15.58
CA GLN D 94 24.88 -3.36 15.96
C GLN D 94 26.29 -3.56 15.42
N LEU D 95 26.78 -4.80 15.46
CA LEU D 95 28.09 -5.09 14.84
C LEU D 95 28.06 -4.89 13.34
N ASN D 96 26.96 -5.26 12.70
CA ASN D 96 26.82 -5.01 11.26
C ASN D 96 26.90 -3.53 10.98
N MET D 97 26.17 -2.73 11.76
CA MET D 97 26.12 -1.30 11.49
C MET D 97 27.48 -0.63 11.68
N LEU D 98 28.17 -1.00 12.74
CA LEU D 98 29.48 -0.45 13.00
C LEU D 98 30.44 -0.72 11.80
N HIS D 99 30.42 -1.94 11.26
CA HIS D 99 31.25 -2.22 10.10
C HIS D 99 30.78 -1.52 8.84
N ARG D 100 29.48 -1.62 8.52
CA ARG D 100 28.97 -1.01 7.29
C ARG D 100 29.28 0.48 7.26
N ARG D 101 29.03 1.17 8.37
CA ARG D 101 29.26 2.61 8.43
C ARG D 101 30.74 3.02 8.51
N SER D 102 31.62 2.08 8.87
CA SER D 102 33.09 2.27 8.72
C SER D 102 33.58 2.16 7.30
N GLY D 103 32.77 1.52 6.45
CA GLY D 103 33.15 1.21 5.08
C GLY D 103 33.74 -0.18 4.94
N LEU D 104 33.59 -1.02 5.97
CA LEU D 104 34.13 -2.39 5.96
C LEU D 104 33.03 -3.43 5.70
N PRO D 105 33.42 -4.66 5.30
CA PRO D 105 32.42 -5.74 5.17
C PRO D 105 31.69 -5.96 6.49
N ARG D 106 30.42 -6.32 6.44
CA ARG D 106 29.68 -6.66 7.65
C ARG D 106 30.06 -8.08 8.01
N PRO D 107 30.07 -8.42 9.30
CA PRO D 107 30.05 -9.84 9.71
C PRO D 107 29.03 -10.67 8.94
N SER D 108 27.81 -10.17 8.81
CA SER D 108 26.74 -10.87 8.11
C SER D 108 26.95 -11.07 6.62
N ASP D 109 27.91 -10.35 6.03
CA ASP D 109 28.36 -10.62 4.65
C ASP D 109 29.08 -11.96 4.49
N SER D 110 29.36 -12.66 5.59
CA SER D 110 30.01 -13.96 5.47
C SER D 110 29.04 -15.05 5.84
N ASN D 111 29.08 -16.19 5.15
CA ASN D 111 28.22 -17.32 5.47
C ASN D 111 28.24 -17.75 6.93
N ALA D 112 29.43 -17.85 7.51
CA ALA D 112 29.60 -18.21 8.91
C ALA D 112 28.67 -17.43 9.83
N VAL D 113 28.59 -16.12 9.67
CA VAL D 113 27.76 -15.35 10.59
C VAL D 113 26.28 -15.44 10.18
N SER D 114 25.99 -15.26 8.89
CA SER D 114 24.59 -15.20 8.49
C SER D 114 23.89 -16.55 8.72
N LEU D 115 24.59 -17.64 8.46
CA LEU D 115 24.01 -18.98 8.70
C LEU D 115 23.86 -19.29 10.18
N VAL D 116 24.84 -18.90 11.00
CA VAL D 116 24.72 -19.20 12.42
C VAL D 116 23.54 -18.46 13.05
N MET D 117 23.27 -17.26 12.56
CA MET D 117 22.16 -16.45 13.09
C MET D 117 20.84 -17.13 12.75
N ARG D 118 20.73 -17.63 11.53
CA ARG D 118 19.59 -18.42 11.08
C ARG D 118 19.43 -19.67 11.95
N ARG D 119 20.55 -20.35 12.17
CA ARG D 119 20.58 -21.56 12.98
C ARG D 119 20.14 -21.30 14.40
N ILE D 120 20.61 -20.21 14.98
CA ILE D 120 20.35 -19.94 16.41
C ILE D 120 18.85 -19.64 16.56
N ARG D 121 18.32 -18.86 15.62
CA ARG D 121 16.88 -18.63 15.59
C ARG D 121 16.07 -19.95 15.47
N LYS D 122 16.37 -20.80 14.49
CA LYS D 122 15.57 -22.04 14.31
C LYS D 122 15.65 -22.92 15.54
N GLU D 123 16.84 -23.05 16.09
CA GLU D 123 17.05 -23.92 17.24
C GLU D 123 16.28 -23.47 18.47
N ASN D 124 16.36 -22.18 18.75
CA ASN D 124 15.65 -21.63 19.89
C ASN D 124 14.13 -21.76 19.77
N VAL D 125 13.62 -21.44 18.57
CA VAL D 125 12.19 -21.57 18.25
C VAL D 125 11.76 -23.05 18.37
N ASP D 126 12.51 -23.95 17.72
CA ASP D 126 12.23 -25.39 17.86
C ASP D 126 12.24 -25.84 19.32
N ALA D 127 13.05 -25.19 20.17
CA ALA D 127 13.03 -25.51 21.60
C ALA D 127 11.94 -24.81 22.40
N GLY D 128 11.10 -23.99 21.76
CA GLY D 128 9.95 -23.41 22.44
C GLY D 128 9.96 -21.89 22.55
N GLU D 129 11.00 -21.23 22.05
CA GLU D 129 11.04 -19.76 22.17
C GLU D 129 10.05 -19.10 21.21
N ARG D 130 9.31 -18.12 21.69
CA ARG D 130 8.61 -17.20 20.82
C ARG D 130 8.68 -15.82 21.46
N ALA D 131 8.57 -14.78 20.63
CA ALA D 131 8.61 -13.39 21.10
C ALA D 131 7.35 -13.10 21.88
N LYS D 132 7.53 -12.43 23.01
CA LYS D 132 6.44 -12.10 23.94
C LYS D 132 5.83 -10.76 23.48
N GLN D 133 4.76 -10.34 24.14
CA GLN D 133 4.03 -9.13 23.80
C GLN D 133 3.45 -8.61 25.10
N ALA D 134 3.39 -7.28 25.23
CA ALA D 134 2.71 -6.69 26.36
C ALA D 134 1.32 -7.30 26.57
N LEU D 135 0.98 -7.52 27.83
CA LEU D 135 -0.36 -7.87 28.28
C LEU D 135 -1.35 -6.80 27.80
N ALA D 136 -2.44 -7.21 27.18
CA ALA D 136 -3.39 -6.23 26.65
C ALA D 136 -4.12 -5.42 27.71
N PHE D 137 -4.08 -4.09 27.59
CA PHE D 137 -4.96 -3.21 28.34
C PHE D 137 -6.07 -2.81 27.35
N GLU D 138 -7.25 -3.39 27.57
CA GLU D 138 -8.33 -3.32 26.58
C GLU D 138 -9.49 -2.47 27.09
N ARG D 139 -10.52 -2.30 26.25
CA ARG D 139 -11.69 -1.48 26.61
C ARG D 139 -12.33 -1.91 27.93
N THR D 140 -12.49 -3.21 28.15
CA THR D 140 -13.03 -3.71 29.41
C THR D 140 -12.13 -3.32 30.60
N ASP D 141 -10.82 -3.30 30.37
CA ASP D 141 -9.89 -2.85 31.42
C ASP D 141 -10.02 -1.36 31.65
N PHE D 142 -10.12 -0.59 30.58
CA PHE D 142 -10.22 0.86 30.71
C PHE D 142 -11.48 1.22 31.52
N ASP D 143 -12.61 0.64 31.15
CA ASP D 143 -13.90 0.81 31.87
C ASP D 143 -13.85 0.38 33.32
N GLN D 144 -13.29 -0.79 33.58
CA GLN D 144 -13.06 -1.20 34.96
C GLN D 144 -12.21 -0.17 35.74
N VAL D 145 -11.06 0.24 35.20
CA VAL D 145 -10.19 1.20 35.89
C VAL D 145 -10.92 2.55 36.07
N ARG D 146 -11.61 2.99 35.03
CA ARG D 146 -12.37 4.24 35.06
C ARG D 146 -13.34 4.24 36.23
N SER D 147 -14.11 3.17 36.36
CA SER D 147 -15.18 3.17 37.37
C SER D 147 -14.61 3.11 38.77
N LEU D 148 -13.45 2.50 38.91
CA LEU D 148 -12.74 2.39 40.16
C LEU D 148 -12.06 3.70 40.60
N MET D 149 -11.56 4.47 39.63
CA MET D 149 -10.65 5.57 39.92
C MET D 149 -11.20 6.97 39.63
N GLU D 150 -12.31 7.01 38.92
CA GLU D 150 -12.84 8.24 38.38
C GLU D 150 -13.22 9.22 39.46
N ASN D 151 -13.68 8.72 40.59
CA ASN D 151 -14.08 9.58 41.68
C ASN D 151 -12.97 10.06 42.57
N SER D 152 -11.77 9.46 42.44
CA SER D 152 -10.64 9.85 43.29
C SER D 152 -10.26 11.27 42.96
N ASP D 153 -9.94 12.04 43.99
CA ASP D 153 -9.56 13.43 43.82
C ASP D 153 -8.09 13.61 44.08
N ARG D 154 -7.38 12.50 44.23
CA ARG D 154 -5.91 12.57 44.29
C ARG D 154 -5.37 12.95 42.93
N CYS D 155 -4.49 13.93 42.97
CA CYS D 155 -3.86 14.44 41.78
C CYS D 155 -3.18 13.32 40.97
N GLN D 156 -2.52 12.40 41.68
CA GLN D 156 -1.85 11.28 41.06
C GLN D 156 -2.83 10.38 40.31
N ASP D 157 -4.01 10.15 40.91
CA ASP D 157 -5.03 9.36 40.23
C ASP D 157 -5.65 10.10 39.05
N ILE D 158 -5.87 11.42 39.19
CA ILE D 158 -6.41 12.21 38.10
C ILE D 158 -5.44 12.09 36.92
N ARG D 159 -4.15 12.22 37.23
CA ARG D 159 -3.11 12.17 36.19
C ARG D 159 -3.16 10.83 35.50
N ASN D 160 -3.11 9.77 36.30
CA ASN D 160 -2.96 8.41 35.77
C ASN D 160 -4.12 8.02 34.85
N LEU D 161 -5.33 8.41 35.25
CA LEU D 161 -6.51 8.13 34.45
C LEU D 161 -6.50 8.87 33.13
N ALA D 162 -6.08 10.14 33.15
CA ALA D 162 -5.89 10.90 31.90
C ALA D 162 -4.85 10.19 31.04
N PHE D 163 -3.78 9.71 31.68
CA PHE D 163 -2.72 9.04 30.93
C PHE D 163 -3.23 7.77 30.26
N LEU D 164 -3.87 6.90 31.03
CA LEU D 164 -4.42 5.65 30.48
C LEU D 164 -5.41 5.94 29.37
N GLY D 165 -6.24 6.99 29.53
CA GLY D 165 -7.25 7.38 28.52
C GLY D 165 -6.57 7.72 27.21
N ILE D 166 -5.57 8.60 27.27
CA ILE D 166 -4.83 8.95 26.06
C ILE D 166 -4.16 7.73 25.47
N ALA D 167 -3.52 6.95 26.33
CA ALA D 167 -2.78 5.79 25.84
C ALA D 167 -3.72 4.87 25.06
N TYR D 168 -4.88 4.58 25.62
CA TYR D 168 -5.84 3.70 24.97
C TYR D 168 -6.49 4.34 23.74
N ASN D 169 -6.90 5.60 23.86
CA ASN D 169 -7.62 6.30 22.79
C ASN D 169 -6.75 6.52 21.52
N THR D 170 -5.46 6.84 21.70
CA THR D 170 -4.60 7.24 20.56
C THR D 170 -3.57 6.19 20.15
N LEU D 171 -3.39 5.16 20.99
CA LEU D 171 -2.37 4.10 20.81
C LEU D 171 -0.92 4.62 20.83
N LEU D 172 -0.74 5.88 21.23
CA LEU D 172 0.59 6.47 21.18
C LEU D 172 1.60 5.70 22.05
N ARG D 173 2.82 5.57 21.58
CA ARG D 173 3.85 4.94 22.39
C ARG D 173 4.19 5.87 23.54
N ILE D 174 4.68 5.33 24.65
CA ILE D 174 4.86 6.11 25.85
C ILE D 174 5.80 7.31 25.67
N ALA D 175 6.80 7.15 24.81
CA ALA D 175 7.75 8.24 24.58
C ALA D 175 7.05 9.41 23.91
N GLU D 176 6.12 9.11 22.98
CA GLU D 176 5.34 10.11 22.29
C GLU D 176 4.41 10.83 23.26
N ILE D 177 3.86 10.12 24.23
CA ILE D 177 2.94 10.72 25.18
C ILE D 177 3.70 11.64 26.11
N ALA D 178 4.89 11.18 26.53
CA ALA D 178 5.80 11.95 27.38
C ALA D 178 6.21 13.30 26.77
N ARG D 179 6.30 13.33 25.44
CA ARG D 179 6.70 14.53 24.69
C ARG D 179 5.60 15.52 24.39
N ILE D 180 4.35 15.19 24.74
CA ILE D 180 3.24 16.10 24.45
C ILE D 180 3.39 17.33 25.31
N ARG D 181 3.30 18.49 24.66
CA ARG D 181 3.31 19.79 25.34
C ARG D 181 1.90 20.37 25.30
N VAL D 182 1.58 21.26 26.25
CA VAL D 182 0.26 21.88 26.28
C VAL D 182 -0.12 22.54 24.93
N LYS D 183 0.84 23.19 24.28
CA LYS D 183 0.57 23.88 23.01
C LYS D 183 0.24 22.93 21.87
N ASP D 184 0.48 21.65 22.06
CA ASP D 184 0.15 20.66 21.04
C ASP D 184 -1.35 20.33 21.07
N ILE D 185 -2.06 20.75 22.12
CA ILE D 185 -3.48 20.42 22.28
C ILE D 185 -4.34 21.50 21.61
N SER D 186 -5.22 21.08 20.72
CA SER D 186 -6.23 21.98 20.15
C SER D 186 -7.58 21.30 20.25
N ARG D 187 -8.55 21.83 19.52
CA ARG D 187 -9.93 21.44 19.73
C ARG D 187 -10.66 21.30 18.41
N THR D 188 -11.57 20.32 18.32
CA THR D 188 -12.52 20.28 17.20
C THR D 188 -13.70 21.20 17.50
N ASP D 189 -14.39 21.62 16.46
CA ASP D 189 -15.61 22.44 16.61
C ASP D 189 -16.57 21.80 17.60
N GLY D 190 -16.65 20.46 17.57
CA GLY D 190 -17.51 19.71 18.48
C GLY D 190 -16.99 19.51 19.91
N GLY D 191 -15.82 20.08 20.22
CA GLY D 191 -15.33 20.07 21.61
C GLY D 191 -14.24 19.04 21.94
N ARG D 192 -13.95 18.13 21.01
CA ARG D 192 -13.00 17.04 21.25
C ARG D 192 -11.56 17.49 21.19
N MET D 193 -10.74 17.06 22.15
CA MET D 193 -9.29 17.35 22.08
C MET D 193 -8.58 16.65 20.93
N LEU D 194 -7.57 17.35 20.42
CA LEU D 194 -6.72 16.90 19.34
C LEU D 194 -5.32 17.12 19.80
N ILE D 195 -4.48 16.09 19.69
CA ILE D 195 -3.09 16.23 20.09
C ILE D 195 -2.24 16.21 18.85
N HIS D 196 -1.50 17.30 18.61
CA HIS D 196 -0.57 17.30 17.50
C HIS D 196 0.65 16.44 17.88
N ILE D 197 1.02 15.47 17.03
CA ILE D 197 2.26 14.70 17.21
C ILE D 197 3.16 14.87 15.99
N GLY D 198 4.39 15.33 16.18
CA GLY D 198 5.31 15.50 15.06
C GLY D 198 6.35 14.42 14.92
N ARG D 199 6.76 13.86 16.05
CA ARG D 199 7.72 12.78 16.02
C ARG D 199 7.22 11.51 16.70
N THR D 200 7.27 10.40 15.97
CA THR D 200 7.05 9.07 16.51
C THR D 200 8.25 8.23 16.14
N LYS D 201 8.22 6.98 16.57
CA LYS D 201 9.23 6.01 16.21
C LYS D 201 9.49 5.94 14.70
N THR D 202 8.45 6.15 13.88
CA THR D 202 8.51 5.95 12.43
C THR D 202 8.23 7.22 11.61
N LEU D 203 7.95 8.33 12.27
CA LEU D 203 7.57 9.54 11.56
C LEU D 203 8.39 10.71 12.07
N VAL D 204 9.11 11.38 11.19
CA VAL D 204 9.74 12.63 11.52
C VAL D 204 9.23 13.71 10.56
N SER D 205 8.30 14.56 11.01
CA SER D 205 7.68 15.47 10.05
C SER D 205 7.14 16.73 10.66
N THR D 206 7.37 17.85 9.98
CA THR D 206 6.87 19.12 10.49
C THR D 206 5.35 19.22 10.23
N ALA D 207 4.82 18.32 9.41
CA ALA D 207 3.38 18.20 9.26
C ALA D 207 2.77 17.39 10.42
N GLY D 208 3.38 16.26 10.73
CA GLY D 208 2.95 15.43 11.88
C GLY D 208 1.57 14.80 11.72
N VAL D 209 0.96 14.41 12.84
CA VAL D 209 -0.42 13.86 12.83
C VAL D 209 -1.20 14.47 13.96
N GLU D 210 -2.52 14.44 13.88
CA GLU D 210 -3.37 14.81 15.00
C GLU D 210 -4.04 13.57 15.53
N LYS D 211 -4.09 13.45 16.84
CA LYS D 211 -4.75 12.30 17.44
C LYS D 211 -5.96 12.85 18.16
N ALA D 212 -7.12 12.33 17.80
CA ALA D 212 -8.38 12.83 18.37
C ALA D 212 -8.71 12.06 19.62
N LEU D 213 -9.17 12.77 20.66
CA LEU D 213 -9.69 12.12 21.87
C LEU D 213 -11.22 12.18 21.86
N SER D 214 -11.85 11.15 22.42
CA SER D 214 -13.31 11.12 22.55
C SER D 214 -13.76 12.19 23.55
N LEU D 215 -15.08 12.41 23.65
CA LEU D 215 -15.58 13.41 24.59
C LEU D 215 -15.24 13.04 26.03
N GLY D 216 -15.36 11.74 26.34
CA GLY D 216 -15.05 11.21 27.66
C GLY D 216 -13.59 11.36 28.01
N VAL D 217 -12.69 10.93 27.12
CA VAL D 217 -11.25 11.04 27.40
C VAL D 217 -10.79 12.51 27.43
N THR D 218 -11.35 13.33 26.54
CA THR D 218 -11.18 14.78 26.65
C THR D 218 -11.47 15.29 28.05
N LYS D 219 -12.56 14.83 28.65
CA LYS D 219 -12.92 15.28 30.01
C LYS D 219 -11.89 14.85 31.07
N LEU D 220 -11.40 13.61 30.97
CA LEU D 220 -10.33 13.13 31.87
C LEU D 220 -9.08 14.01 31.77
N VAL D 221 -8.70 14.38 30.55
CA VAL D 221 -7.52 15.20 30.33
C VAL D 221 -7.73 16.61 30.89
N GLU D 222 -8.90 17.20 30.66
CA GLU D 222 -9.22 18.54 31.20
C GLU D 222 -9.16 18.58 32.73
N ARG D 223 -9.65 17.52 33.37
CA ARG D 223 -9.54 17.37 34.81
C ARG D 223 -8.07 17.41 35.25
N TRP D 224 -7.20 16.68 34.52
CA TRP D 224 -5.77 16.68 34.81
C TRP D 224 -5.15 18.07 34.56
N ILE D 225 -5.50 18.69 33.43
CA ILE D 225 -5.01 20.04 33.14
C ILE D 225 -5.41 21.03 34.24
N SER D 226 -6.64 20.88 34.69
CA SER D 226 -7.21 21.73 35.71
C SER D 226 -6.60 21.61 37.12
N VAL D 227 -6.35 20.40 37.62
CA VAL D 227 -5.75 20.27 38.95
C VAL D 227 -4.23 20.39 38.96
N SER D 228 -3.58 20.22 37.81
CA SER D 228 -2.12 20.23 37.76
C SER D 228 -1.56 21.62 37.50
N GLY D 229 -2.38 22.44 36.87
CA GLY D 229 -1.93 23.75 36.43
C GLY D 229 -0.90 23.76 35.31
N VAL D 230 -0.78 22.67 34.52
CA VAL D 230 0.23 22.66 33.45
C VAL D 230 -0.06 23.67 32.34
N ALA D 231 -1.30 24.14 32.25
CA ALA D 231 -1.67 25.11 31.24
C ALA D 231 -1.10 26.54 31.50
N ASP D 232 -0.61 26.77 32.73
CA ASP D 232 0.05 28.05 33.10
C ASP D 232 1.16 28.47 32.13
N ASP D 233 1.68 27.52 31.36
CA ASP D 233 2.69 27.79 30.35
C ASP D 233 2.53 26.75 29.22
N PRO D 234 2.30 27.21 27.97
CA PRO D 234 1.96 26.24 26.94
C PRO D 234 3.14 25.38 26.48
N ASN D 235 4.33 25.67 26.99
CA ASN D 235 5.51 24.90 26.64
C ASN D 235 5.67 23.75 27.63
N ASN D 236 4.91 23.80 28.73
CA ASN D 236 4.89 22.69 29.67
C ASN D 236 4.49 21.41 29.00
N TYR D 237 5.17 20.34 29.37
CA TYR D 237 4.74 19.03 28.95
C TYR D 237 3.39 18.75 29.60
N LEU D 238 2.54 18.03 28.90
CA LEU D 238 1.22 17.73 29.42
C LEU D 238 1.31 16.97 30.73
N PHE D 239 2.15 15.94 30.74
CA PHE D 239 2.30 15.10 31.94
C PHE D 239 3.53 15.47 32.70
N CYS D 240 3.37 15.49 34.02
CA CYS D 240 4.46 15.82 34.94
C CYS D 240 4.35 14.98 36.21
N ARG D 241 5.38 15.04 37.04
CA ARG D 241 5.39 14.23 38.24
C ARG D 241 4.48 14.82 39.30
N VAL D 242 4.04 13.96 40.23
CA VAL D 242 3.20 14.39 41.31
C VAL D 242 3.83 13.91 42.60
N ARG D 243 4.28 14.84 43.42
CA ARG D 243 4.97 14.49 44.66
C ARG D 243 4.00 14.02 45.73
N LYS D 244 4.52 13.48 46.81
CA LYS D 244 3.70 12.85 47.84
C LYS D 244 2.69 13.78 48.55
N ASN D 245 2.83 15.08 48.39
CA ASN D 245 1.84 15.99 48.96
C ASN D 245 0.66 16.26 47.98
N GLY D 246 0.56 15.43 46.94
CA GLY D 246 -0.49 15.57 45.93
C GLY D 246 -0.30 16.79 45.07
N VAL D 247 0.90 17.36 45.08
CA VAL D 247 1.15 18.53 44.26
C VAL D 247 1.97 18.20 43.00
N ALA D 248 1.45 18.69 41.87
CA ALA D 248 2.03 18.45 40.57
C ALA D 248 3.15 19.44 40.34
N ALA D 249 4.16 19.04 39.57
CA ALA D 249 5.26 19.93 39.25
C ALA D 249 5.44 20.14 37.75
N PRO D 250 4.62 21.01 37.13
CA PRO D 250 4.72 21.23 35.69
C PRO D 250 6.12 21.65 35.32
N SER D 251 6.51 21.40 34.08
CA SER D 251 7.85 21.69 33.63
C SER D 251 7.86 21.71 32.10
N ALA D 252 8.65 22.62 31.55
CA ALA D 252 8.84 22.74 30.11
C ALA D 252 10.15 22.12 29.69
N THR D 253 10.93 21.66 30.65
CA THR D 253 12.26 21.10 30.30
C THR D 253 12.47 19.63 30.65
N SER D 254 11.78 19.15 31.68
CA SER D 254 11.83 17.72 31.95
C SER D 254 10.47 17.03 31.75
N GLN D 255 10.52 15.92 31.01
CA GLN D 255 9.41 15.06 30.77
C GLN D 255 9.26 14.14 31.95
N LEU D 256 8.03 13.72 32.23
CA LEU D 256 7.84 12.55 33.04
C LEU D 256 8.55 11.41 32.29
N SER D 257 9.37 10.63 33.00
CA SER D 257 10.13 9.56 32.32
C SER D 257 9.20 8.49 31.74
N THR D 258 9.63 7.83 30.68
CA THR D 258 8.87 6.69 30.15
C THR D 258 8.85 5.57 31.21
N ARG D 259 9.86 5.52 32.08
CA ARG D 259 9.90 4.57 33.21
C ARG D 259 8.69 4.74 34.14
N ALA D 260 8.41 5.99 34.51
CA ALA D 260 7.23 6.30 35.30
C ALA D 260 5.93 5.98 34.56
N LEU D 261 5.88 6.21 33.26
CA LEU D 261 4.68 5.85 32.48
C LEU D 261 4.43 4.34 32.51
N GLU D 262 5.51 3.57 32.38
CA GLU D 262 5.47 2.12 32.63
C GLU D 262 4.97 1.80 34.04
N GLY D 263 5.48 2.52 35.03
CA GLY D 263 5.07 2.35 36.42
C GLY D 263 3.58 2.57 36.64
N ILE D 264 3.00 3.56 35.94
CA ILE D 264 1.55 3.84 36.00
C ILE D 264 0.78 2.60 35.56
N PHE D 265 1.15 2.02 34.43
CA PHE D 265 0.55 0.77 34.01
C PHE D 265 0.74 -0.35 35.07
N GLU D 266 1.96 -0.51 35.59
CA GLU D 266 2.19 -1.57 36.56
C GLU D 266 1.37 -1.38 37.85
N ALA D 267 1.35 -0.16 38.40
CA ALA D 267 0.61 0.14 39.64
C ALA D 267 -0.90 -0.06 39.45
N THR D 268 -1.40 0.24 38.25
CA THR D 268 -2.83 0.08 37.96
C THR D 268 -3.21 -1.41 37.94
N HIS D 269 -2.38 -2.20 37.27
CA HIS D 269 -2.52 -3.65 37.30
C HIS D 269 -2.46 -4.17 38.74
N ARG D 270 -1.49 -3.71 39.51
CA ARG D 270 -1.34 -4.15 40.91
C ARG D 270 -2.60 -3.80 41.74
N LEU D 271 -3.15 -2.62 41.52
CA LEU D 271 -4.39 -2.21 42.18
C LEU D 271 -5.50 -3.26 42.06
N ILE D 272 -5.66 -3.80 40.86
CA ILE D 272 -6.74 -4.73 40.56
C ILE D 272 -6.39 -6.19 40.83
N TYR D 273 -5.17 -6.62 40.54
CA TYR D 273 -4.86 -8.04 40.57
C TYR D 273 -3.84 -8.46 41.60
N GLY D 274 -3.33 -7.51 42.36
CA GLY D 274 -2.30 -7.76 43.34
C GLY D 274 -0.91 -7.86 42.73
N ALA D 275 0.08 -8.02 43.59
CA ALA D 275 1.48 -8.14 43.21
C ALA D 275 1.74 -9.22 42.17
N LYS D 276 2.61 -8.91 41.21
CA LYS D 276 3.03 -9.91 40.23
C LYS D 276 3.89 -10.94 40.95
N ASP D 277 3.86 -12.19 40.47
CA ASP D 277 4.66 -13.23 41.13
C ASP D 277 6.17 -12.94 41.01
N ASP D 278 7.00 -13.94 41.33
CA ASP D 278 8.44 -13.72 41.41
C ASP D 278 9.23 -14.45 40.30
N SER D 279 8.52 -14.98 39.30
CA SER D 279 9.13 -15.78 38.23
C SER D 279 10.15 -15.05 37.35
N GLY D 280 10.15 -13.71 37.41
CA GLY D 280 11.08 -12.87 36.64
C GLY D 280 10.76 -12.76 35.14
N GLN D 281 9.70 -13.41 34.71
CA GLN D 281 9.26 -13.24 33.32
C GLN D 281 8.69 -11.82 33.04
N ARG D 282 8.78 -11.40 31.79
CA ARG D 282 8.29 -10.10 31.38
C ARG D 282 6.77 -10.14 31.15
N TYR D 283 6.14 -8.97 31.32
CA TYR D 283 4.74 -8.82 31.00
C TYR D 283 3.83 -9.60 31.96
N LEU D 284 4.18 -9.64 33.23
CA LEU D 284 3.28 -10.26 34.20
C LEU D 284 2.16 -9.27 34.54
N ALA D 285 2.44 -7.99 34.31
CA ALA D 285 1.51 -6.90 34.58
C ALA D 285 1.46 -5.99 33.35
N TRP D 286 0.51 -5.06 33.31
CA TRP D 286 0.46 -4.12 32.18
C TRP D 286 1.80 -3.37 32.10
N SER D 287 2.21 -3.03 30.89
CA SER D 287 3.41 -2.23 30.71
C SER D 287 3.10 -1.15 29.68
N GLY D 288 4.13 -0.41 29.25
CA GLY D 288 3.95 0.78 28.41
C GLY D 288 3.21 0.55 27.09
N HIS D 289 3.40 -0.62 26.50
CA HIS D 289 2.77 -0.94 25.22
C HIS D 289 1.37 -1.58 25.36
N SER D 290 0.88 -1.69 26.59
CA SER D 290 -0.33 -2.49 26.86
C SER D 290 -1.64 -1.91 26.24
N ALA D 291 -1.80 -0.59 26.26
CA ALA D 291 -3.01 0.00 25.67
C ALA D 291 -2.93 -0.02 24.14
N ARG D 292 -1.71 0.07 23.60
CA ARG D 292 -1.51 0.06 22.16
C ARG D 292 -1.90 -1.31 21.58
N VAL D 293 -1.45 -2.36 22.24
CA VAL D 293 -1.84 -3.72 21.90
C VAL D 293 -3.35 -3.89 22.14
N GLY D 294 -3.84 -3.50 23.31
CA GLY D 294 -5.27 -3.60 23.63
C GLY D 294 -6.22 -2.98 22.62
N ALA D 295 -5.96 -1.70 22.26
CA ALA D 295 -6.81 -0.99 21.30
C ALA D 295 -6.78 -1.64 19.93
N ALA D 296 -5.61 -2.12 19.52
CA ALA D 296 -5.51 -2.84 18.23
C ALA D 296 -6.42 -4.08 18.23
N ARG D 297 -6.39 -4.82 19.34
CA ARG D 297 -7.27 -6.00 19.47
C ARG D 297 -8.77 -5.65 19.44
N ASP D 298 -9.15 -4.59 20.17
CA ASP D 298 -10.55 -4.19 20.23
C ASP D 298 -11.06 -3.79 18.84
N MET D 299 -10.20 -3.11 18.09
CA MET D 299 -10.53 -2.67 16.74
C MET D 299 -10.74 -3.85 15.79
N ALA D 300 -9.82 -4.81 15.80
CA ALA D 300 -10.00 -6.06 15.07
C ALA D 300 -11.33 -6.75 15.40
N ARG D 301 -11.63 -6.91 16.70
CA ARG D 301 -12.86 -7.57 17.17
C ARG D 301 -14.14 -6.81 16.75
N ALA D 302 -14.04 -5.48 16.68
CA ALA D 302 -15.17 -4.65 16.36
C ALA D 302 -15.40 -4.59 14.86
N GLY D 303 -14.50 -5.17 14.08
CA GLY D 303 -14.63 -5.17 12.63
C GLY D 303 -14.14 -3.91 11.92
N VAL D 304 -13.33 -3.11 12.59
CA VAL D 304 -12.82 -1.87 12.00
C VAL D 304 -11.96 -2.25 10.81
N SER D 305 -12.03 -1.47 9.73
CA SER D 305 -11.34 -1.82 8.50
C SER D 305 -9.84 -1.65 8.69
N ILE D 306 -9.05 -2.54 8.09
CA ILE D 306 -7.58 -2.42 8.09
C ILE D 306 -7.08 -0.98 7.93
N PRO D 307 -7.54 -0.24 6.87
CA PRO D 307 -7.01 1.12 6.71
C PRO D 307 -7.26 2.01 7.92
N GLU D 308 -8.35 1.79 8.64
CA GLU D 308 -8.62 2.59 9.82
C GLU D 308 -7.81 2.12 11.02
N ILE D 309 -7.49 0.83 11.10
CA ILE D 309 -6.60 0.34 12.16
C ILE D 309 -5.21 0.95 11.95
N MET D 310 -4.81 0.96 10.68
CA MET D 310 -3.54 1.53 10.24
C MET D 310 -3.40 2.95 10.67
N GLN D 311 -4.40 3.77 10.33
CA GLN D 311 -4.45 5.16 10.75
C GLN D 311 -4.43 5.32 12.30
N ALA D 312 -5.15 4.46 13.02
CA ALA D 312 -5.21 4.55 14.49
C ALA D 312 -3.83 4.39 15.12
N GLY D 313 -3.05 3.44 14.61
CA GLY D 313 -1.74 3.12 15.17
C GLY D 313 -0.54 3.73 14.45
N GLY D 314 -0.79 4.44 13.34
CA GLY D 314 0.27 5.03 12.53
C GLY D 314 1.07 4.00 11.75
N TRP D 315 0.42 2.92 11.35
CA TRP D 315 1.02 1.79 10.63
C TRP D 315 0.84 1.91 9.14
N THR D 316 1.73 1.28 8.38
CA THR D 316 1.74 1.44 6.92
C THR D 316 1.44 0.16 6.12
N ASN D 317 1.34 -0.99 6.79
CA ASN D 317 1.14 -2.27 6.12
C ASN D 317 0.34 -3.15 7.04
N VAL D 318 -0.12 -4.29 6.53
CA VAL D 318 -0.97 -5.23 7.28
C VAL D 318 -0.17 -6.14 8.21
N ASN D 319 1.04 -6.49 7.82
CA ASN D 319 1.90 -7.37 8.64
C ASN D 319 2.13 -6.83 10.04
N ILE D 320 2.43 -5.55 10.13
CA ILE D 320 2.65 -4.95 11.43
C ILE D 320 1.37 -5.00 12.28
N VAL D 321 0.21 -4.78 11.65
CA VAL D 321 -1.07 -4.95 12.35
C VAL D 321 -1.24 -6.37 12.86
N MET D 322 -0.85 -7.35 12.07
CA MET D 322 -0.95 -8.75 12.52
C MET D 322 -0.07 -9.00 13.74
N ASN D 323 1.10 -8.38 13.74
CA ASN D 323 2.01 -8.47 14.88
C ASN D 323 1.26 -8.00 16.13
N TYR D 324 0.55 -6.88 16.04
CA TYR D 324 -0.20 -6.38 17.21
C TYR D 324 -1.41 -7.21 17.66
N ILE D 325 -2.13 -7.82 16.74
CA ILE D 325 -3.34 -8.55 17.14
C ILE D 325 -3.11 -10.07 17.29
N ARG D 326 -1.85 -10.49 17.16
CA ARG D 326 -1.52 -11.93 17.15
C ARG D 326 -2.02 -12.69 18.37
N ASN D 327 -2.11 -12.04 19.53
CA ASN D 327 -2.56 -12.79 20.70
C ASN D 327 -4.04 -12.56 21.04
N LEU D 328 -4.86 -12.28 20.02
CA LEU D 328 -6.31 -12.16 20.22
C LEU D 328 -6.83 -13.32 21.05
N ASP D 329 -7.50 -13.01 22.16
CA ASP D 329 -8.04 -14.06 23.02
C ASP D 329 -8.79 -15.14 22.21
N SER D 330 -8.39 -16.39 22.43
CA SER D 330 -8.91 -17.50 21.69
C SER D 330 -10.27 -17.96 22.23
N GLU D 331 -10.42 -17.97 23.54
CA GLU D 331 -11.62 -18.51 24.15
C GLU D 331 -12.90 -17.72 23.76
N THR D 332 -12.74 -16.41 23.56
CA THR D 332 -13.82 -15.55 23.09
C THR D 332 -13.66 -15.24 21.60
N GLY D 333 -12.80 -16.01 20.92
CA GLY D 333 -12.57 -15.85 19.49
C GLY D 333 -13.67 -16.34 18.57
N ALA D 334 -13.45 -16.17 17.28
CA ALA D 334 -14.48 -16.43 16.30
C ALA D 334 -14.89 -17.90 16.27
N MET D 335 -13.92 -18.80 16.41
CA MET D 335 -14.16 -20.20 16.21
C MET D 335 -14.92 -20.83 17.34
N VAL D 336 -14.61 -20.44 18.56
CA VAL D 336 -15.39 -20.88 19.70
C VAL D 336 -16.84 -20.35 19.62
N ARG D 337 -17.01 -19.08 19.26
CA ARG D 337 -18.37 -18.51 19.20
C ARG D 337 -19.18 -19.19 18.10
N LEU D 338 -18.54 -19.48 16.96
CA LEU D 338 -19.22 -20.15 15.86
C LEU D 338 -19.66 -21.54 16.21
N LEU D 339 -18.82 -22.29 16.92
CA LEU D 339 -19.14 -23.65 17.26
C LEU D 339 -20.22 -23.81 18.35
N GLU D 340 -20.31 -22.85 19.26
CA GLU D 340 -21.25 -22.92 20.37
C GLU D 340 -22.60 -22.24 20.05
N ASP D 341 -23.54 -22.31 20.99
CA ASP D 341 -24.82 -21.58 20.90
C ASP D 341 -25.71 -21.92 19.66
V VO4 M . -6.25 0.91 -16.82
O1 VO4 M . -7.02 0.08 -15.34
O2 VO4 M . -6.49 -0.15 -18.39
V VO4 N . 5.19 -0.91 17.13
O1 VO4 N . 3.63 -0.23 16.29
O2 VO4 N . 5.73 0.15 18.58
#